data_4G1A
# 
_entry.id   4G1A 
# 
_audit_conform.dict_name       mmcif_pdbx.dic 
_audit_conform.dict_version    5.387 
_audit_conform.dict_location   http://mmcif.pdb.org/dictionaries/ascii/mmcif_pdbx.dic 
# 
loop_
_database_2.database_id 
_database_2.database_code 
_database_2.pdbx_database_accession 
_database_2.pdbx_DOI 
PDB   4G1A         pdb_00004g1a 10.2210/pdb4g1a/pdb 
RCSB  RCSB073611   ?            ?                   
WWPDB D_1000073611 ?            ?                   
# 
loop_
_pdbx_audit_revision_history.ordinal 
_pdbx_audit_revision_history.data_content_type 
_pdbx_audit_revision_history.major_revision 
_pdbx_audit_revision_history.minor_revision 
_pdbx_audit_revision_history.revision_date 
1 'Structure model' 1 0 2012-12-05 
2 'Structure model' 1 1 2024-02-28 
# 
_pdbx_audit_revision_details.ordinal             1 
_pdbx_audit_revision_details.revision_ordinal    1 
_pdbx_audit_revision_details.data_content_type   'Structure model' 
_pdbx_audit_revision_details.provider            repository 
_pdbx_audit_revision_details.type                'Initial release' 
_pdbx_audit_revision_details.description         ? 
_pdbx_audit_revision_details.details             ? 
# 
loop_
_pdbx_audit_revision_group.ordinal 
_pdbx_audit_revision_group.revision_ordinal 
_pdbx_audit_revision_group.data_content_type 
_pdbx_audit_revision_group.group 
1 2 'Structure model' 'Data collection'      
2 2 'Structure model' 'Database references'  
3 2 'Structure model' 'Derived calculations' 
# 
loop_
_pdbx_audit_revision_category.ordinal 
_pdbx_audit_revision_category.revision_ordinal 
_pdbx_audit_revision_category.data_content_type 
_pdbx_audit_revision_category.category 
1 2 'Structure model' chem_comp_atom         
2 2 'Structure model' chem_comp_bond         
3 2 'Structure model' database_2             
4 2 'Structure model' pdbx_struct_conn_angle 
5 2 'Structure model' struct_conn            
6 2 'Structure model' struct_site            
# 
loop_
_pdbx_audit_revision_item.ordinal 
_pdbx_audit_revision_item.revision_ordinal 
_pdbx_audit_revision_item.data_content_type 
_pdbx_audit_revision_item.item 
1  2 'Structure model' '_database_2.pdbx_DOI'                        
2  2 'Structure model' '_database_2.pdbx_database_accession'         
3  2 'Structure model' '_pdbx_struct_conn_angle.ptnr1_auth_asym_id'  
4  2 'Structure model' '_pdbx_struct_conn_angle.ptnr1_auth_comp_id'  
5  2 'Structure model' '_pdbx_struct_conn_angle.ptnr1_auth_seq_id'   
6  2 'Structure model' '_pdbx_struct_conn_angle.ptnr1_label_asym_id' 
7  2 'Structure model' '_pdbx_struct_conn_angle.ptnr1_label_atom_id' 
8  2 'Structure model' '_pdbx_struct_conn_angle.ptnr1_label_comp_id' 
9  2 'Structure model' '_pdbx_struct_conn_angle.ptnr1_label_seq_id'  
10 2 'Structure model' '_pdbx_struct_conn_angle.ptnr2_auth_asym_id'  
11 2 'Structure model' '_pdbx_struct_conn_angle.ptnr2_auth_seq_id'   
12 2 'Structure model' '_pdbx_struct_conn_angle.ptnr2_label_asym_id' 
13 2 'Structure model' '_pdbx_struct_conn_angle.ptnr3_auth_asym_id'  
14 2 'Structure model' '_pdbx_struct_conn_angle.ptnr3_auth_comp_id'  
15 2 'Structure model' '_pdbx_struct_conn_angle.ptnr3_auth_seq_id'   
16 2 'Structure model' '_pdbx_struct_conn_angle.ptnr3_label_asym_id' 
17 2 'Structure model' '_pdbx_struct_conn_angle.ptnr3_label_atom_id' 
18 2 'Structure model' '_pdbx_struct_conn_angle.ptnr3_label_comp_id' 
19 2 'Structure model' '_pdbx_struct_conn_angle.ptnr3_label_seq_id'  
20 2 'Structure model' '_pdbx_struct_conn_angle.value'               
21 2 'Structure model' '_struct_conn.pdbx_dist_value'                
22 2 'Structure model' '_struct_conn.ptnr1_auth_asym_id'             
23 2 'Structure model' '_struct_conn.ptnr1_auth_comp_id'             
24 2 'Structure model' '_struct_conn.ptnr1_auth_seq_id'              
25 2 'Structure model' '_struct_conn.ptnr1_label_asym_id'            
26 2 'Structure model' '_struct_conn.ptnr1_label_atom_id'            
27 2 'Structure model' '_struct_conn.ptnr1_label_comp_id'            
28 2 'Structure model' '_struct_conn.ptnr1_label_seq_id'             
29 2 'Structure model' '_struct_conn.ptnr2_auth_asym_id'             
30 2 'Structure model' '_struct_conn.ptnr2_auth_comp_id'             
31 2 'Structure model' '_struct_conn.ptnr2_auth_seq_id'              
32 2 'Structure model' '_struct_conn.ptnr2_label_asym_id'            
33 2 'Structure model' '_struct_conn.ptnr2_label_atom_id'            
34 2 'Structure model' '_struct_conn.ptnr2_label_comp_id'            
35 2 'Structure model' '_struct_conn.ptnr2_label_seq_id'             
36 2 'Structure model' '_struct_site.pdbx_auth_asym_id'              
37 2 'Structure model' '_struct_site.pdbx_auth_comp_id'              
38 2 'Structure model' '_struct_site.pdbx_auth_seq_id'               
# 
_pdbx_database_status.status_code                     REL 
_pdbx_database_status.entry_id                        4G1A 
_pdbx_database_status.recvd_initial_deposition_date   2012-07-10 
_pdbx_database_status.deposit_site                    RCSB 
_pdbx_database_status.process_site                    RCSB 
_pdbx_database_status.status_code_sf                  REL 
_pdbx_database_status.status_code_mr                  ? 
_pdbx_database_status.SG_entry                        ? 
_pdbx_database_status.status_code_cs                  ? 
_pdbx_database_status.methods_development_category    ? 
_pdbx_database_status.pdb_format_compatible           Y 
_pdbx_database_status.status_code_nmr_data            ? 
# 
loop_
_audit_author.name 
_audit_author.pdbx_ordinal 
'Ni, S.'        1 
'Kennedy, M.A.' 2 
'Ogawa, M.Y.'   3 
# 
_citation.id                        primary 
_citation.title                     
;Metal-binding properties and structural characterization of a self-assembled coiled coil: Formation of a polynuclear Cd-thiolate cluster.
;
_citation.journal_abbrev            J.Inorg.Biochem. 
_citation.journal_volume            119C 
_citation.page_first                1 
_citation.page_last                 9 
_citation.year                      2012 
_citation.journal_id_ASTM           JIBIDJ 
_citation.country                   US 
_citation.journal_id_ISSN           0162-0134 
_citation.journal_id_CSD            0525 
_citation.book_publisher            ? 
_citation.pdbx_database_id_PubMed   23160144 
_citation.pdbx_database_id_DOI      10.1016/j.jinorgbio.2012.10.010 
# 
loop_
_citation_author.citation_id 
_citation_author.name 
_citation_author.ordinal 
_citation_author.identifier_ORCID 
primary 'Zaytsev, D.V.' 1 ? 
primary 'Morozov, V.A.' 2 ? 
primary 'Fan, J.'       3 ? 
primary 'Zhu, X.'       4 ? 
primary 'Mukherjee, M.' 5 ? 
primary 'Ni, S.'        6 ? 
primary 'Kennedy, M.A.' 7 ? 
primary 'Ogawa, M.Y.'   8 ? 
# 
loop_
_entity.id 
_entity.type 
_entity.src_method 
_entity.pdbx_description 
_entity.formula_weight 
_entity.pdbx_number_of_molecules 
_entity.pdbx_ec 
_entity.pdbx_mutation 
_entity.pdbx_fragment 
_entity.details 
1 polymer     syn 'AQ-C16C19 peptide' 3422.966 3  ? ? ? ? 
2 non-polymer syn 'CADMIUM ION'       112.411  4  ? ? ? ? 
3 water       nat water               18.015   10 ? ? ? ? 
# 
_entity_poly.entity_id                      1 
_entity_poly.type                           'polypeptide(L)' 
_entity_poly.nstd_linkage                   no 
_entity_poly.nstd_monomer                   no 
_entity_poly.pdbx_seq_one_letter_code       QIAALEQKIAALEQKCAACEQKIAALEQKGGY 
_entity_poly.pdbx_seq_one_letter_code_can   QIAALEQKIAALEQKCAACEQKIAALEQKGGY 
_entity_poly.pdbx_strand_id                 A,B,C 
_entity_poly.pdbx_target_identifier         ? 
# 
loop_
_pdbx_entity_nonpoly.entity_id 
_pdbx_entity_nonpoly.name 
_pdbx_entity_nonpoly.comp_id 
2 'CADMIUM ION' CD  
3 water         HOH 
# 
loop_
_entity_poly_seq.entity_id 
_entity_poly_seq.num 
_entity_poly_seq.mon_id 
_entity_poly_seq.hetero 
1 1  GLN n 
1 2  ILE n 
1 3  ALA n 
1 4  ALA n 
1 5  LEU n 
1 6  GLU n 
1 7  GLN n 
1 8  LYS n 
1 9  ILE n 
1 10 ALA n 
1 11 ALA n 
1 12 LEU n 
1 13 GLU n 
1 14 GLN n 
1 15 LYS n 
1 16 CYS n 
1 17 ALA n 
1 18 ALA n 
1 19 CYS n 
1 20 GLU n 
1 21 GLN n 
1 22 LYS n 
1 23 ILE n 
1 24 ALA n 
1 25 ALA n 
1 26 LEU n 
1 27 GLU n 
1 28 GLN n 
1 29 LYS n 
1 30 GLY n 
1 31 GLY n 
1 32 TYR n 
# 
_pdbx_entity_src_syn.entity_id              1 
_pdbx_entity_src_syn.pdbx_src_id            1 
_pdbx_entity_src_syn.pdbx_alt_source_flag   sample 
_pdbx_entity_src_syn.pdbx_beg_seq_num       ? 
_pdbx_entity_src_syn.pdbx_end_seq_num       ? 
_pdbx_entity_src_syn.organism_scientific    'synthetic construct' 
_pdbx_entity_src_syn.organism_common_name   ? 
_pdbx_entity_src_syn.ncbi_taxonomy_id       32630 
_pdbx_entity_src_syn.details                
'Peptide synthesis was done using an Applied Biosystems 433A and purified on a preparative C18 reverse phase HPLC.' 
# 
loop_
_chem_comp.id 
_chem_comp.type 
_chem_comp.mon_nstd_flag 
_chem_comp.name 
_chem_comp.pdbx_synonyms 
_chem_comp.formula 
_chem_comp.formula_weight 
ALA 'L-peptide linking' y ALANINE         ? 'C3 H7 N O2'     89.093  
CD  non-polymer         . 'CADMIUM ION'   ? 'Cd 2'           112.411 
CYS 'L-peptide linking' y CYSTEINE        ? 'C3 H7 N O2 S'   121.158 
GLN 'L-peptide linking' y GLUTAMINE       ? 'C5 H10 N2 O3'   146.144 
GLU 'L-peptide linking' y 'GLUTAMIC ACID' ? 'C5 H9 N O4'     147.129 
GLY 'peptide linking'   y GLYCINE         ? 'C2 H5 N O2'     75.067  
HOH non-polymer         . WATER           ? 'H2 O'           18.015  
ILE 'L-peptide linking' y ISOLEUCINE      ? 'C6 H13 N O2'    131.173 
LEU 'L-peptide linking' y LEUCINE         ? 'C6 H13 N O2'    131.173 
LYS 'L-peptide linking' y LYSINE          ? 'C6 H15 N2 O2 1' 147.195 
TYR 'L-peptide linking' y TYROSINE        ? 'C9 H11 N O3'    181.189 
# 
loop_
_pdbx_poly_seq_scheme.asym_id 
_pdbx_poly_seq_scheme.entity_id 
_pdbx_poly_seq_scheme.seq_id 
_pdbx_poly_seq_scheme.mon_id 
_pdbx_poly_seq_scheme.ndb_seq_num 
_pdbx_poly_seq_scheme.pdb_seq_num 
_pdbx_poly_seq_scheme.auth_seq_num 
_pdbx_poly_seq_scheme.pdb_mon_id 
_pdbx_poly_seq_scheme.auth_mon_id 
_pdbx_poly_seq_scheme.pdb_strand_id 
_pdbx_poly_seq_scheme.pdb_ins_code 
_pdbx_poly_seq_scheme.hetero 
A 1 1  GLN 1  1  ?  ?   ?   A . n 
A 1 2  ILE 2  2  2  ILE ILE A . n 
A 1 3  ALA 3  3  3  ALA ALA A . n 
A 1 4  ALA 4  4  4  ALA ALA A . n 
A 1 5  LEU 5  5  5  LEU LEU A . n 
A 1 6  GLU 6  6  6  GLU GLU A . n 
A 1 7  GLN 7  7  7  GLN GLN A . n 
A 1 8  LYS 8  8  8  LYS LYS A . n 
A 1 9  ILE 9  9  9  ILE ILE A . n 
A 1 10 ALA 10 10 10 ALA ALA A . n 
A 1 11 ALA 11 11 11 ALA ALA A . n 
A 1 12 LEU 12 12 12 LEU LEU A . n 
A 1 13 GLU 13 13 13 GLU GLU A . n 
A 1 14 GLN 14 14 14 GLN GLN A . n 
A 1 15 LYS 15 15 15 LYS LYS A . n 
A 1 16 CYS 16 16 16 CYS CYS A . n 
A 1 17 ALA 17 17 17 ALA ALA A . n 
A 1 18 ALA 18 18 18 ALA ALA A . n 
A 1 19 CYS 19 19 19 CYS CYS A . n 
A 1 20 GLU 20 20 20 GLU GLU A . n 
A 1 21 GLN 21 21 21 GLN GLN A . n 
A 1 22 LYS 22 22 22 LYS LYS A . n 
A 1 23 ILE 23 23 23 ILE ILE A . n 
A 1 24 ALA 24 24 24 ALA ALA A . n 
A 1 25 ALA 25 25 25 ALA ALA A . n 
A 1 26 LEU 26 26 26 LEU LEU A . n 
A 1 27 GLU 27 27 27 GLU GLU A . n 
A 1 28 GLN 28 28 ?  ?   ?   A . n 
A 1 29 LYS 29 29 ?  ?   ?   A . n 
A 1 30 GLY 30 30 ?  ?   ?   A . n 
A 1 31 GLY 31 31 ?  ?   ?   A . n 
A 1 32 TYR 32 32 ?  ?   ?   A . n 
B 1 1  GLN 1  1  ?  ?   ?   B . n 
B 1 2  ILE 2  2  ?  ?   ?   B . n 
B 1 3  ALA 3  3  ?  ?   ?   B . n 
B 1 4  ALA 4  4  4  ALA ALA B . n 
B 1 5  LEU 5  5  5  LEU LEU B . n 
B 1 6  GLU 6  6  6  GLU GLU B . n 
B 1 7  GLN 7  7  7  GLN GLN B . n 
B 1 8  LYS 8  8  8  LYS LYS B . n 
B 1 9  ILE 9  9  9  ILE ILE B . n 
B 1 10 ALA 10 10 10 ALA ALA B . n 
B 1 11 ALA 11 11 11 ALA ALA B . n 
B 1 12 LEU 12 12 12 LEU LEU B . n 
B 1 13 GLU 13 13 13 GLU GLU B . n 
B 1 14 GLN 14 14 14 GLN GLN B . n 
B 1 15 LYS 15 15 15 LYS LYS B . n 
B 1 16 CYS 16 16 16 CYS CYS B . n 
B 1 17 ALA 17 17 17 ALA ALA B . n 
B 1 18 ALA 18 18 18 ALA ALA B . n 
B 1 19 CYS 19 19 19 CYS CYS B . n 
B 1 20 GLU 20 20 20 GLU GLU B . n 
B 1 21 GLN 21 21 21 GLN GLN B . n 
B 1 22 LYS 22 22 22 LYS LYS B . n 
B 1 23 ILE 23 23 23 ILE ILE B . n 
B 1 24 ALA 24 24 24 ALA ALA B . n 
B 1 25 ALA 25 25 25 ALA ALA B . n 
B 1 26 LEU 26 26 26 LEU LEU B . n 
B 1 27 GLU 27 27 27 GLU GLU B . n 
B 1 28 GLN 28 28 ?  ?   ?   B . n 
B 1 29 LYS 29 29 ?  ?   ?   B . n 
B 1 30 GLY 30 30 ?  ?   ?   B . n 
B 1 31 GLY 31 31 ?  ?   ?   B . n 
B 1 32 TYR 32 32 ?  ?   ?   B . n 
C 1 1  GLN 1  1  ?  ?   ?   C . n 
C 1 2  ILE 2  2  ?  ?   ?   C . n 
C 1 3  ALA 3  3  3  ALA ALA C . n 
C 1 4  ALA 4  4  4  ALA ALA C . n 
C 1 5  LEU 5  5  5  LEU LEU C . n 
C 1 6  GLU 6  6  6  GLU GLU C . n 
C 1 7  GLN 7  7  7  GLN GLN C . n 
C 1 8  LYS 8  8  8  LYS LYS C . n 
C 1 9  ILE 9  9  9  ILE ILE C . n 
C 1 10 ALA 10 10 10 ALA ALA C . n 
C 1 11 ALA 11 11 11 ALA ALA C . n 
C 1 12 LEU 12 12 12 LEU LEU C . n 
C 1 13 GLU 13 13 13 GLU GLU C . n 
C 1 14 GLN 14 14 14 GLN GLN C . n 
C 1 15 LYS 15 15 15 LYS LYS C . n 
C 1 16 CYS 16 16 16 CYS CYS C . n 
C 1 17 ALA 17 17 17 ALA ALA C . n 
C 1 18 ALA 18 18 18 ALA ALA C . n 
C 1 19 CYS 19 19 19 CYS CYS C . n 
C 1 20 GLU 20 20 20 GLU GLU C . n 
C 1 21 GLN 21 21 21 GLN GLN C . n 
C 1 22 LYS 22 22 22 LYS LYS C . n 
C 1 23 ILE 23 23 23 ILE ILE C . n 
C 1 24 ALA 24 24 24 ALA ALA C . n 
C 1 25 ALA 25 25 25 ALA ALA C . n 
C 1 26 LEU 26 26 26 LEU LEU C . n 
C 1 27 GLU 27 27 27 GLU GLU C . n 
C 1 28 GLN 28 28 28 GLN GLN C . n 
C 1 29 LYS 29 29 29 LYS LYS C . n 
C 1 30 GLY 30 30 ?  ?   ?   C . n 
C 1 31 GLY 31 31 ?  ?   ?   C . n 
C 1 32 TYR 32 32 ?  ?   ?   C . n 
# 
loop_
_pdbx_nonpoly_scheme.asym_id 
_pdbx_nonpoly_scheme.entity_id 
_pdbx_nonpoly_scheme.mon_id 
_pdbx_nonpoly_scheme.ndb_seq_num 
_pdbx_nonpoly_scheme.pdb_seq_num 
_pdbx_nonpoly_scheme.auth_seq_num 
_pdbx_nonpoly_scheme.pdb_mon_id 
_pdbx_nonpoly_scheme.auth_mon_id 
_pdbx_nonpoly_scheme.pdb_strand_id 
_pdbx_nonpoly_scheme.pdb_ins_code 
D 2 CD  1 101 1  CD  CD  A . 
E 2 CD  1 102 2  CD  CD  A . 
F 2 CD  1 101 4  CD  CD  B . 
G 2 CD  1 101 3  CD  CD  C . 
H 3 HOH 1 201 2  HOH HOH A . 
H 3 HOH 2 202 16 HOH HOH A . 
I 3 HOH 1 201 3  HOH HOH B . 
I 3 HOH 2 202 9  HOH HOH B . 
I 3 HOH 3 203 15 HOH HOH B . 
J 3 HOH 1 201 4  HOH HOH C . 
J 3 HOH 2 202 5  HOH HOH C . 
J 3 HOH 3 203 8  HOH HOH C . 
J 3 HOH 4 204 13 HOH HOH C . 
J 3 HOH 5 205 14 HOH HOH C . 
# 
loop_
_software.name 
_software.classification 
_software.version 
_software.citation_id 
_software.pdbx_ordinal 
'PROTEUM PLUS' 'data collection' PLUS     ? 1 
SHELXS         phasing           .        ? 2 
REFMAC         refinement        5.5.0109 ? 3 
SAINT          'data reduction'  .        ? 4 
SCALEPACK      'data scaling'    .        ? 5 
# 
_cell.entry_id           4G1A 
_cell.length_a           30.762 
_cell.length_b           35.204 
_cell.length_c           64.123 
_cell.angle_alpha        90.00 
_cell.angle_beta         97.49 
_cell.angle_gamma        90.00 
_cell.Z_PDB              12 
_cell.pdbx_unique_axis   ? 
_cell.length_a_esd       ? 
_cell.length_b_esd       ? 
_cell.length_c_esd       ? 
_cell.angle_alpha_esd    ? 
_cell.angle_beta_esd     ? 
_cell.angle_gamma_esd    ? 
# 
_symmetry.entry_id                         4G1A 
_symmetry.space_group_name_H-M             'C 1 2 1' 
_symmetry.pdbx_full_space_group_name_H-M   ? 
_symmetry.cell_setting                     ? 
_symmetry.Int_Tables_number                5 
_symmetry.space_group_name_Hall            ? 
# 
_exptl.entry_id          4G1A 
_exptl.method            'X-RAY DIFFRACTION' 
_exptl.crystals_number   1 
# 
_exptl_crystal.id                    1 
_exptl_crystal.density_meas          ? 
_exptl_crystal.density_Matthews      1.68 
_exptl_crystal.density_percent_sol   26.62 
_exptl_crystal.description           ? 
_exptl_crystal.F_000                 ? 
_exptl_crystal.preparation           ? 
# 
_exptl_crystal_grow.crystal_id      1 
_exptl_crystal_grow.method          'VAPOR DIFFUSION, HANGING DROP' 
_exptl_crystal_grow.temp            293 
_exptl_crystal_grow.temp_details    ? 
_exptl_crystal_grow.pH              7.5 
_exptl_crystal_grow.pdbx_details    
'100mM HEPES pH 7.5 and 1.5-2.0M ammonium sulfate, VAPOR DIFFUSION, HANGING DROP, temperature 293K' 
_exptl_crystal_grow.pdbx_pH_range   ? 
# 
_diffrn.id                     1 
_diffrn.ambient_temp           100 
_diffrn.ambient_temp_details   ? 
_diffrn.crystal_id             1 
# 
_diffrn_detector.diffrn_id              1 
_diffrn_detector.detector               CCD 
_diffrn_detector.type                   'BRUKER SMART 6000' 
_diffrn_detector.pdbx_collection_date   ? 
_diffrn_detector.details                'Montel200 mirrors' 
# 
_diffrn_radiation.diffrn_id                        1 
_diffrn_radiation.wavelength_id                    1 
_diffrn_radiation.pdbx_monochromatic_or_laue_m_l   M 
_diffrn_radiation.monochromator                    ? 
_diffrn_radiation.pdbx_diffrn_protocol             'SINGLE WAVELENGTH' 
_diffrn_radiation.pdbx_scattering_type             x-ray 
# 
_diffrn_radiation_wavelength.id           1 
_diffrn_radiation_wavelength.wavelength   1.54 
_diffrn_radiation_wavelength.wt           1.0 
# 
_diffrn_source.diffrn_id                   1 
_diffrn_source.source                      'ROTATING ANODE' 
_diffrn_source.type                        'BRUKER AXS MICROSTAR' 
_diffrn_source.pdbx_synchrotron_site       ? 
_diffrn_source.pdbx_synchrotron_beamline   ? 
_diffrn_source.pdbx_wavelength             ? 
_diffrn_source.pdbx_wavelength_list        1.54 
# 
_reflns.entry_id                     4G1A 
_reflns.observed_criterion_sigma_I   2.0 
_reflns.observed_criterion_sigma_F   2.0 
_reflns.d_resolution_low             23.05 
_reflns.d_resolution_high            1.85 
_reflns.number_obs                   5702 
_reflns.number_all                   5926 
_reflns.percent_possible_obs         96.2 
_reflns.pdbx_Rmerge_I_obs            0.025 
_reflns.pdbx_Rsym_value              0.087 
_reflns.pdbx_netI_over_sigmaI        42.9 
_reflns.B_iso_Wilson_estimate        18.85 
_reflns.pdbx_redundancy              55.8 
_reflns.R_free_details               ? 
_reflns.limit_h_max                  ? 
_reflns.limit_h_min                  ? 
_reflns.limit_k_max                  ? 
_reflns.limit_k_min                  ? 
_reflns.limit_l_max                  ? 
_reflns.limit_l_min                  ? 
_reflns.observed_criterion_F_max     ? 
_reflns.observed_criterion_F_min     ? 
_reflns.pdbx_chi_squared             ? 
_reflns.pdbx_scaling_rejects         ? 
_reflns.pdbx_ordinal                 1 
_reflns.pdbx_diffrn_id               1 
# 
_reflns_shell.d_res_high             1.85 
_reflns_shell.d_res_low              1.91 
_reflns_shell.percent_possible_all   71 
_reflns_shell.Rmerge_I_obs           0.25 
_reflns_shell.pdbx_Rsym_value        0.25 
_reflns_shell.meanI_over_sigI_obs    4.21 
_reflns_shell.pdbx_redundancy        3.6 
_reflns_shell.percent_possible_obs   ? 
_reflns_shell.number_unique_all      449 
_reflns_shell.number_measured_all    ? 
_reflns_shell.number_measured_obs    ? 
_reflns_shell.number_unique_obs      ? 
_reflns_shell.pdbx_chi_squared       ? 
_reflns_shell.pdbx_ordinal           1 
_reflns_shell.pdbx_diffrn_id         1 
# 
_refine.entry_id                                 4G1A 
_refine.ls_number_reflns_obs                     4707 
_refine.ls_number_reflns_all                     4707 
_refine.pdbx_ls_sigma_I                          3 
_refine.pdbx_ls_sigma_F                          . 
_refine.pdbx_data_cutoff_high_absF               ? 
_refine.pdbx_data_cutoff_low_absF                ? 
_refine.pdbx_data_cutoff_high_rms_absF           ? 
_refine.ls_d_res_low                             23.05 
_refine.ls_d_res_high                            1.85 
_refine.ls_percent_reflns_obs                    83.23 
_refine.ls_R_factor_obs                          0.19437 
_refine.ls_R_factor_all                          ? 
_refine.ls_R_factor_R_work                       0.19133 
_refine.ls_R_factor_R_free                       0.25244 
_refine.ls_R_factor_R_free_error                 ? 
_refine.ls_R_factor_R_free_error_details         ? 
_refine.ls_percent_reflns_R_free                 4.5 
_refine.ls_number_reflns_R_free                  223 
_refine.ls_number_parameters                     ? 
_refine.ls_number_restraints                     ? 
_refine.occupancy_min                            ? 
_refine.occupancy_max                            ? 
_refine.correlation_coeff_Fo_to_Fc               0.933 
_refine.correlation_coeff_Fo_to_Fc_free          0.870 
_refine.B_iso_mean                               18.851 
_refine.aniso_B[1][1]                            1.45 
_refine.aniso_B[2][2]                            -2.12 
_refine.aniso_B[3][3]                            0.72 
_refine.aniso_B[1][2]                            0.00 
_refine.aniso_B[1][3]                            0.20 
_refine.aniso_B[2][3]                            0.00 
_refine.solvent_model_details                    MASK 
_refine.solvent_model_param_ksol                 ? 
_refine.solvent_model_param_bsol                 ? 
_refine.pdbx_solvent_vdw_probe_radii             1.40 
_refine.pdbx_solvent_ion_probe_radii             0.80 
_refine.pdbx_solvent_shrinkage_radii             0.80 
_refine.pdbx_ls_cross_valid_method               THROUGHOUT 
_refine.details                                  ? 
_refine.pdbx_starting_model                      ? 
_refine.pdbx_method_to_determine_struct          SAD 
_refine.pdbx_isotropic_thermal_model             ? 
_refine.pdbx_stereochemistry_target_values       'MAXIMUM LIKELIHOOD' 
_refine.pdbx_stereochem_target_val_spec_case     ? 
_refine.pdbx_R_Free_selection_details            RANDOM 
_refine.pdbx_overall_ESU_R_Free                  0.177 
_refine.overall_SU_ML                            0.119 
_refine.pdbx_overall_phase_error                 ? 
_refine.overall_SU_B                             8.760 
_refine.overall_SU_R_Cruickshank_DPI             ? 
_refine.ls_redundancy_reflns_obs                 ? 
_refine.B_iso_min                                ? 
_refine.B_iso_max                                ? 
_refine.overall_SU_R_free                        ? 
_refine.ls_wR_factor_R_free                      ? 
_refine.ls_wR_factor_R_work                      ? 
_refine.overall_FOM_free_R_set                   ? 
_refine.overall_FOM_work_R_set                   ? 
_refine.pdbx_overall_ESU_R                       ? 
_refine.pdbx_diffrn_id                           1 
_refine.pdbx_refine_id                           'X-RAY DIFFRACTION' 
_refine.pdbx_TLS_residual_ADP_flag               ? 
_refine.pdbx_overall_SU_R_free_Cruickshank_DPI   ? 
_refine.pdbx_overall_SU_R_Blow_DPI               ? 
_refine.pdbx_overall_SU_R_free_Blow_DPI          ? 
# 
_refine_hist.pdbx_refine_id                   'X-RAY DIFFRACTION' 
_refine_hist.cycle_id                         LAST 
_refine_hist.pdbx_number_atoms_protein        567 
_refine_hist.pdbx_number_atoms_nucleic_acid   0 
_refine_hist.pdbx_number_atoms_ligand         4 
_refine_hist.number_atoms_solvent             10 
_refine_hist.number_atoms_total               581 
_refine_hist.d_res_high                       1.85 
_refine_hist.d_res_low                        23.05 
# 
loop_
_refine_ls_restr.type 
_refine_ls_restr.dev_ideal 
_refine_ls_restr.dev_ideal_target 
_refine_ls_restr.weight 
_refine_ls_restr.number 
_refine_ls_restr.pdbx_restraint_function 
_refine_ls_restr.pdbx_refine_id 
r_bond_refined_d             0.021  0.022  ? 564 ? 'X-RAY DIFFRACTION' 
r_bond_other_d               ?      ?      ? ?   ? 'X-RAY DIFFRACTION' 
r_angle_refined_deg          1.786  1.998  ? 750 ? 'X-RAY DIFFRACTION' 
r_angle_other_deg            ?      ?      ? ?   ? 'X-RAY DIFFRACTION' 
r_dihedral_angle_1_deg       5.236  5.000  ? 74  ? 'X-RAY DIFFRACTION' 
r_dihedral_angle_2_deg       48.388 30.000 ? 22  ? 'X-RAY DIFFRACTION' 
r_dihedral_angle_3_deg       21.312 15.000 ? 122 ? 'X-RAY DIFFRACTION' 
r_dihedral_angle_4_deg       ?      ?      ? ?   ? 'X-RAY DIFFRACTION' 
r_chiral_restr               0.114  0.200  ? 93  ? 'X-RAY DIFFRACTION' 
r_gen_planes_refined         0.005  0.020  ? 384 ? 'X-RAY DIFFRACTION' 
r_gen_planes_other           ?      ?      ? ?   ? 'X-RAY DIFFRACTION' 
r_nbd_refined                ?      ?      ? ?   ? 'X-RAY DIFFRACTION' 
r_nbd_other                  ?      ?      ? ?   ? 'X-RAY DIFFRACTION' 
r_nbtor_refined              ?      ?      ? ?   ? 'X-RAY DIFFRACTION' 
r_nbtor_other                ?      ?      ? ?   ? 'X-RAY DIFFRACTION' 
r_xyhbond_nbd_refined        ?      ?      ? ?   ? 'X-RAY DIFFRACTION' 
r_xyhbond_nbd_other          ?      ?      ? ?   ? 'X-RAY DIFFRACTION' 
r_metal_ion_refined          ?      ?      ? ?   ? 'X-RAY DIFFRACTION' 
r_metal_ion_other            ?      ?      ? ?   ? 'X-RAY DIFFRACTION' 
r_symmetry_vdw_refined       ?      ?      ? ?   ? 'X-RAY DIFFRACTION' 
r_symmetry_vdw_other         ?      ?      ? ?   ? 'X-RAY DIFFRACTION' 
r_symmetry_hbond_refined     ?      ?      ? ?   ? 'X-RAY DIFFRACTION' 
r_symmetry_hbond_other       ?      ?      ? ?   ? 'X-RAY DIFFRACTION' 
r_symmetry_metal_ion_refined ?      ?      ? ?   ? 'X-RAY DIFFRACTION' 
r_symmetry_metal_ion_other   ?      ?      ? ?   ? 'X-RAY DIFFRACTION' 
r_mcbond_it                  1.349  1.500  ? 382 ? 'X-RAY DIFFRACTION' 
r_mcbond_other               ?      ?      ? ?   ? 'X-RAY DIFFRACTION' 
r_mcangle_it                 2.381  2.000  ? 591 ? 'X-RAY DIFFRACTION' 
r_scbond_it                  4.623  3.000  ? 182 ? 'X-RAY DIFFRACTION' 
r_scangle_it                 7.848  4.500  ? 159 ? 'X-RAY DIFFRACTION' 
r_rigid_bond_restr           2.203  3.000  ? 564 ? 'X-RAY DIFFRACTION' 
r_sphericity_free            ?      ?      ? ?   ? 'X-RAY DIFFRACTION' 
r_sphericity_bonded          ?      ?      ? ?   ? 'X-RAY DIFFRACTION' 
# 
_refine_ls_shell.pdbx_total_number_of_bins_used   20 
_refine_ls_shell.d_res_high                       1.850 
_refine_ls_shell.d_res_low                        1.91 
_refine_ls_shell.number_reflns_R_work             154 
_refine_ls_shell.R_factor_R_work                  0.159 
_refine_ls_shell.percent_reflns_obs               71 
_refine_ls_shell.R_factor_R_free                  0.180 
_refine_ls_shell.R_factor_R_free_error            ? 
_refine_ls_shell.percent_reflns_R_free            ? 
_refine_ls_shell.number_reflns_R_free             3 
_refine_ls_shell.number_reflns_all                ? 
_refine_ls_shell.R_factor_all                     ? 
_refine_ls_shell.number_reflns_obs                319 
_refine_ls_shell.redundancy_reflns_obs            ? 
_refine_ls_shell.pdbx_refine_id                   'X-RAY DIFFRACTION' 
# 
_struct.entry_id                  4G1A 
_struct.title                     
'Metal-binding properties of a self-assembled coiled coil: formation of a polynuclear Cd-thiolated cluster' 
_struct.pdbx_model_details        ? 
_struct.pdbx_CASP_flag            N 
_struct.pdbx_model_type_details   ? 
# 
_struct_keywords.entry_id        4G1A 
_struct_keywords.pdbx_keywords   'METAL BINDING PROTEIN' 
_struct_keywords.text            
'helical bundles, metallopeptide complexes, polynuclear metal-binding, Cd(II), self-assembly, METAL BINDING PROTEIN' 
# 
loop_
_struct_asym.id 
_struct_asym.pdbx_blank_PDB_chainid_flag 
_struct_asym.pdbx_modified 
_struct_asym.entity_id 
_struct_asym.details 
A N N 1 ? 
B N N 1 ? 
C N N 1 ? 
D N N 2 ? 
E N N 2 ? 
F N N 2 ? 
G N N 2 ? 
H N N 3 ? 
I N N 3 ? 
J N N 3 ? 
# 
_struct_ref.id                         1 
_struct_ref.db_name                    PDB 
_struct_ref.db_code                    4G1A 
_struct_ref.pdbx_db_accession          4G1A 
_struct_ref.entity_id                  1 
_struct_ref.pdbx_align_begin           ? 
_struct_ref.pdbx_seq_one_letter_code   QIAALEQKIAALEQKCAACEQKIAALEQKGGY 
_struct_ref.pdbx_db_isoform            ? 
# 
loop_
_struct_ref_seq.align_id 
_struct_ref_seq.ref_id 
_struct_ref_seq.pdbx_PDB_id_code 
_struct_ref_seq.pdbx_strand_id 
_struct_ref_seq.seq_align_beg 
_struct_ref_seq.pdbx_seq_align_beg_ins_code 
_struct_ref_seq.seq_align_end 
_struct_ref_seq.pdbx_seq_align_end_ins_code 
_struct_ref_seq.pdbx_db_accession 
_struct_ref_seq.db_align_beg 
_struct_ref_seq.pdbx_db_align_beg_ins_code 
_struct_ref_seq.db_align_end 
_struct_ref_seq.pdbx_db_align_end_ins_code 
_struct_ref_seq.pdbx_auth_seq_align_beg 
_struct_ref_seq.pdbx_auth_seq_align_end 
1 1 4G1A A 1 ? 32 ? 4G1A 1 ? 32 ? 1 32 
2 1 4G1A B 1 ? 32 ? 4G1A 1 ? 32 ? 1 32 
3 1 4G1A C 1 ? 32 ? 4G1A 1 ? 32 ? 1 32 
# 
_pdbx_struct_assembly.id                   1 
_pdbx_struct_assembly.details              author_and_software_defined_assembly 
_pdbx_struct_assembly.method_details       PISA 
_pdbx_struct_assembly.oligomeric_details   trimeric 
_pdbx_struct_assembly.oligomeric_count     3 
# 
loop_
_pdbx_struct_assembly_prop.biol_id 
_pdbx_struct_assembly_prop.type 
_pdbx_struct_assembly_prop.value 
_pdbx_struct_assembly_prop.details 
1 'ABSA (A^2)' 2960 ? 
1 MORE         -32  ? 
1 'SSA (A^2)'  4990 ? 
# 
_pdbx_struct_assembly_gen.assembly_id       1 
_pdbx_struct_assembly_gen.oper_expression   1 
_pdbx_struct_assembly_gen.asym_id_list      A,B,C,D,E,F,G,H,I,J 
# 
_pdbx_struct_oper_list.id                   1 
_pdbx_struct_oper_list.type                 'identity operation' 
_pdbx_struct_oper_list.name                 1_555 
_pdbx_struct_oper_list.symmetry_operation   x,y,z 
_pdbx_struct_oper_list.matrix[1][1]         1.0000000000 
_pdbx_struct_oper_list.matrix[1][2]         0.0000000000 
_pdbx_struct_oper_list.matrix[1][3]         0.0000000000 
_pdbx_struct_oper_list.vector[1]            0.0000000000 
_pdbx_struct_oper_list.matrix[2][1]         0.0000000000 
_pdbx_struct_oper_list.matrix[2][2]         1.0000000000 
_pdbx_struct_oper_list.matrix[2][3]         0.0000000000 
_pdbx_struct_oper_list.vector[2]            0.0000000000 
_pdbx_struct_oper_list.matrix[3][1]         0.0000000000 
_pdbx_struct_oper_list.matrix[3][2]         0.0000000000 
_pdbx_struct_oper_list.matrix[3][3]         1.0000000000 
_pdbx_struct_oper_list.vector[3]            0.0000000000 
# 
_struct_biol.id        1 
_struct_biol.details   ? 
# 
loop_
_struct_conf.conf_type_id 
_struct_conf.id 
_struct_conf.pdbx_PDB_helix_id 
_struct_conf.beg_label_comp_id 
_struct_conf.beg_label_asym_id 
_struct_conf.beg_label_seq_id 
_struct_conf.pdbx_beg_PDB_ins_code 
_struct_conf.end_label_comp_id 
_struct_conf.end_label_asym_id 
_struct_conf.end_label_seq_id 
_struct_conf.pdbx_end_PDB_ins_code 
_struct_conf.beg_auth_comp_id 
_struct_conf.beg_auth_asym_id 
_struct_conf.beg_auth_seq_id 
_struct_conf.end_auth_comp_id 
_struct_conf.end_auth_asym_id 
_struct_conf.end_auth_seq_id 
_struct_conf.pdbx_PDB_helix_class 
_struct_conf.details 
_struct_conf.pdbx_PDB_helix_length 
HELX_P HELX_P1 1 ILE A 2  ? CYS A 16 ? ILE A 2  CYS A 16 1 ? 15 
HELX_P HELX_P2 2 ALA A 18 ? GLU A 27 ? ALA A 18 GLU A 27 1 ? 10 
HELX_P HELX_P3 3 LEU B 5  ? CYS B 16 ? LEU B 5  CYS B 16 1 ? 12 
HELX_P HELX_P4 4 ALA B 18 ? GLU B 27 ? ALA B 18 GLU B 27 1 ? 10 
HELX_P HELX_P5 5 ALA C 4  ? CYS C 16 ? ALA C 4  CYS C 16 1 ? 13 
HELX_P HELX_P6 6 ALA C 18 ? LYS C 29 ? ALA C 18 LYS C 29 1 ? 12 
# 
_struct_conf_type.id          HELX_P 
_struct_conf_type.criteria    ? 
_struct_conf_type.reference   ? 
# 
loop_
_struct_conn.id 
_struct_conn.conn_type_id 
_struct_conn.pdbx_leaving_atom_flag 
_struct_conn.pdbx_PDB_id 
_struct_conn.ptnr1_label_asym_id 
_struct_conn.ptnr1_label_comp_id 
_struct_conn.ptnr1_label_seq_id 
_struct_conn.ptnr1_label_atom_id 
_struct_conn.pdbx_ptnr1_label_alt_id 
_struct_conn.pdbx_ptnr1_PDB_ins_code 
_struct_conn.pdbx_ptnr1_standard_comp_id 
_struct_conn.ptnr1_symmetry 
_struct_conn.ptnr2_label_asym_id 
_struct_conn.ptnr2_label_comp_id 
_struct_conn.ptnr2_label_seq_id 
_struct_conn.ptnr2_label_atom_id 
_struct_conn.pdbx_ptnr2_label_alt_id 
_struct_conn.pdbx_ptnr2_PDB_ins_code 
_struct_conn.ptnr1_auth_asym_id 
_struct_conn.ptnr1_auth_comp_id 
_struct_conn.ptnr1_auth_seq_id 
_struct_conn.ptnr2_auth_asym_id 
_struct_conn.ptnr2_auth_comp_id 
_struct_conn.ptnr2_auth_seq_id 
_struct_conn.ptnr2_symmetry 
_struct_conn.pdbx_ptnr3_label_atom_id 
_struct_conn.pdbx_ptnr3_label_seq_id 
_struct_conn.pdbx_ptnr3_label_comp_id 
_struct_conn.pdbx_ptnr3_label_asym_id 
_struct_conn.pdbx_ptnr3_label_alt_id 
_struct_conn.pdbx_ptnr3_PDB_ins_code 
_struct_conn.details 
_struct_conn.pdbx_dist_value 
_struct_conn.pdbx_value_order 
_struct_conn.pdbx_role 
metalc1  metalc ? ? A CYS 16 SG  ? ? ? 1_555 E CD  .  CD ? ? A CYS 16  A CD  102 1_555 ? ? ? ? ? ? ? 2.361 ? ? 
metalc2  metalc ? ? A CYS 16 SG  ? ? ? 1_555 G CD  .  CD ? ? A CYS 16  C CD  101 1_555 ? ? ? ? ? ? ? 2.600 ? ? 
metalc3  metalc ? ? A CYS 19 SG  ? ? ? 1_555 D CD  .  CD ? ? A CYS 19  A CD  101 1_555 ? ? ? ? ? ? ? 2.497 ? ? 
metalc4  metalc ? ? A CYS 19 SG  ? ? ? 1_555 G CD  .  CD ? ? A CYS 19  C CD  101 1_555 ? ? ? ? ? ? ? 2.597 ? ? 
metalc5  metalc ? ? A GLU 20 OE1 ? ? ? 1_555 D CD  .  CD ? ? A GLU 20  A CD  101 1_555 ? ? ? ? ? ? ? 1.917 ? ? 
metalc6  metalc ? ? D CD  .  CD  ? ? ? 1_555 B CYS 16 SG ? ? A CD  101 B CYS 16  1_555 ? ? ? ? ? ? ? 2.558 ? ? 
metalc7  metalc ? ? D CD  .  CD  ? ? ? 1_555 B CYS 19 SG ? ? A CD  101 B CYS 19  1_555 ? ? ? ? ? ? ? 2.712 ? ? 
metalc8  metalc ? ? E CD  .  CD  ? ? ? 1_555 H HOH .  O  ? ? A CD  102 A HOH 202 1_555 ? ? ? ? ? ? ? 2.457 ? ? 
metalc9  metalc ? ? E CD  .  CD  ? ? ? 1_555 B CYS 16 SG ? ? A CD  102 B CYS 16  1_555 ? ? ? ? ? ? ? 2.449 ? ? 
metalc10 metalc ? ? E CD  .  CD  ? ? ? 1_555 C CYS 16 SG ? ? A CD  102 C CYS 16  1_555 ? ? ? ? ? ? ? 2.492 ? ? 
metalc11 metalc ? ? B CYS 19 SG  ? ? ? 1_555 F CD  .  CD ? ? B CYS 19  B CD  101 1_555 ? ? ? ? ? ? ? 2.402 ? ? 
metalc12 metalc ? ? B GLU 20 OE1 ? ? ? 1_555 F CD  .  CD ? ? B GLU 20  B CD  101 1_555 ? ? ? ? ? ? ? 2.085 ? ? 
metalc13 metalc ? ? B GLU 20 OE2 ? ? ? 1_555 F CD  .  CD ? ? B GLU 20  B CD  101 1_555 ? ? ? ? ? ? ? 2.474 ? ? 
metalc14 metalc ? ? F CD  .  CD  ? ? ? 1_555 C CYS 16 SG ? ? B CD  101 C CYS 16  1_555 ? ? ? ? ? ? ? 2.642 ? ? 
metalc15 metalc ? ? F CD  .  CD  ? ? ? 1_555 C CYS 19 SG ? ? B CD  101 C CYS 19  1_555 ? ? ? ? ? ? ? 2.466 ? ? 
metalc16 metalc ? ? C CYS 19 SG  ? ? ? 1_555 G CD  .  CD ? ? C CYS 19  C CD  101 1_555 ? ? ? ? ? ? ? 2.429 ? ? 
metalc17 metalc ? ? C GLU 20 OE2 ? ? ? 1_555 G CD  .  CD ? ? C GLU 20  C CD  101 1_555 ? ? ? ? ? ? ? 2.234 ? ? 
metalc18 metalc ? ? C GLU 20 OE1 ? ? ? 1_555 G CD  .  CD ? ? C GLU 20  C CD  101 1_555 ? ? ? ? ? ? ? 2.609 ? ? 
# 
_struct_conn_type.id          metalc 
_struct_conn_type.criteria    ? 
_struct_conn_type.reference   ? 
# 
loop_
_pdbx_struct_conn_angle.id 
_pdbx_struct_conn_angle.ptnr1_label_atom_id 
_pdbx_struct_conn_angle.ptnr1_label_alt_id 
_pdbx_struct_conn_angle.ptnr1_label_asym_id 
_pdbx_struct_conn_angle.ptnr1_label_comp_id 
_pdbx_struct_conn_angle.ptnr1_label_seq_id 
_pdbx_struct_conn_angle.ptnr1_auth_atom_id 
_pdbx_struct_conn_angle.ptnr1_auth_asym_id 
_pdbx_struct_conn_angle.ptnr1_auth_comp_id 
_pdbx_struct_conn_angle.ptnr1_auth_seq_id 
_pdbx_struct_conn_angle.ptnr1_PDB_ins_code 
_pdbx_struct_conn_angle.ptnr1_symmetry 
_pdbx_struct_conn_angle.ptnr2_label_atom_id 
_pdbx_struct_conn_angle.ptnr2_label_alt_id 
_pdbx_struct_conn_angle.ptnr2_label_asym_id 
_pdbx_struct_conn_angle.ptnr2_label_comp_id 
_pdbx_struct_conn_angle.ptnr2_label_seq_id 
_pdbx_struct_conn_angle.ptnr2_auth_atom_id 
_pdbx_struct_conn_angle.ptnr2_auth_asym_id 
_pdbx_struct_conn_angle.ptnr2_auth_comp_id 
_pdbx_struct_conn_angle.ptnr2_auth_seq_id 
_pdbx_struct_conn_angle.ptnr2_PDB_ins_code 
_pdbx_struct_conn_angle.ptnr2_symmetry 
_pdbx_struct_conn_angle.ptnr3_label_atom_id 
_pdbx_struct_conn_angle.ptnr3_label_alt_id 
_pdbx_struct_conn_angle.ptnr3_label_asym_id 
_pdbx_struct_conn_angle.ptnr3_label_comp_id 
_pdbx_struct_conn_angle.ptnr3_label_seq_id 
_pdbx_struct_conn_angle.ptnr3_auth_atom_id 
_pdbx_struct_conn_angle.ptnr3_auth_asym_id 
_pdbx_struct_conn_angle.ptnr3_auth_comp_id 
_pdbx_struct_conn_angle.ptnr3_auth_seq_id 
_pdbx_struct_conn_angle.ptnr3_PDB_ins_code 
_pdbx_struct_conn_angle.ptnr3_symmetry 
_pdbx_struct_conn_angle.value 
_pdbx_struct_conn_angle.value_esd 
1  SG  ? A CYS 16 ? A CYS 16  ? 1_555 CD ? E CD . ? A CD 102 ? 1_555 O   ? H HOH .  ? A HOH 202 ? 1_555 108.7 ? 
2  SG  ? A CYS 16 ? A CYS 16  ? 1_555 CD ? E CD . ? A CD 102 ? 1_555 SG  ? B CYS 16 ? B CYS 16  ? 1_555 109.9 ? 
3  O   ? H HOH .  ? A HOH 202 ? 1_555 CD ? E CD . ? A CD 102 ? 1_555 SG  ? B CYS 16 ? B CYS 16  ? 1_555 105.5 ? 
4  SG  ? A CYS 16 ? A CYS 16  ? 1_555 CD ? E CD . ? A CD 102 ? 1_555 SG  ? C CYS 16 ? C CYS 16  ? 1_555 113.1 ? 
5  O   ? H HOH .  ? A HOH 202 ? 1_555 CD ? E CD . ? A CD 102 ? 1_555 SG  ? C CYS 16 ? C CYS 16  ? 1_555 106.9 ? 
6  SG  ? B CYS 16 ? B CYS 16  ? 1_555 CD ? E CD . ? A CD 102 ? 1_555 SG  ? C CYS 16 ? C CYS 16  ? 1_555 112.3 ? 
7  SG  ? A CYS 16 ? A CYS 16  ? 1_555 CD ? G CD . ? C CD 101 ? 1_555 SG  ? A CYS 19 ? A CYS 19  ? 1_555 116.1 ? 
8  SG  ? A CYS 16 ? A CYS 16  ? 1_555 CD ? G CD . ? C CD 101 ? 1_555 SG  ? C CYS 19 ? C CYS 19  ? 1_555 121.1 ? 
9  SG  ? A CYS 19 ? A CYS 19  ? 1_555 CD ? G CD . ? C CD 101 ? 1_555 SG  ? C CYS 19 ? C CYS 19  ? 1_555 89.8  ? 
10 SG  ? A CYS 16 ? A CYS 16  ? 1_555 CD ? G CD . ? C CD 101 ? 1_555 OE2 ? C GLU 20 ? C GLU 20  ? 1_555 115.6 ? 
11 SG  ? A CYS 19 ? A CYS 19  ? 1_555 CD ? G CD . ? C CD 101 ? 1_555 OE2 ? C GLU 20 ? C GLU 20  ? 1_555 90.2  ? 
12 SG  ? C CYS 19 ? C CYS 19  ? 1_555 CD ? G CD . ? C CD 101 ? 1_555 OE2 ? C GLU 20 ? C GLU 20  ? 1_555 116.2 ? 
13 SG  ? A CYS 16 ? A CYS 16  ? 1_555 CD ? G CD . ? C CD 101 ? 1_555 OE1 ? C GLU 20 ? C GLU 20  ? 1_555 91.3  ? 
14 SG  ? A CYS 19 ? A CYS 19  ? 1_555 CD ? G CD . ? C CD 101 ? 1_555 OE1 ? C GLU 20 ? C GLU 20  ? 1_555 142.6 ? 
15 SG  ? C CYS 19 ? C CYS 19  ? 1_555 CD ? G CD . ? C CD 101 ? 1_555 OE1 ? C GLU 20 ? C GLU 20  ? 1_555 97.4  ? 
16 OE2 ? C GLU 20 ? C GLU 20  ? 1_555 CD ? G CD . ? C CD 101 ? 1_555 OE1 ? C GLU 20 ? C GLU 20  ? 1_555 53.8  ? 
17 SG  ? A CYS 19 ? A CYS 19  ? 1_555 CD ? D CD . ? A CD 101 ? 1_555 OE1 ? A GLU 20 ? A GLU 20  ? 1_555 111.5 ? 
18 SG  ? A CYS 19 ? A CYS 19  ? 1_555 CD ? D CD . ? A CD 101 ? 1_555 SG  ? B CYS 16 ? B CYS 16  ? 1_555 129.1 ? 
19 OE1 ? A GLU 20 ? A GLU 20  ? 1_555 CD ? D CD . ? A CD 101 ? 1_555 SG  ? B CYS 16 ? B CYS 16  ? 1_555 110.6 ? 
20 SG  ? A CYS 19 ? A CYS 19  ? 1_555 CD ? D CD . ? A CD 101 ? 1_555 SG  ? B CYS 19 ? B CYS 19  ? 1_555 97.3  ? 
21 OE1 ? A GLU 20 ? A GLU 20  ? 1_555 CD ? D CD . ? A CD 101 ? 1_555 SG  ? B CYS 19 ? B CYS 19  ? 1_555 93.9  ? 
22 SG  ? B CYS 16 ? B CYS 16  ? 1_555 CD ? D CD . ? A CD 101 ? 1_555 SG  ? B CYS 19 ? B CYS 19  ? 1_555 107.1 ? 
23 SG  ? B CYS 19 ? B CYS 19  ? 1_555 CD ? F CD . ? B CD 101 ? 1_555 OE1 ? B GLU 20 ? B GLU 20  ? 1_555 113.8 ? 
24 SG  ? B CYS 19 ? B CYS 19  ? 1_555 CD ? F CD . ? B CD 101 ? 1_555 OE2 ? B GLU 20 ? B GLU 20  ? 1_555 87.5  ? 
25 OE1 ? B GLU 20 ? B GLU 20  ? 1_555 CD ? F CD . ? B CD 101 ? 1_555 OE2 ? B GLU 20 ? B GLU 20  ? 1_555 56.6  ? 
26 SG  ? B CYS 19 ? B CYS 19  ? 1_555 CD ? F CD . ? B CD 101 ? 1_555 SG  ? C CYS 16 ? C CYS 16  ? 1_555 120.9 ? 
27 OE1 ? B GLU 20 ? B GLU 20  ? 1_555 CD ? F CD . ? B CD 101 ? 1_555 SG  ? C CYS 16 ? C CYS 16  ? 1_555 111.7 ? 
28 OE2 ? B GLU 20 ? B GLU 20  ? 1_555 CD ? F CD . ? B CD 101 ? 1_555 SG  ? C CYS 16 ? C CYS 16  ? 1_555 87.8  ? 
29 SG  ? B CYS 19 ? B CYS 19  ? 1_555 CD ? F CD . ? B CD 101 ? 1_555 SG  ? C CYS 19 ? C CYS 19  ? 1_555 100.5 ? 
30 OE1 ? B GLU 20 ? B GLU 20  ? 1_555 CD ? F CD . ? B CD 101 ? 1_555 SG  ? C CYS 19 ? C CYS 19  ? 1_555 92.4  ? 
31 OE2 ? B GLU 20 ? B GLU 20  ? 1_555 CD ? F CD . ? B CD 101 ? 1_555 SG  ? C CYS 19 ? C CYS 19  ? 1_555 148.1 ? 
32 SG  ? C CYS 16 ? C CYS 16  ? 1_555 CD ? F CD . ? B CD 101 ? 1_555 SG  ? C CYS 19 ? C CYS 19  ? 1_555 113.1 ? 
# 
loop_
_struct_site.id 
_struct_site.pdbx_evidence_code 
_struct_site.pdbx_auth_asym_id 
_struct_site.pdbx_auth_comp_id 
_struct_site.pdbx_auth_seq_id 
_struct_site.pdbx_auth_ins_code 
_struct_site.pdbx_num_residues 
_struct_site.details 
AC1 Software A CD 101 ? 4 'BINDING SITE FOR RESIDUE CD A 101' 
AC2 Software A CD 102 ? 4 'BINDING SITE FOR RESIDUE CD A 102' 
AC3 Software B CD 101 ? 4 'BINDING SITE FOR RESIDUE CD B 101' 
AC4 Software C CD 101 ? 4 'BINDING SITE FOR RESIDUE CD C 101' 
# 
loop_
_struct_site_gen.id 
_struct_site_gen.site_id 
_struct_site_gen.pdbx_num_res 
_struct_site_gen.label_comp_id 
_struct_site_gen.label_asym_id 
_struct_site_gen.label_seq_id 
_struct_site_gen.pdbx_auth_ins_code 
_struct_site_gen.auth_comp_id 
_struct_site_gen.auth_asym_id 
_struct_site_gen.auth_seq_id 
_struct_site_gen.label_atom_id 
_struct_site_gen.label_alt_id 
_struct_site_gen.symmetry 
_struct_site_gen.details 
1  AC1 4 CYS A 19 ? CYS A 19  . ? 1_555 ? 
2  AC1 4 GLU A 20 ? GLU A 20  . ? 1_555 ? 
3  AC1 4 CYS B 16 ? CYS B 16  . ? 1_555 ? 
4  AC1 4 CYS B 19 ? CYS B 19  . ? 1_555 ? 
5  AC2 4 CYS A 16 ? CYS A 16  . ? 1_555 ? 
6  AC2 4 HOH H .  ? HOH A 202 . ? 1_555 ? 
7  AC2 4 CYS B 16 ? CYS B 16  . ? 1_555 ? 
8  AC2 4 CYS C 16 ? CYS C 16  . ? 1_555 ? 
9  AC3 4 CYS B 19 ? CYS B 19  . ? 1_555 ? 
10 AC3 4 GLU B 20 ? GLU B 20  . ? 1_555 ? 
11 AC3 4 CYS C 16 ? CYS C 16  . ? 1_555 ? 
12 AC3 4 CYS C 19 ? CYS C 19  . ? 1_555 ? 
13 AC4 4 CYS A 16 ? CYS A 16  . ? 1_555 ? 
14 AC4 4 CYS A 19 ? CYS A 19  . ? 1_555 ? 
15 AC4 4 CYS C 19 ? CYS C 19  . ? 1_555 ? 
16 AC4 4 GLU C 20 ? GLU C 20  . ? 1_555 ? 
# 
loop_
_pdbx_validate_symm_contact.id 
_pdbx_validate_symm_contact.PDB_model_num 
_pdbx_validate_symm_contact.auth_atom_id_1 
_pdbx_validate_symm_contact.auth_asym_id_1 
_pdbx_validate_symm_contact.auth_comp_id_1 
_pdbx_validate_symm_contact.auth_seq_id_1 
_pdbx_validate_symm_contact.PDB_ins_code_1 
_pdbx_validate_symm_contact.label_alt_id_1 
_pdbx_validate_symm_contact.site_symmetry_1 
_pdbx_validate_symm_contact.auth_atom_id_2 
_pdbx_validate_symm_contact.auth_asym_id_2 
_pdbx_validate_symm_contact.auth_comp_id_2 
_pdbx_validate_symm_contact.auth_seq_id_2 
_pdbx_validate_symm_contact.PDB_ins_code_2 
_pdbx_validate_symm_contact.label_alt_id_2 
_pdbx_validate_symm_contact.site_symmetry_2 
_pdbx_validate_symm_contact.dist 
1 1 NE2 C GLN 7 ? ? 1_555 NE2 C GLN 7 ? ? 2_755 1.60 
2 1 CD  C GLN 7 ? ? 1_555 NE2 C GLN 7 ? ? 2_755 2.11 
# 
loop_
_pdbx_validate_rmsd_bond.id 
_pdbx_validate_rmsd_bond.PDB_model_num 
_pdbx_validate_rmsd_bond.auth_atom_id_1 
_pdbx_validate_rmsd_bond.auth_asym_id_1 
_pdbx_validate_rmsd_bond.auth_comp_id_1 
_pdbx_validate_rmsd_bond.auth_seq_id_1 
_pdbx_validate_rmsd_bond.PDB_ins_code_1 
_pdbx_validate_rmsd_bond.label_alt_id_1 
_pdbx_validate_rmsd_bond.auth_atom_id_2 
_pdbx_validate_rmsd_bond.auth_asym_id_2 
_pdbx_validate_rmsd_bond.auth_comp_id_2 
_pdbx_validate_rmsd_bond.auth_seq_id_2 
_pdbx_validate_rmsd_bond.PDB_ins_code_2 
_pdbx_validate_rmsd_bond.label_alt_id_2 
_pdbx_validate_rmsd_bond.bond_value 
_pdbx_validate_rmsd_bond.bond_target_value 
_pdbx_validate_rmsd_bond.bond_deviation 
_pdbx_validate_rmsd_bond.bond_standard_deviation 
_pdbx_validate_rmsd_bond.linker_flag 
1 1 CB A CYS 19 ? ? SG A CYS 19 ? ? 1.699 1.812 -0.113 0.016 N 
2 1 CB C CYS 19 ? ? SG C CYS 19 ? ? 1.657 1.812 -0.155 0.016 N 
# 
_pdbx_struct_special_symmetry.id              1 
_pdbx_struct_special_symmetry.PDB_model_num   1 
_pdbx_struct_special_symmetry.auth_asym_id    C 
_pdbx_struct_special_symmetry.auth_comp_id    HOH 
_pdbx_struct_special_symmetry.auth_seq_id     203 
_pdbx_struct_special_symmetry.PDB_ins_code    ? 
_pdbx_struct_special_symmetry.label_asym_id   J 
_pdbx_struct_special_symmetry.label_comp_id   HOH 
_pdbx_struct_special_symmetry.label_seq_id    . 
# 
loop_
_pdbx_unobs_or_zero_occ_residues.id 
_pdbx_unobs_or_zero_occ_residues.PDB_model_num 
_pdbx_unobs_or_zero_occ_residues.polymer_flag 
_pdbx_unobs_or_zero_occ_residues.occupancy_flag 
_pdbx_unobs_or_zero_occ_residues.auth_asym_id 
_pdbx_unobs_or_zero_occ_residues.auth_comp_id 
_pdbx_unobs_or_zero_occ_residues.auth_seq_id 
_pdbx_unobs_or_zero_occ_residues.PDB_ins_code 
_pdbx_unobs_or_zero_occ_residues.label_asym_id 
_pdbx_unobs_or_zero_occ_residues.label_comp_id 
_pdbx_unobs_or_zero_occ_residues.label_seq_id 
1  1 Y 1 A GLN 1  ? A GLN 1  
2  1 Y 1 A GLN 28 ? A GLN 28 
3  1 Y 1 A LYS 29 ? A LYS 29 
4  1 Y 1 A GLY 30 ? A GLY 30 
5  1 Y 1 A GLY 31 ? A GLY 31 
6  1 Y 1 A TYR 32 ? A TYR 32 
7  1 Y 1 B GLN 1  ? B GLN 1  
8  1 Y 1 B ILE 2  ? B ILE 2  
9  1 Y 1 B ALA 3  ? B ALA 3  
10 1 Y 1 B GLN 28 ? B GLN 28 
11 1 Y 1 B LYS 29 ? B LYS 29 
12 1 Y 1 B GLY 30 ? B GLY 30 
13 1 Y 1 B GLY 31 ? B GLY 31 
14 1 Y 1 B TYR 32 ? B TYR 32 
15 1 Y 1 C GLN 1  ? C GLN 1  
16 1 Y 1 C ILE 2  ? C ILE 2  
17 1 Y 1 C GLY 30 ? C GLY 30 
18 1 Y 1 C GLY 31 ? C GLY 31 
19 1 Y 1 C TYR 32 ? C TYR 32 
# 
loop_
_chem_comp_atom.comp_id 
_chem_comp_atom.atom_id 
_chem_comp_atom.type_symbol 
_chem_comp_atom.pdbx_aromatic_flag 
_chem_comp_atom.pdbx_stereo_config 
_chem_comp_atom.pdbx_ordinal 
ALA N    N  N N 1   
ALA CA   C  N S 2   
ALA C    C  N N 3   
ALA O    O  N N 4   
ALA CB   C  N N 5   
ALA OXT  O  N N 6   
ALA H    H  N N 7   
ALA H2   H  N N 8   
ALA HA   H  N N 9   
ALA HB1  H  N N 10  
ALA HB2  H  N N 11  
ALA HB3  H  N N 12  
ALA HXT  H  N N 13  
CD  CD   CD N N 14  
CYS N    N  N N 15  
CYS CA   C  N R 16  
CYS C    C  N N 17  
CYS O    O  N N 18  
CYS CB   C  N N 19  
CYS SG   S  N N 20  
CYS OXT  O  N N 21  
CYS H    H  N N 22  
CYS H2   H  N N 23  
CYS HA   H  N N 24  
CYS HB2  H  N N 25  
CYS HB3  H  N N 26  
CYS HG   H  N N 27  
CYS HXT  H  N N 28  
GLN N    N  N N 29  
GLN CA   C  N S 30  
GLN C    C  N N 31  
GLN O    O  N N 32  
GLN CB   C  N N 33  
GLN CG   C  N N 34  
GLN CD   C  N N 35  
GLN OE1  O  N N 36  
GLN NE2  N  N N 37  
GLN OXT  O  N N 38  
GLN H    H  N N 39  
GLN H2   H  N N 40  
GLN HA   H  N N 41  
GLN HB2  H  N N 42  
GLN HB3  H  N N 43  
GLN HG2  H  N N 44  
GLN HG3  H  N N 45  
GLN HE21 H  N N 46  
GLN HE22 H  N N 47  
GLN HXT  H  N N 48  
GLU N    N  N N 49  
GLU CA   C  N S 50  
GLU C    C  N N 51  
GLU O    O  N N 52  
GLU CB   C  N N 53  
GLU CG   C  N N 54  
GLU CD   C  N N 55  
GLU OE1  O  N N 56  
GLU OE2  O  N N 57  
GLU OXT  O  N N 58  
GLU H    H  N N 59  
GLU H2   H  N N 60  
GLU HA   H  N N 61  
GLU HB2  H  N N 62  
GLU HB3  H  N N 63  
GLU HG2  H  N N 64  
GLU HG3  H  N N 65  
GLU HE2  H  N N 66  
GLU HXT  H  N N 67  
GLY N    N  N N 68  
GLY CA   C  N N 69  
GLY C    C  N N 70  
GLY O    O  N N 71  
GLY OXT  O  N N 72  
GLY H    H  N N 73  
GLY H2   H  N N 74  
GLY HA2  H  N N 75  
GLY HA3  H  N N 76  
GLY HXT  H  N N 77  
HOH O    O  N N 78  
HOH H1   H  N N 79  
HOH H2   H  N N 80  
ILE N    N  N N 81  
ILE CA   C  N S 82  
ILE C    C  N N 83  
ILE O    O  N N 84  
ILE CB   C  N S 85  
ILE CG1  C  N N 86  
ILE CG2  C  N N 87  
ILE CD1  C  N N 88  
ILE OXT  O  N N 89  
ILE H    H  N N 90  
ILE H2   H  N N 91  
ILE HA   H  N N 92  
ILE HB   H  N N 93  
ILE HG12 H  N N 94  
ILE HG13 H  N N 95  
ILE HG21 H  N N 96  
ILE HG22 H  N N 97  
ILE HG23 H  N N 98  
ILE HD11 H  N N 99  
ILE HD12 H  N N 100 
ILE HD13 H  N N 101 
ILE HXT  H  N N 102 
LEU N    N  N N 103 
LEU CA   C  N S 104 
LEU C    C  N N 105 
LEU O    O  N N 106 
LEU CB   C  N N 107 
LEU CG   C  N N 108 
LEU CD1  C  N N 109 
LEU CD2  C  N N 110 
LEU OXT  O  N N 111 
LEU H    H  N N 112 
LEU H2   H  N N 113 
LEU HA   H  N N 114 
LEU HB2  H  N N 115 
LEU HB3  H  N N 116 
LEU HG   H  N N 117 
LEU HD11 H  N N 118 
LEU HD12 H  N N 119 
LEU HD13 H  N N 120 
LEU HD21 H  N N 121 
LEU HD22 H  N N 122 
LEU HD23 H  N N 123 
LEU HXT  H  N N 124 
LYS N    N  N N 125 
LYS CA   C  N S 126 
LYS C    C  N N 127 
LYS O    O  N N 128 
LYS CB   C  N N 129 
LYS CG   C  N N 130 
LYS CD   C  N N 131 
LYS CE   C  N N 132 
LYS NZ   N  N N 133 
LYS OXT  O  N N 134 
LYS H    H  N N 135 
LYS H2   H  N N 136 
LYS HA   H  N N 137 
LYS HB2  H  N N 138 
LYS HB3  H  N N 139 
LYS HG2  H  N N 140 
LYS HG3  H  N N 141 
LYS HD2  H  N N 142 
LYS HD3  H  N N 143 
LYS HE2  H  N N 144 
LYS HE3  H  N N 145 
LYS HZ1  H  N N 146 
LYS HZ2  H  N N 147 
LYS HZ3  H  N N 148 
LYS HXT  H  N N 149 
TYR N    N  N N 150 
TYR CA   C  N S 151 
TYR C    C  N N 152 
TYR O    O  N N 153 
TYR CB   C  N N 154 
TYR CG   C  Y N 155 
TYR CD1  C  Y N 156 
TYR CD2  C  Y N 157 
TYR CE1  C  Y N 158 
TYR CE2  C  Y N 159 
TYR CZ   C  Y N 160 
TYR OH   O  N N 161 
TYR OXT  O  N N 162 
TYR H    H  N N 163 
TYR H2   H  N N 164 
TYR HA   H  N N 165 
TYR HB2  H  N N 166 
TYR HB3  H  N N 167 
TYR HD1  H  N N 168 
TYR HD2  H  N N 169 
TYR HE1  H  N N 170 
TYR HE2  H  N N 171 
TYR HH   H  N N 172 
TYR HXT  H  N N 173 
# 
loop_
_chem_comp_bond.comp_id 
_chem_comp_bond.atom_id_1 
_chem_comp_bond.atom_id_2 
_chem_comp_bond.value_order 
_chem_comp_bond.pdbx_aromatic_flag 
_chem_comp_bond.pdbx_stereo_config 
_chem_comp_bond.pdbx_ordinal 
ALA N   CA   sing N N 1   
ALA N   H    sing N N 2   
ALA N   H2   sing N N 3   
ALA CA  C    sing N N 4   
ALA CA  CB   sing N N 5   
ALA CA  HA   sing N N 6   
ALA C   O    doub N N 7   
ALA C   OXT  sing N N 8   
ALA CB  HB1  sing N N 9   
ALA CB  HB2  sing N N 10  
ALA CB  HB3  sing N N 11  
ALA OXT HXT  sing N N 12  
CYS N   CA   sing N N 13  
CYS N   H    sing N N 14  
CYS N   H2   sing N N 15  
CYS CA  C    sing N N 16  
CYS CA  CB   sing N N 17  
CYS CA  HA   sing N N 18  
CYS C   O    doub N N 19  
CYS C   OXT  sing N N 20  
CYS CB  SG   sing N N 21  
CYS CB  HB2  sing N N 22  
CYS CB  HB3  sing N N 23  
CYS SG  HG   sing N N 24  
CYS OXT HXT  sing N N 25  
GLN N   CA   sing N N 26  
GLN N   H    sing N N 27  
GLN N   H2   sing N N 28  
GLN CA  C    sing N N 29  
GLN CA  CB   sing N N 30  
GLN CA  HA   sing N N 31  
GLN C   O    doub N N 32  
GLN C   OXT  sing N N 33  
GLN CB  CG   sing N N 34  
GLN CB  HB2  sing N N 35  
GLN CB  HB3  sing N N 36  
GLN CG  CD   sing N N 37  
GLN CG  HG2  sing N N 38  
GLN CG  HG3  sing N N 39  
GLN CD  OE1  doub N N 40  
GLN CD  NE2  sing N N 41  
GLN NE2 HE21 sing N N 42  
GLN NE2 HE22 sing N N 43  
GLN OXT HXT  sing N N 44  
GLU N   CA   sing N N 45  
GLU N   H    sing N N 46  
GLU N   H2   sing N N 47  
GLU CA  C    sing N N 48  
GLU CA  CB   sing N N 49  
GLU CA  HA   sing N N 50  
GLU C   O    doub N N 51  
GLU C   OXT  sing N N 52  
GLU CB  CG   sing N N 53  
GLU CB  HB2  sing N N 54  
GLU CB  HB3  sing N N 55  
GLU CG  CD   sing N N 56  
GLU CG  HG2  sing N N 57  
GLU CG  HG3  sing N N 58  
GLU CD  OE1  doub N N 59  
GLU CD  OE2  sing N N 60  
GLU OE2 HE2  sing N N 61  
GLU OXT HXT  sing N N 62  
GLY N   CA   sing N N 63  
GLY N   H    sing N N 64  
GLY N   H2   sing N N 65  
GLY CA  C    sing N N 66  
GLY CA  HA2  sing N N 67  
GLY CA  HA3  sing N N 68  
GLY C   O    doub N N 69  
GLY C   OXT  sing N N 70  
GLY OXT HXT  sing N N 71  
HOH O   H1   sing N N 72  
HOH O   H2   sing N N 73  
ILE N   CA   sing N N 74  
ILE N   H    sing N N 75  
ILE N   H2   sing N N 76  
ILE CA  C    sing N N 77  
ILE CA  CB   sing N N 78  
ILE CA  HA   sing N N 79  
ILE C   O    doub N N 80  
ILE C   OXT  sing N N 81  
ILE CB  CG1  sing N N 82  
ILE CB  CG2  sing N N 83  
ILE CB  HB   sing N N 84  
ILE CG1 CD1  sing N N 85  
ILE CG1 HG12 sing N N 86  
ILE CG1 HG13 sing N N 87  
ILE CG2 HG21 sing N N 88  
ILE CG2 HG22 sing N N 89  
ILE CG2 HG23 sing N N 90  
ILE CD1 HD11 sing N N 91  
ILE CD1 HD12 sing N N 92  
ILE CD1 HD13 sing N N 93  
ILE OXT HXT  sing N N 94  
LEU N   CA   sing N N 95  
LEU N   H    sing N N 96  
LEU N   H2   sing N N 97  
LEU CA  C    sing N N 98  
LEU CA  CB   sing N N 99  
LEU CA  HA   sing N N 100 
LEU C   O    doub N N 101 
LEU C   OXT  sing N N 102 
LEU CB  CG   sing N N 103 
LEU CB  HB2  sing N N 104 
LEU CB  HB3  sing N N 105 
LEU CG  CD1  sing N N 106 
LEU CG  CD2  sing N N 107 
LEU CG  HG   sing N N 108 
LEU CD1 HD11 sing N N 109 
LEU CD1 HD12 sing N N 110 
LEU CD1 HD13 sing N N 111 
LEU CD2 HD21 sing N N 112 
LEU CD2 HD22 sing N N 113 
LEU CD2 HD23 sing N N 114 
LEU OXT HXT  sing N N 115 
LYS N   CA   sing N N 116 
LYS N   H    sing N N 117 
LYS N   H2   sing N N 118 
LYS CA  C    sing N N 119 
LYS CA  CB   sing N N 120 
LYS CA  HA   sing N N 121 
LYS C   O    doub N N 122 
LYS C   OXT  sing N N 123 
LYS CB  CG   sing N N 124 
LYS CB  HB2  sing N N 125 
LYS CB  HB3  sing N N 126 
LYS CG  CD   sing N N 127 
LYS CG  HG2  sing N N 128 
LYS CG  HG3  sing N N 129 
LYS CD  CE   sing N N 130 
LYS CD  HD2  sing N N 131 
LYS CD  HD3  sing N N 132 
LYS CE  NZ   sing N N 133 
LYS CE  HE2  sing N N 134 
LYS CE  HE3  sing N N 135 
LYS NZ  HZ1  sing N N 136 
LYS NZ  HZ2  sing N N 137 
LYS NZ  HZ3  sing N N 138 
LYS OXT HXT  sing N N 139 
TYR N   CA   sing N N 140 
TYR N   H    sing N N 141 
TYR N   H2   sing N N 142 
TYR CA  C    sing N N 143 
TYR CA  CB   sing N N 144 
TYR CA  HA   sing N N 145 
TYR C   O    doub N N 146 
TYR C   OXT  sing N N 147 
TYR CB  CG   sing N N 148 
TYR CB  HB2  sing N N 149 
TYR CB  HB3  sing N N 150 
TYR CG  CD1  doub Y N 151 
TYR CG  CD2  sing Y N 152 
TYR CD1 CE1  sing Y N 153 
TYR CD1 HD1  sing N N 154 
TYR CD2 CE2  doub Y N 155 
TYR CD2 HD2  sing N N 156 
TYR CE1 CZ   doub Y N 157 
TYR CE1 HE1  sing N N 158 
TYR CE2 CZ   sing Y N 159 
TYR CE2 HE2  sing N N 160 
TYR CZ  OH   sing N N 161 
TYR OH  HH   sing N N 162 
TYR OXT HXT  sing N N 163 
# 
_atom_sites.entry_id                    4G1A 
_atom_sites.fract_transf_matrix[1][1]   0.02872458 
_atom_sites.fract_transf_matrix[1][2]   -0.01225062 
_atom_sites.fract_transf_matrix[1][3]   0.00999204 
_atom_sites.fract_transf_matrix[2][1]   0.01225886 
_atom_sites.fract_transf_matrix[2][2]   0.02526770 
_atom_sites.fract_transf_matrix[2][3]   -0.00426197 
_atom_sites.fract_transf_matrix[3][1]   -0.00155783 
_atom_sites.fract_transf_matrix[3][2]   0.00333517 
_atom_sites.fract_transf_matrix[3][3]   0.01529220 
_atom_sites.fract_transf_vector[1]      1.004928 
_atom_sites.fract_transf_vector[2]      0.519902 
_atom_sites.fract_transf_vector[3]      0.245093 
# 
loop_
_atom_type.symbol 
C  
CD 
N  
O  
S  
# 
loop_
_atom_site.group_PDB 
_atom_site.id 
_atom_site.type_symbol 
_atom_site.label_atom_id 
_atom_site.label_alt_id 
_atom_site.label_comp_id 
_atom_site.label_asym_id 
_atom_site.label_entity_id 
_atom_site.label_seq_id 
_atom_site.pdbx_PDB_ins_code 
_atom_site.Cartn_x 
_atom_site.Cartn_y 
_atom_site.Cartn_z 
_atom_site.occupancy 
_atom_site.B_iso_or_equiv 
_atom_site.pdbx_formal_charge 
_atom_site.auth_seq_id 
_atom_site.auth_comp_id 
_atom_site.auth_asym_id 
_atom_site.auth_atom_id 
_atom_site.pdbx_PDB_model_num 
ATOM   1   N  N   . ILE A 1 2  ? 14.656  -5.028  -13.763 1.00 22.27 ? 2   ILE A N   1 
ATOM   2   C  CA  . ILE A 1 2  ? 15.040  -5.120  -12.317 1.00 22.25 ? 2   ILE A CA  1 
ATOM   3   C  C   . ILE A 1 2  ? 15.251  -3.721  -11.736 1.00 22.23 ? 2   ILE A C   1 
ATOM   4   O  O   . ILE A 1 2  ? 14.677  -3.403  -10.698 1.00 22.72 ? 2   ILE A O   1 
ATOM   5   C  CB  . ILE A 1 2  ? 16.270  -6.025  -12.016 1.00 22.25 ? 2   ILE A CB  1 
ATOM   6   C  CG1 . ILE A 1 2  ? 15.964  -7.532  -12.145 1.00 22.89 ? 2   ILE A CG1 1 
ATOM   7   C  CG2 . ILE A 1 2  ? 16.700  -5.902  -10.549 1.00 21.22 ? 2   ILE A CG2 1 
ATOM   8   C  CD1 . ILE A 1 2  ? 15.202  -7.993  -13.369 1.00 23.05 ? 2   ILE A CD1 1 
ATOM   9   N  N   . ALA A 1 3  ? 16.034  -2.890  -12.413 1.00 21.74 ? 3   ALA A N   1 
ATOM   10  C  CA  . ALA A 1 3  ? 16.270  -1.520  -11.965 1.00 21.46 ? 3   ALA A CA  1 
ATOM   11  C  C   . ALA A 1 3  ? 14.950  -0.779  -11.803 1.00 21.52 ? 3   ALA A C   1 
ATOM   12  O  O   . ALA A 1 3  ? 14.799  0.053   -10.909 1.00 21.27 ? 3   ALA A O   1 
ATOM   13  C  CB  . ALA A 1 3  ? 17.136  -0.784  -12.961 1.00 20.75 ? 3   ALA A CB  1 
ATOM   14  N  N   . ALA A 1 4  ? 13.997  -1.064  -12.684 1.00 21.14 ? 4   ALA A N   1 
ATOM   15  C  CA  . ALA A 1 4  ? 12.669  -0.472  -12.558 1.00 20.97 ? 4   ALA A CA  1 
ATOM   16  C  C   . ALA A 1 4  ? 11.906  -1.066  -11.395 1.00 20.90 ? 4   ALA A C   1 
ATOM   17  O  O   . ALA A 1 4  ? 11.180  -0.346  -10.696 1.00 21.72 ? 4   ALA A O   1 
ATOM   18  C  CB  . ALA A 1 4  ? 11.868  -0.652  -13.819 1.00 20.45 ? 4   ALA A CB  1 
ATOM   19  N  N   . LEU A 1 5  ? 12.017  -2.379  -11.230 1.00 21.27 ? 5   LEU A N   1 
ATOM   20  C  CA  . LEU A 1 5  ? 11.325  -3.077  -10.146 1.00 21.70 ? 5   LEU A CA  1 
ATOM   21  C  C   . LEU A 1 5  ? 11.808  -2.599  -8.803  1.00 21.39 ? 5   LEU A C   1 
ATOM   22  O  O   . LEU A 1 5  ? 11.011  -2.417  -7.907  1.00 20.77 ? 5   LEU A O   1 
ATOM   23  C  CB  . LEU A 1 5  ? 11.445  -4.595  -10.256 1.00 22.97 ? 5   LEU A CB  1 
ATOM   24  C  CG  . LEU A 1 5  ? 10.670  -5.224  -11.423 1.00 24.87 ? 5   LEU A CG  1 
ATOM   25  C  CD1 . LEU A 1 5  ? 11.103  -6.648  -11.622 1.00 27.73 ? 5   LEU A CD1 1 
ATOM   26  C  CD2 . LEU A 1 5  ? 9.136   -5.136  -11.251 1.00 27.17 ? 5   LEU A CD2 1 
ATOM   27  N  N   . GLU A 1 6  ? 13.114  -2.367  -8.689  1.00 21.18 ? 6   GLU A N   1 
ATOM   28  C  CA  . GLU A 1 6  ? 13.646  -1.732  -7.510  1.00 21.66 ? 6   GLU A CA  1 
ATOM   29  C  C   . GLU A 1 6  ? 12.969  -0.363  -7.238  1.00 21.08 ? 6   GLU A C   1 
ATOM   30  O  O   . GLU A 1 6  ? 12.627  -0.035  -6.083  1.00 20.46 ? 6   GLU A O   1 
ATOM   31  C  CB  . GLU A 1 6  ? 15.151  -1.537  -7.669  1.00 22.22 ? 6   GLU A CB  1 
ATOM   32  C  CG  . GLU A 1 6  ? 16.026  -2.678  -7.182  1.00 26.51 ? 6   GLU A CG  1 
ATOM   33  C  CD  . GLU A 1 6  ? 17.452  -2.190  -6.921  1.00 30.87 ? 6   GLU A CD  1 
ATOM   34  O  OE1 . GLU A 1 6  ? 17.787  -1.926  -5.727  1.00 30.98 ? 6   GLU A OE1 1 
ATOM   35  O  OE2 . GLU A 1 6  ? 18.215  -2.022  -7.912  1.00 33.21 ? 6   GLU A OE2 1 
ATOM   36  N  N   . GLN A 1 7  ? 12.801  0.433   -8.298  1.00 20.43 ? 7   GLN A N   1 
ATOM   37  C  CA  . GLN A 1 7  ? 12.261  1.796   -8.193  1.00 20.06 ? 7   GLN A CA  1 
ATOM   38  C  C   . GLN A 1 7  ? 10.774  1.745   -7.865  1.00 19.08 ? 7   GLN A C   1 
ATOM   39  O  O   . GLN A 1 7  ? 10.282  2.488   -6.976  1.00 17.52 ? 7   GLN A O   1 
ATOM   40  C  CB  . GLN A 1 7  ? 12.527  2.573   -9.487  1.00 21.12 ? 7   GLN A CB  1 
ATOM   41  C  CG  . GLN A 1 7  ? 11.793  3.895   -9.706  1.00 25.78 ? 7   GLN A CG  1 
ATOM   42  C  CD  . GLN A 1 7  ? 12.416  4.729   -10.865 1.00 31.03 ? 7   GLN A CD  1 
ATOM   43  O  OE1 . GLN A 1 7  ? 12.981  4.169   -11.803 1.00 33.96 ? 7   GLN A OE1 1 
ATOM   44  N  NE2 . GLN A 1 7  ? 12.298  6.059   -10.799 1.00 34.81 ? 7   GLN A NE2 1 
ATOM   45  N  N   . LYS A 1 8  ? 10.046  0.858   -8.543  1.00 17.58 ? 8   LYS A N   1 
ATOM   46  C  CA  . LYS A 1 8  ? 8.614   0.711   -8.240  1.00 16.92 ? 8   LYS A CA  1 
ATOM   47  C  C   . LYS A 1 8  ? 8.357   0.294   -6.786  1.00 16.12 ? 8   LYS A C   1 
ATOM   48  O  O   . LYS A 1 8  ? 7.375   0.765   -6.168  1.00 16.10 ? 8   LYS A O   1 
ATOM   49  C  CB  . LYS A 1 8  ? 7.952   -0.243  -9.204  1.00 16.55 ? 8   LYS A CB  1 
ATOM   50  C  CG  . LYS A 1 8  ? 7.953   0.278   -10.632 1.00 17.77 ? 8   LYS A CG  1 
ATOM   51  C  CD  . LYS A 1 8  ? 7.721   -0.865  -11.617 1.00 19.56 ? 8   LYS A CD  1 
ATOM   52  C  CE  . LYS A 1 8  ? 6.973   -0.395  -12.841 1.00 22.10 ? 8   LYS A CE  1 
ATOM   53  N  NZ  . LYS A 1 8  ? 6.838   -1.513  -13.839 1.00 24.00 ? 8   LYS A NZ  1 
ATOM   54  N  N   . ILE A 1 9  ? 9.214   -0.567  -6.220  1.00 15.29 ? 9   ILE A N   1 
ATOM   55  C  CA  . ILE A 1 9  ? 9.059   -0.991  -4.802  1.00 16.37 ? 9   ILE A CA  1 
ATOM   56  C  C   . ILE A 1 9  ? 9.316   0.136   -3.828  1.00 15.53 ? 9   ILE A C   1 
ATOM   57  O  O   . ILE A 1 9  ? 8.575   0.294   -2.848  1.00 14.84 ? 9   ILE A O   1 
ATOM   58  C  CB  . ILE A 1 9  ? 9.967   -2.153  -4.391  1.00 17.18 ? 9   ILE A CB  1 
ATOM   59  C  CG1 . ILE A 1 9  ? 9.653   -3.353  -5.249  1.00 19.98 ? 9   ILE A CG1 1 
ATOM   60  C  CG2 . ILE A 1 9  ? 9.727   -2.528  -2.887  1.00 17.73 ? 9   ILE A CG2 1 
ATOM   61  C  CD1 . ILE A 1 9  ? 10.865  -4.201  -5.516  1.00 23.45 ? 9   ILE A CD1 1 
ATOM   62  N  N   . ALA A 1 10 ? 10.348  0.924   -4.110  1.00 14.68 ? 10  ALA A N   1 
ATOM   63  C  CA  . ALA A 1 10 ? 10.634  2.114   -3.324  1.00 15.18 ? 10  ALA A CA  1 
ATOM   64  C  C   . ALA A 1 10 ? 9.446   3.078   -3.346  1.00 14.72 ? 10  ALA A C   1 
ATOM   65  O  O   . ALA A 1 10 ? 9.121   3.719   -2.364  1.00 14.50 ? 10  ALA A O   1 
ATOM   66  C  CB  . ALA A 1 10 ? 11.853  2.782   -3.877  1.00 15.06 ? 10  ALA A CB  1 
ATOM   67  N  N   . ALA A 1 11 ? 8.800   3.152   -4.499  1.00 14.75 ? 11  ALA A N   1 
ATOM   68  C  CA  . ALA A 1 11 ? 7.681   4.028   -4.740  1.00 14.54 ? 11  ALA A CA  1 
ATOM   69  C  C   . ALA A 1 11 ? 6.493   3.636   -3.860  1.00 14.67 ? 11  ALA A C   1 
ATOM   70  O  O   . ALA A 1 11 ? 5.768   4.504   -3.357  1.00 14.35 ? 11  ALA A O   1 
ATOM   71  C  CB  . ALA A 1 11 ? 7.284   3.976   -6.245  1.00 14.31 ? 11  ALA A CB  1 
ATOM   72  N  N   . LEU A 1 12 ? 6.287   2.342   -3.668  1.00 14.03 ? 12  LEU A N   1 
ATOM   73  C  CA  . LEU A 1 12 ? 5.138   1.893   -2.887  1.00 14.58 ? 12  LEU A CA  1 
ATOM   74  C  C   . LEU A 1 12 ? 5.411   1.995   -1.397  1.00 14.18 ? 12  LEU A C   1 
ATOM   75  O  O   . LEU A 1 12 ? 4.478   2.241   -0.596  1.00 13.73 ? 12  LEU A O   1 
ATOM   76  C  CB  . LEU A 1 12 ? 4.781   0.455   -3.256  1.00 15.08 ? 12  LEU A CB  1 
ATOM   77  C  CG  . LEU A 1 12 ? 4.125   0.182   -4.579  1.00 15.67 ? 12  LEU A CG  1 
ATOM   78  C  CD1 . LEU A 1 12 ? 4.275   -1.284  -4.911  1.00 17.21 ? 12  LEU A CD1 1 
ATOM   79  C  CD2 . LEU A 1 12 ? 2.662   0.557   -4.466  1.00 14.51 ? 12  LEU A CD2 1 
ATOM   80  N  N   . GLU A 1 13 ? 6.694   1.871   -1.035  1.00 14.04 ? 13  GLU A N   1 
ATOM   81  C  CA  . GLU A 1 13 ? 7.116   1.986   0.359   1.00 13.86 ? 13  GLU A CA  1 
ATOM   82  C  C   . GLU A 1 13 ? 6.931   3.396   0.793   1.00 13.02 ? 13  GLU A C   1 
ATOM   83  O  O   . GLU A 1 13 ? 6.503   3.632   1.923   1.00 12.99 ? 13  GLU A O   1 
ATOM   84  C  CB  . GLU A 1 13 ? 8.595   1.621   0.520   1.00 15.26 ? 13  GLU A CB  1 
ATOM   85  C  CG  . GLU A 1 13 ? 8.898   0.159   0.229   1.00 17.74 ? 13  GLU A CG  1 
ATOM   86  C  CD  . GLU A 1 13 ? 10.371  -0.198  0.431   1.00 22.03 ? 13  GLU A CD  1 
ATOM   87  O  OE1 . GLU A 1 13 ? 10.646  -1.302  0.975   1.00 24.95 ? 13  GLU A OE1 1 
ATOM   88  O  OE2 . GLU A 1 13 ? 11.252  0.622   0.051   1.00 23.21 ? 13  GLU A OE2 1 
ATOM   89  N  N   . GLN A 1 14 ? 7.253   4.346   -0.072  1.00 12.33 ? 14  GLN A N   1 
ATOM   90  C  CA  . GLN A 1 14 ? 6.958   5.762   0.236   1.00 12.88 ? 14  GLN A CA  1 
ATOM   91  C  C   . GLN A 1 14 ? 5.463   6.044   0.249   1.00 13.01 ? 14  GLN A C   1 
ATOM   92  O  O   . GLN A 1 14 ? 4.939   6.641   1.207   1.00 13.20 ? 14  GLN A O   1 
ATOM   93  C  CB  . GLN A 1 14 ? 7.619   6.734   -0.734  1.00 12.28 ? 14  GLN A CB  1 
ATOM   94  C  CG  . GLN A 1 14 ? 9.076   6.904   -0.516  1.00 17.40 ? 14  GLN A CG  1 
ATOM   95  C  CD  . GLN A 1 14 ? 9.805   7.260   -1.795  1.00 22.01 ? 14  GLN A CD  1 
ATOM   96  O  OE1 . GLN A 1 14 ? 9.761   8.402   -2.239  1.00 24.29 ? 14  GLN A OE1 1 
ATOM   97  N  NE2 . GLN A 1 14 ? 10.483  6.272   -2.397  1.00 25.63 ? 14  GLN A NE2 1 
ATOM   98  N  N   . LYS A 1 15 ? 4.766   5.628   -0.798  1.00 14.11 ? 15  LYS A N   1 
ATOM   99  C  CA  . LYS A 1 15 ? 3.293   5.849   -0.863  1.00 14.86 ? 15  LYS A CA  1 
ATOM   100 C  C   . LYS A 1 15 ? 2.575   5.501   0.402   1.00 14.06 ? 15  LYS A C   1 
ATOM   101 O  O   . LYS A 1 15 ? 1.736   6.270   0.850   1.00 13.69 ? 15  LYS A O   1 
ATOM   102 C  CB  . LYS A 1 15 ? 2.600   5.048   -1.988  1.00 15.26 ? 15  LYS A CB  1 
ATOM   103 C  CG  . LYS A 1 15 ? 3.254   5.126   -3.370  1.00 18.85 ? 15  LYS A CG  1 
ATOM   104 C  CD  . LYS A 1 15 ? 2.788   6.300   -4.252  1.00 24.33 ? 15  LYS A CD  1 
ATOM   105 C  CE  . LYS A 1 15 ? 3.843   6.550   -5.387  1.00 26.35 ? 15  LYS A CE  1 
ATOM   106 N  NZ  . LYS A 1 15 ? 3.583   5.758   -6.628  1.00 28.21 ? 15  LYS A NZ  1 
ATOM   107 N  N   . CYS A 1 16 ? 2.855   4.325   0.942   1.00 13.67 ? 16  CYS A N   1 
ATOM   108 C  CA  . CYS A 1 16 ? 2.075   3.780   2.064   1.00 13.76 ? 16  CYS A CA  1 
ATOM   109 C  C   . CYS A 1 16 ? 2.855   3.737   3.374   1.00 14.08 ? 16  CYS A C   1 
ATOM   110 O  O   . CYS A 1 16 ? 2.603   2.888   4.227   1.00 13.94 ? 16  CYS A O   1 
ATOM   111 C  CB  . CYS A 1 16 ? 1.553   2.369   1.754   1.00 14.33 ? 16  CYS A CB  1 
ATOM   112 S  SG  . CYS A 1 16 ? 0.406   2.188   0.296   1.00 12.90 ? 16  CYS A SG  1 
ATOM   113 N  N   . ALA A 1 17 ? 3.798   4.669   3.501   1.00 14.13 ? 17  ALA A N   1 
ATOM   114 C  CA  . ALA A 1 17 ? 4.674   4.805   4.658   1.00 14.60 ? 17  ALA A CA  1 
ATOM   115 C  C   . ALA A 1 17 ? 3.945   4.881   6.027   1.00 14.85 ? 17  ALA A C   1 
ATOM   116 O  O   . ALA A 1 17 ? 4.396   4.236   6.987   1.00 14.45 ? 17  ALA A O   1 
ATOM   117 C  CB  . ALA A 1 17 ? 5.534   6.038   4.490   1.00 13.67 ? 17  ALA A CB  1 
ATOM   118 N  N   . ALA A 1 18 ? 2.856   5.670   6.105   1.00 15.54 ? 18  ALA A N   1 
ATOM   119 C  CA  . ALA A 1 18 ? 2.132   5.974   7.375   1.00 15.70 ? 18  ALA A CA  1 
ATOM   120 C  C   . ALA A 1 18 ? 0.720   5.466   7.318   1.00 15.90 ? 18  ALA A C   1 
ATOM   121 O  O   . ALA A 1 18 ? -0.069  5.699   8.212   1.00 16.13 ? 18  ALA A O   1 
ATOM   122 C  CB  . ALA A 1 18 ? 2.100   7.490   7.648   1.00 16.21 ? 18  ALA A CB  1 
ATOM   123 N  N   . CYS A 1 19 ? 0.422   4.785   6.224   1.00 15.89 ? 19  CYS A N   1 
ATOM   124 C  CA  . CYS A 1 19 ? -0.863  4.239   5.870   1.00 16.88 ? 19  CYS A CA  1 
ATOM   125 C  C   . CYS A 1 19 ? -1.545  3.459   7.035   1.00 16.08 ? 19  CYS A C   1 
ATOM   126 O  O   . CYS A 1 19 ? -2.632  3.835   7.532   1.00 14.49 ? 19  CYS A O   1 
ATOM   127 C  CB  . CYS A 1 19 ? -0.596  3.360   4.641   1.00 17.62 ? 19  CYS A CB  1 
ATOM   128 S  SG  . CYS A 1 19 ? -2.008  2.720   3.948   1.00 25.19 ? 19  CYS A SG  1 
ATOM   129 N  N   . GLU A 1 20 ? -0.896  2.409   7.525   1.00 15.69 ? 20  GLU A N   1 
ATOM   130 C  CA  . GLU A 1 20 ? -1.480  1.618   8.630   1.00 14.27 ? 20  GLU A CA  1 
ATOM   131 C  C   . GLU A 1 20 ? -1.690  2.440   9.922   1.00 14.21 ? 20  GLU A C   1 
ATOM   132 O  O   . GLU A 1 20 ? -2.643  2.225   10.653  1.00 13.15 ? 20  GLU A O   1 
ATOM   133 C  CB  . GLU A 1 20 ? -0.656  0.308   8.872   1.00 14.01 ? 20  GLU A CB  1 
ATOM   134 C  CG  . GLU A 1 20 ? -0.898  -0.815  7.839   1.00 12.75 ? 20  GLU A CG  1 
ATOM   135 C  CD  . GLU A 1 20 ? -0.856  -0.333  6.372   1.00 13.41 ? 20  GLU A CD  1 
ATOM   136 O  OE1 . GLU A 1 20 ? -1.834  -0.539  5.612   1.00 14.01 ? 20  GLU A OE1 1 
ATOM   137 O  OE2 . GLU A 1 20 ? 0.154   0.274   5.970   1.00 14.56 ? 20  GLU A OE2 1 
ATOM   138 N  N   . GLN A 1 21 ? -0.833  3.422   10.157  1.00 15.32 ? 21  GLN A N   1 
ATOM   139 C  CA  . GLN A 1 21 ? -0.860  4.230   11.390  1.00 15.84 ? 21  GLN A CA  1 
ATOM   140 C  C   . GLN A 1 21 ? -2.004  5.254   11.339  1.00 14.59 ? 21  GLN A C   1 
ATOM   141 O  O   . GLN A 1 21 ? -2.619  5.553   12.349  1.00 14.51 ? 21  GLN A O   1 
ATOM   142 C  CB  . GLN A 1 21 ? 0.479   4.944   11.603  1.00 16.12 ? 21  GLN A CB  1 
ATOM   143 C  CG  . GLN A 1 21 ? 1.556   4.056   12.188  1.00 20.04 ? 21  GLN A CG  1 
ATOM   144 C  CD  . GLN A 1 21 ? 2.935   4.729   12.227  1.00 26.17 ? 21  GLN A CD  1 
ATOM   145 O  OE1 . GLN A 1 21 ? 3.072   5.880   12.635  1.00 30.91 ? 21  GLN A OE1 1 
ATOM   146 N  NE2 . GLN A 1 21 ? 3.968   3.993   11.810  1.00 28.17 ? 21  GLN A NE2 1 
ATOM   147 N  N   . LYS A 1 22 ? -2.285  5.781   10.157  1.00 13.37 ? 22  LYS A N   1 
ATOM   148 C  CA  . LYS A 1 22 ? -3.371  6.740   9.964   1.00 12.76 ? 22  LYS A CA  1 
ATOM   149 C  C   . LYS A 1 22 ? -4.702  6.049   10.021  1.00 12.39 ? 22  LYS A C   1 
ATOM   150 O  O   . LYS A 1 22 ? -5.645  6.563   10.623  1.00 11.97 ? 22  LYS A O   1 
ATOM   151 C  CB  . LYS A 1 22 ? -3.234  7.440   8.635   1.00 13.53 ? 22  LYS A CB  1 
ATOM   152 C  CG  . LYS A 1 22 ? -2.126  8.494   8.582   1.00 15.79 ? 22  LYS A CG  1 
ATOM   153 C  CD  . LYS A 1 22 ? -2.337  9.364   7.328   1.00 20.25 ? 22  LYS A CD  1 
ATOM   154 C  CE  . LYS A 1 22 ? -1.673  10.722  7.466   1.00 21.15 ? 22  LYS A CE  1 
ATOM   155 N  NZ  . LYS A 1 22 ? -2.284  11.638  6.496   1.00 24.37 ? 22  LYS A NZ  1 
ATOM   156 N  N   . ILE A 1 23 ? -4.785  4.861   9.442   1.00 11.09 ? 23  ILE A N   1 
ATOM   157 C  CA  . ILE A 1 23 ? -5.990  4.038   9.548   1.00 11.46 ? 23  ILE A CA  1 
ATOM   158 C  C   . ILE A 1 23 ? -6.303  3.684   11.038  1.00 12.59 ? 23  ILE A C   1 
ATOM   159 O  O   . ILE A 1 23 ? -7.432  3.876   11.492  1.00 13.45 ? 23  ILE A O   1 
ATOM   160 C  CB  . ILE A 1 23 ? -5.881  2.772   8.667   1.00 10.98 ? 23  ILE A CB  1 
ATOM   161 C  CG1 . ILE A 1 23 ? -6.004  3.138   7.176   1.00 10.56 ? 23  ILE A CG1 1 
ATOM   162 C  CG2 . ILE A 1 23 ? -6.860  1.661   9.108   1.00 9.84  ? 23  ILE A CG2 1 
ATOM   163 C  CD1 . ILE A 1 23 ? -5.274  2.159   6.226   1.00 13.54 ? 23  ILE A CD1 1 
ATOM   164 N  N   . ALA A 1 24 ? -5.301  3.200   11.784  1.00 11.85 ? 24  ALA A N   1 
ATOM   165 C  CA  . ALA A 1 24 ? -5.465  2.878   13.186  1.00 11.73 ? 24  ALA A CA  1 
ATOM   166 C  C   . ALA A 1 24 ? -5.946  4.099   13.949  1.00 11.75 ? 24  ALA A C   1 
ATOM   167 O  O   . ALA A 1 24 ? -6.805  4.002   14.816  1.00 12.57 ? 24  ALA A O   1 
ATOM   168 C  CB  . ALA A 1 24 ? -4.113  2.350   13.795  1.00 10.72 ? 24  ALA A CB  1 
ATOM   169 N  N   . ALA A 1 25 ? -5.379  5.255   13.662  1.00 12.12 ? 25  ALA A N   1 
ATOM   170 C  CA  . ALA A 1 25 ? -5.759  6.440   14.391  1.00 13.26 ? 25  ALA A CA  1 
ATOM   171 C  C   . ALA A 1 25 ? -7.203  6.842   14.085  1.00 13.94 ? 25  ALA A C   1 
ATOM   172 O  O   . ALA A 1 25 ? -8.002  7.205   15.007  1.00 13.13 ? 25  ALA A O   1 
ATOM   173 C  CB  . ALA A 1 25 ? -4.794  7.589   14.086  1.00 13.61 ? 25  ALA A CB  1 
ATOM   174 N  N   . LEU A 1 26 ? -7.565  6.753   12.810  1.00 14.78 ? 26  LEU A N   1 
ATOM   175 C  CA  . LEU A 1 26 ? -8.944  7.063   12.412  1.00 15.67 ? 26  LEU A CA  1 
ATOM   176 C  C   . LEU A 1 26 ? -9.923  6.132   13.055  1.00 16.26 ? 26  LEU A C   1 
ATOM   177 O  O   . LEU A 1 26 ? -11.018 6.533   13.420  1.00 17.81 ? 26  LEU A O   1 
ATOM   178 C  CB  . LEU A 1 26 ? -9.127  7.036   10.909  1.00 15.33 ? 26  LEU A CB  1 
ATOM   179 C  CG  . LEU A 1 26 ? -8.539  8.202   10.109  1.00 17.90 ? 26  LEU A CG  1 
ATOM   180 C  CD1 . LEU A 1 26 ? -8.193  7.703   8.724   1.00 16.58 ? 26  LEU A CD1 1 
ATOM   181 C  CD2 . LEU A 1 26 ? -9.507  9.359   10.014  1.00 19.52 ? 26  LEU A CD2 1 
ATOM   182 N  N   . GLU A 1 27 ? -9.541  4.886   13.190  1.00 17.19 ? 27  GLU A N   1 
ATOM   183 C  CA  . GLU A 1 27 ? -10.376 3.950   13.882  1.00 18.46 ? 27  GLU A CA  1 
ATOM   184 C  C   . GLU A 1 27 ? -10.368 4.304   15.360  1.00 18.91 ? 27  GLU A C   1 
ATOM   185 O  O   . GLU A 1 27 ? -11.325 3.995   16.017  1.00 20.16 ? 27  GLU A O   1 
ATOM   186 C  CB  . GLU A 1 27 ? -9.871  2.536   13.688  1.00 19.16 ? 27  GLU A CB  1 
ATOM   187 C  CG  . GLU A 1 27 ? -10.131 1.978   12.301  1.00 22.18 ? 27  GLU A CG  1 
ATOM   188 C  CD  . GLU A 1 27 ? -9.553  0.606   12.160  1.00 28.22 ? 27  GLU A CD  1 
ATOM   189 O  OE1 . GLU A 1 27 ? -10.125 -0.219  11.434  1.00 32.32 ? 27  GLU A OE1 1 
ATOM   190 O  OE2 . GLU A 1 27 ? -8.513  0.335   12.797  1.00 31.77 ? 27  GLU A OE2 1 
ATOM   191 N  N   . ALA B 1 4  ? 16.821  -9.055  -0.981  1.00 23.95 ? 4   ALA B N   1 
ATOM   192 C  CA  . ALA B 1 4  ? 16.067  -9.414  -2.172  1.00 23.28 ? 4   ALA B CA  1 
ATOM   193 C  C   . ALA B 1 4  ? 14.858  -8.498  -2.268  1.00 23.40 ? 4   ALA B C   1 
ATOM   194 O  O   . ALA B 1 4  ? 14.304  -7.971  -1.274  1.00 23.59 ? 4   ALA B O   1 
ATOM   195 C  CB  . ALA B 1 4  ? 15.628  -10.881 -2.152  1.00 22.62 ? 4   ALA B CB  1 
ATOM   196 N  N   . LEU B 1 5  ? 14.471  -8.329  -3.512  1.00 23.38 ? 5   LEU B N   1 
ATOM   197 C  CA  . LEU B 1 5  ? 13.251  -7.690  -3.920  1.00 23.10 ? 5   LEU B CA  1 
ATOM   198 C  C   . LEU B 1 5  ? 12.035  -8.510  -3.532  1.00 22.69 ? 5   LEU B C   1 
ATOM   199 O  O   . LEU B 1 5  ? 11.024  -7.914  -3.129  1.00 21.57 ? 5   LEU B O   1 
ATOM   200 C  CB  . LEU B 1 5  ? 13.261  -7.525  -5.432  1.00 24.11 ? 5   LEU B CB  1 
ATOM   201 C  CG  . LEU B 1 5  ? 14.150  -6.490  -6.089  1.00 25.99 ? 5   LEU B CG  1 
ATOM   202 C  CD1 . LEU B 1 5  ? 13.584  -6.285  -7.501  1.00 28.66 ? 5   LEU B CD1 1 
ATOM   203 C  CD2 . LEU B 1 5  ? 14.157  -5.180  -5.348  1.00 28.37 ? 5   LEU B CD2 1 
ATOM   204 N  N   . GLU B 1 6  ? 12.122  -9.844  -3.644  1.00 21.68 ? 6   GLU B N   1 
ATOM   205 C  CA  . GLU B 1 6  ? 11.011  -10.719 -3.250  1.00 22.83 ? 6   GLU B CA  1 
ATOM   206 C  C   . GLU B 1 6  ? 10.616  -10.399 -1.807  1.00 21.77 ? 6   GLU B C   1 
ATOM   207 O  O   . GLU B 1 6  ? 9.462   -10.445 -1.465  1.00 20.81 ? 6   GLU B O   1 
ATOM   208 C  CB  . GLU B 1 6  ? 11.302  -12.246 -3.355  1.00 23.27 ? 6   GLU B CB  1 
ATOM   209 C  CG  . GLU B 1 6  ? 11.933  -12.807 -4.664  1.00 27.99 ? 6   GLU B CG  1 
ATOM   210 C  CD  . GLU B 1 6  ? 12.013  -14.388 -4.710  1.00 32.09 ? 6   GLU B CD  1 
ATOM   211 O  OE1 . GLU B 1 6  ? 11.881  -14.985 -5.829  1.00 33.26 ? 6   GLU B OE1 1 
ATOM   212 O  OE2 . GLU B 1 6  ? 12.203  -15.034 -3.634  1.00 33.34 ? 6   GLU B OE2 1 
ATOM   213 N  N   . GLN B 1 7  ? 11.596  -10.105 -0.963  1.00 21.49 ? 7   GLN B N   1 
ATOM   214 C  CA  . GLN B 1 7  ? 11.343  -9.872  0.463   1.00 20.78 ? 7   GLN B CA  1 
ATOM   215 C  C   . GLN B 1 7  ? 10.771  -8.519  0.764   1.00 19.61 ? 7   GLN B C   1 
ATOM   216 O  O   . GLN B 1 7  ? 10.013  -8.371  1.708   1.00 19.03 ? 7   GLN B O   1 
ATOM   217 C  CB  . GLN B 1 7  ? 12.603  -10.061 1.275   1.00 21.94 ? 7   GLN B CB  1 
ATOM   218 C  CG  . GLN B 1 7  ? 12.605  -11.415 1.917   1.00 27.24 ? 7   GLN B CG  1 
ATOM   219 C  CD  . GLN B 1 7  ? 13.873  -12.127 1.693   1.00 33.03 ? 7   GLN B CD  1 
ATOM   220 O  OE1 . GLN B 1 7  ? 14.936  -11.503 1.655   1.00 36.51 ? 7   GLN B OE1 1 
ATOM   221 N  NE2 . GLN B 1 7  ? 13.798  -13.460 1.537   1.00 35.76 ? 7   GLN B NE2 1 
ATOM   222 N  N   . LYS B 1 8  ? 11.128  -7.538  -0.051  1.00 17.80 ? 8   LYS B N   1 
ATOM   223 C  CA  . LYS B 1 8  ? 10.589  -6.230  0.046   1.00 17.24 ? 8   LYS B CA  1 
ATOM   224 C  C   . LYS B 1 8  ? 9.124   -6.209  -0.379  1.00 16.77 ? 8   LYS B C   1 
ATOM   225 O  O   . LYS B 1 8  ? 8.286   -5.560  0.261   1.00 16.73 ? 8   LYS B O   1 
ATOM   226 C  CB  . LYS B 1 8  ? 11.412  -5.293  -0.810  1.00 17.17 ? 8   LYS B CB  1 
ATOM   227 C  CG  . LYS B 1 8  ? 12.128  -4.315  0.050   1.00 19.22 ? 8   LYS B CG  1 
ATOM   228 C  CD  . LYS B 1 8  ? 13.247  -3.540  -0.631  1.00 25.56 ? 8   LYS B CD  1 
ATOM   229 C  CE  . LYS B 1 8  ? 13.791  -2.477  0.343   1.00 27.63 ? 8   LYS B CE  1 
ATOM   230 N  NZ  . LYS B 1 8  ? 15.243  -2.260  0.177   1.00 29.39 ? 8   LYS B NZ  1 
ATOM   231 N  N   . ILE B 1 9  ? 8.801   -6.917  -1.456  1.00 16.00 ? 9   ILE B N   1 
ATOM   232 C  CA  . ILE B 1 9  ? 7.405   -6.996  -1.885  1.00 16.34 ? 9   ILE B CA  1 
ATOM   233 C  C   . ILE B 1 9  ? 6.540   -7.690  -0.837  1.00 16.17 ? 9   ILE B C   1 
ATOM   234 O  O   . ILE B 1 9  ? 5.465   -7.205  -0.471  1.00 14.89 ? 9   ILE B O   1 
ATOM   235 C  CB  . ILE B 1 9  ? 7.243   -7.690  -3.257  1.00 16.59 ? 9   ILE B CB  1 
ATOM   236 C  CG1 . ILE B 1 9  ? 8.111   -7.026  -4.310  1.00 17.50 ? 9   ILE B CG1 1 
ATOM   237 C  CG2 . ILE B 1 9  ? 5.807   -7.573  -3.746  1.00 17.12 ? 9   ILE B CG2 1 
ATOM   238 C  CD1 . ILE B 1 9  ? 8.547   -7.999  -5.441  1.00 19.77 ? 9   ILE B CD1 1 
ATOM   239 N  N   . ALA B 1 10 ? 7.019   -8.836  -0.364  1.00 17.22 ? 10  ALA B N   1 
ATOM   240 C  CA  . ALA B 1 10 ? 6.369   -9.575  0.735   1.00 17.95 ? 10  ALA B CA  1 
ATOM   241 C  C   . ALA B 1 10 ? 6.072   -8.674  1.990   1.00 17.72 ? 10  ALA B C   1 
ATOM   242 O  O   . ALA B 1 10 ? 4.988   -8.727  2.560   1.00 17.66 ? 10  ALA B O   1 
ATOM   243 C  CB  . ALA B 1 10 ? 7.223   -10.805 1.116   1.00 18.26 ? 10  ALA B CB  1 
ATOM   244 N  N   . ALA B 1 11 ? 7.019   -7.818  2.364   1.00 17.10 ? 11  ALA B N   1 
ATOM   245 C  CA  . ALA B 1 11 ? 6.839   -6.934  3.505   1.00 16.40 ? 11  ALA B CA  1 
ATOM   246 C  C   . ALA B 1 11 ? 5.698   -5.955  3.265   1.00 15.99 ? 11  ALA B C   1 
ATOM   247 O  O   . ALA B 1 11 ? 4.920   -5.712  4.167   1.00 14.63 ? 11  ALA B O   1 
ATOM   248 C  CB  . ALA B 1 11 ? 8.142   -6.165  3.830   1.00 16.12 ? 11  ALA B CB  1 
ATOM   249 N  N   . LEU B 1 12 ? 5.586   -5.413  2.053   1.00 16.64 ? 12  LEU B N   1 
ATOM   250 C  CA  . LEU B 1 12 ? 4.485   -4.466  1.753   1.00 17.19 ? 12  LEU B CA  1 
ATOM   251 C  C   . LEU B 1 12 ? 3.163   -5.204  1.714   1.00 17.11 ? 12  LEU B C   1 
ATOM   252 O  O   . LEU B 1 12 ? 2.122   -4.654  2.151   1.00 17.88 ? 12  LEU B O   1 
ATOM   253 C  CB  . LEU B 1 12 ? 4.674   -3.757  0.417   1.00 18.06 ? 12  LEU B CB  1 
ATOM   254 C  CG  . LEU B 1 12 ? 5.952   -3.008  0.113   1.00 19.44 ? 12  LEU B CG  1 
ATOM   255 C  CD1 . LEU B 1 12 ? 5.721   -2.007  -1.028  1.00 20.65 ? 12  LEU B CD1 1 
ATOM   256 C  CD2 . LEU B 1 12 ? 6.416   -2.331  1.382   1.00 21.79 ? 12  LEU B CD2 1 
ATOM   257 N  N   . GLU B 1 13 ? 3.205   -6.439  1.205   1.00 16.38 ? 13  GLU B N   1 
ATOM   258 C  CA  . GLU B 1 13 ? 2.017   -7.292  1.068   1.00 17.23 ? 13  GLU B CA  1 
ATOM   259 C  C   . GLU B 1 13 ? 1.477   -7.564  2.453   1.00 16.16 ? 13  GLU B C   1 
ATOM   260 O  O   . GLU B 1 13 ? 0.263   -7.599  2.673   1.00 16.02 ? 13  GLU B O   1 
ATOM   261 C  CB  . GLU B 1 13 ? 2.336   -8.644  0.408   1.00 17.48 ? 13  GLU B CB  1 
ATOM   262 C  CG  . GLU B 1 13 ? 2.326   -8.675  -1.109  1.00 20.75 ? 13  GLU B CG  1 
ATOM   263 C  CD  . GLU B 1 13 ? 2.629   -10.080 -1.666  1.00 25.96 ? 13  GLU B CD  1 
ATOM   264 O  OE1 . GLU B 1 13 ? 2.578   -10.258 -2.896  1.00 26.37 ? 13  GLU B OE1 1 
ATOM   265 O  OE2 . GLU B 1 13 ? 2.931   -11.011 -0.872  1.00 30.02 ? 13  GLU B OE2 1 
ATOM   266 N  N   . GLN B 1 14 ? 2.362   -7.773  3.403   1.00 15.25 ? 14  GLN B N   1 
ATOM   267 C  CA  . GLN B 1 14 ? 1.895   -7.999  4.756   1.00 15.00 ? 14  GLN B CA  1 
ATOM   268 C  C   . GLN B 1 14 ? 1.416   -6.663  5.316   1.00 14.72 ? 14  GLN B C   1 
ATOM   269 O  O   . GLN B 1 14 ? 0.308   -6.590  5.852   1.00 15.63 ? 14  GLN B O   1 
ATOM   270 C  CB  . GLN B 1 14 ? 2.977   -8.676  5.606   1.00 16.24 ? 14  GLN B CB  1 
ATOM   271 C  CG  . GLN B 1 14 ? 3.322   -10.089 5.037   1.00 18.75 ? 14  GLN B CG  1 
ATOM   272 C  CD  . GLN B 1 14 ? 4.753   -10.531 5.309   1.00 23.39 ? 14  GLN B CD  1 
ATOM   273 O  OE1 . GLN B 1 14 ? 5.257   -10.419 6.421   1.00 25.60 ? 14  GLN B OE1 1 
ATOM   274 N  NE2 . GLN B 1 14 ? 5.409   -11.051 4.283   1.00 25.20 ? 14  GLN B NE2 1 
ATOM   275 N  N   . LYS B 1 15 ? 2.222   -5.610  5.159   1.00 13.75 ? 15  LYS B N   1 
ATOM   276 C  CA  . LYS B 1 15 ? 1.908   -4.327  5.717   1.00 14.35 ? 15  LYS B CA  1 
ATOM   277 C  C   . LYS B 1 15 ? 0.511   -3.847  5.321   1.00 14.42 ? 15  LYS B C   1 
ATOM   278 O  O   . LYS B 1 15 ? -0.236  -3.372  6.178   1.00 14.21 ? 15  LYS B O   1 
ATOM   279 C  CB  . LYS B 1 15 ? 2.932   -3.278  5.297   1.00 14.87 ? 15  LYS B CB  1 
ATOM   280 C  CG  . LYS B 1 15 ? 2.662   -1.951  5.952   1.00 14.75 ? 15  LYS B CG  1 
ATOM   281 C  CD  . LYS B 1 15 ? 3.771   -0.977  5.674   1.00 20.03 ? 15  LYS B CD  1 
ATOM   282 C  CE  . LYS B 1 15 ? 3.225   0.435   5.672   1.00 21.37 ? 15  LYS B CE  1 
ATOM   283 N  NZ  . LYS B 1 15 ? 4.290   1.443   5.987   1.00 21.54 ? 15  LYS B NZ  1 
ATOM   284 N  N   . CYS B 1 16 ? 0.169   -3.969  4.037   1.00 13.55 ? 16  CYS B N   1 
ATOM   285 C  CA  . CYS B 1 16 ? -1.099  -3.464  3.541   1.00 13.79 ? 16  CYS B CA  1 
ATOM   286 C  C   . CYS B 1 16 ? -2.093  -4.615  3.292   1.00 14.24 ? 16  CYS B C   1 
ATOM   287 O  O   . CYS B 1 16 ? -2.933  -4.542  2.417   1.00 13.77 ? 16  CYS B O   1 
ATOM   288 C  CB  . CYS B 1 16 ? -0.866  -2.634  2.266   1.00 12.91 ? 16  CYS B CB  1 
ATOM   289 S  SG  . CYS B 1 16 ? 0.114   -1.057  2.512   1.00 13.96 ? 16  CYS B SG  1 
ATOM   290 N  N   . ALA B 1 17 ? -1.946  -5.694  4.048   1.00 15.26 ? 17  ALA B N   1 
ATOM   291 C  CA  . ALA B 1 17 ? -2.868  -6.844  3.988   1.00 16.48 ? 17  ALA B CA  1 
ATOM   292 C  C   . ALA B 1 17 ? -4.364  -6.538  4.104   1.00 16.35 ? 17  ALA B C   1 
ATOM   293 O  O   . ALA B 1 17 ? -5.147  -7.128  3.378   1.00 17.84 ? 17  ALA B O   1 
ATOM   294 C  CB  . ALA B 1 17 ? -2.510  -7.834  5.018   1.00 15.72 ? 17  ALA B CB  1 
ATOM   295 N  N   . ALA B 1 18 ? -4.790  -5.681  5.039   1.00 17.02 ? 18  ALA B N   1 
ATOM   296 C  CA  . ALA B 1 18 ? -6.224  -5.410  5.201   1.00 16.83 ? 18  ALA B CA  1 
ATOM   297 C  C   . ALA B 1 18 ? -6.590  -3.926  5.142   1.00 16.74 ? 18  ALA B C   1 
ATOM   298 O  O   . ALA B 1 18 ? -7.684  -3.565  5.587   1.00 16.43 ? 18  ALA B O   1 
ATOM   299 C  CB  . ALA B 1 18 ? -6.749  -6.034  6.562   1.00 16.23 ? 18  ALA B CB  1 
ATOM   300 N  N   . CYS B 1 19 ? -5.713  -3.069  4.616   1.00 16.42 ? 19  CYS B N   1 
ATOM   301 C  CA  . CYS B 1 19 ? -6.053  -1.666  4.607   1.00 16.60 ? 19  CYS B CA  1 
ATOM   302 C  C   . CYS B 1 19 ? -7.161  -1.228  3.676   1.00 15.25 ? 19  CYS B C   1 
ATOM   303 O  O   . CYS B 1 19 ? -7.954  -0.391  4.076   1.00 15.54 ? 19  CYS B O   1 
ATOM   304 C  CB  . CYS B 1 19 ? -4.871  -0.736  4.538   1.00 17.71 ? 19  CYS B CB  1 
ATOM   305 S  SG  . CYS B 1 19 ? -4.057  -0.477  3.006   1.00 23.57 ? 19  CYS B SG  1 
ATOM   306 N  N   . GLU B 1 20 ? -7.272  -1.795  2.485   1.00 13.20 ? 20  GLU B N   1 
ATOM   307 C  CA  . GLU B 1 20 ? -8.479  -1.544  1.660   1.00 12.90 ? 20  GLU B CA  1 
ATOM   308 C  C   . GLU B 1 20 ? -9.812  -1.882  2.385   1.00 12.83 ? 20  GLU B C   1 
ATOM   309 O  O   . GLU B 1 20 ? -10.716 -1.043  2.504   1.00 11.40 ? 20  GLU B O   1 
ATOM   310 C  CB  . GLU B 1 20 ? -8.365  -2.243  0.293   1.00 12.24 ? 20  GLU B CB  1 
ATOM   311 C  CG  . GLU B 1 20 ? -7.552  -1.430  -0.742  1.00 13.65 ? 20  GLU B CG  1 
ATOM   312 C  CD  . GLU B 1 20 ? -6.133  -0.980  -0.229  1.00 13.51 ? 20  GLU B CD  1 
ATOM   313 O  OE1 . GLU B 1 20 ? -5.844  0.253   -0.225  1.00 16.53 ? 20  GLU B OE1 1 
ATOM   314 O  OE2 . GLU B 1 20 ? -5.307  -1.828  0.181   1.00 14.17 ? 20  GLU B OE2 1 
ATOM   315 N  N   . GLN B 1 21 ? -9.886  -3.067  2.965   1.00 13.65 ? 21  GLN B N   1 
ATOM   316 C  CA  . GLN B 1 21 ? -11.004 -3.451  3.843   1.00 14.06 ? 21  GLN B CA  1 
ATOM   317 C  C   . GLN B 1 21 ? -11.312 -2.542  5.021   1.00 13.50 ? 21  GLN B C   1 
ATOM   318 O  O   . GLN B 1 21 ? -12.503 -2.272  5.293   1.00 12.40 ? 21  GLN B O   1 
ATOM   319 C  CB  . GLN B 1 21 ? -10.770 -4.837  4.429   1.00 14.60 ? 21  GLN B CB  1 
ATOM   320 C  CG  . GLN B 1 21 ? -11.332 -5.913  3.563   1.00 20.05 ? 21  GLN B CG  1 
ATOM   321 C  CD  . GLN B 1 21 ? -10.629 -7.219  3.807   1.00 26.75 ? 21  GLN B CD  1 
ATOM   322 O  OE1 . GLN B 1 21 ? -11.237 -8.163  4.338   1.00 31.72 ? 21  GLN B OE1 1 
ATOM   323 N  NE2 . GLN B 1 21 ? -9.322  -7.291  3.437   1.00 27.80 ? 21  GLN B NE2 1 
ATOM   324 N  N   . LYS B 1 22 ? -10.265 -2.140  5.745   1.00 12.92 ? 22  LYS B N   1 
ATOM   325 C  CA  . LYS B 1 22 ? -10.411 -1.227  6.886   1.00 13.39 ? 22  LYS B CA  1 
ATOM   326 C  C   . LYS B 1 22 ? -10.847 0.172   6.542   1.00 12.64 ? 22  LYS B C   1 
ATOM   327 O  O   . LYS B 1 22 ? -11.691 0.708   7.219   1.00 11.19 ? 22  LYS B O   1 
ATOM   328 C  CB  . LYS B 1 22 ? -9.146  -1.191  7.720   1.00 14.56 ? 22  LYS B CB  1 
ATOM   329 C  CG  . LYS B 1 22 ? -9.044  -2.457  8.571   1.00 17.41 ? 22  LYS B CG  1 
ATOM   330 C  CD  . LYS B 1 22 ? -7.648  -2.710  9.170   1.00 20.17 ? 22  LYS B CD  1 
ATOM   331 C  CE  . LYS B 1 22 ? -7.549  -2.292  10.629  1.00 23.19 ? 22  LYS B CE  1 
ATOM   332 N  NZ  . LYS B 1 22 ? -8.667  -2.796  11.485  1.00 25.94 ? 22  LYS B NZ  1 
ATOM   333 N  N   . ILE B 1 23 ? -10.278 0.746   5.481   1.00 12.57 ? 23  ILE B N   1 
ATOM   334 C  CA  . ILE B 1 23 ? -10.754 2.005   4.875   1.00 12.81 ? 23  ILE B CA  1 
ATOM   335 C  C   . ILE B 1 23 ? -12.229 1.904   4.397   1.00 12.43 ? 23  ILE B C   1 
ATOM   336 O  O   . ILE B 1 23 ? -13.017 2.784   4.642   1.00 12.66 ? 23  ILE B O   1 
ATOM   337 C  CB  . ILE B 1 23 ? -9.844  2.443   3.688   1.00 12.57 ? 23  ILE B CB  1 
ATOM   338 C  CG1 . ILE B 1 23 ? -8.391  2.688   4.140   1.00 12.32 ? 23  ILE B CG1 1 
ATOM   339 C  CG2 . ILE B 1 23 ? -10.326 3.728   3.082   1.00 12.16 ? 23  ILE B CG2 1 
ATOM   340 C  CD1 . ILE B 1 23 ? -7.339  2.774   2.942   1.00 12.92 ? 23  ILE B CD1 1 
ATOM   341 N  N   . ALA B 1 24 ? -12.582 0.833   3.713   1.00 12.73 ? 24  ALA B N   1 
ATOM   342 C  CA  . ALA B 1 24 ? -13.956 0.569   3.277   1.00 13.16 ? 24  ALA B CA  1 
ATOM   343 C  C   . ALA B 1 24 ? -14.929 0.488   4.454   1.00 13.66 ? 24  ALA B C   1 
ATOM   344 O  O   . ALA B 1 24 ? -16.054 1.036   4.367   1.00 13.97 ? 24  ALA B O   1 
ATOM   345 C  CB  . ALA B 1 24 ? -14.013 -0.694  2.461   1.00 12.34 ? 24  ALA B CB  1 
ATOM   346 N  N   . ALA B 1 25 ? -14.509 -0.183  5.527   1.00 12.99 ? 25  ALA B N   1 
ATOM   347 C  CA  . ALA B 1 25 ? -15.267 -0.230  6.785   1.00 14.63 ? 25  ALA B CA  1 
ATOM   348 C  C   . ALA B 1 25 ? -15.445 1.174   7.416   1.00 15.69 ? 25  ALA B C   1 
ATOM   349 O  O   . ALA B 1 25 ? -16.575 1.546   7.734   1.00 15.72 ? 25  ALA B O   1 
ATOM   350 C  CB  . ALA B 1 25 ? -14.622 -1.265  7.810   1.00 15.07 ? 25  ALA B CB  1 
ATOM   351 N  N   . LEU B 1 26 ? -14.364 1.960   7.573   1.00 16.30 ? 26  LEU B N   1 
ATOM   352 C  CA  . LEU B 1 26 ? -14.475 3.381   8.005   1.00 17.06 ? 26  LEU B CA  1 
ATOM   353 C  C   . LEU B 1 26 ? -15.411 4.181   7.140   1.00 17.58 ? 26  LEU B C   1 
ATOM   354 O  O   . LEU B 1 26 ? -16.247 4.930   7.662   1.00 18.60 ? 26  LEU B O   1 
ATOM   355 C  CB  . LEU B 1 26 ? -13.109 4.062   8.064   1.00 16.71 ? 26  LEU B CB  1 
ATOM   356 C  CG  . LEU B 1 26 ? -12.181 3.559   9.181   1.00 18.42 ? 26  LEU B CG  1 
ATOM   357 C  CD1 . LEU B 1 26 ? -10.674 3.761   8.872   1.00 13.97 ? 26  LEU B CD1 1 
ATOM   358 C  CD2 . LEU B 1 26 ? -12.564 4.174   10.551  1.00 21.94 ? 26  LEU B CD2 1 
ATOM   359 N  N   . GLU B 1 27 ? -15.320 3.998   5.828   1.00 18.08 ? 27  GLU B N   1 
ATOM   360 C  CA  . GLU B 1 27 ? -16.266 4.621   4.916   1.00 19.08 ? 27  GLU B CA  1 
ATOM   361 C  C   . GLU B 1 27 ? -17.700 4.144   5.110   1.00 19.04 ? 27  GLU B C   1 
ATOM   362 O  O   . GLU B 1 27 ? -18.595 5.018   5.155   1.00 20.40 ? 27  GLU B O   1 
ATOM   363 C  CB  . GLU B 1 27 ? -15.861 4.455   3.446   1.00 19.49 ? 27  GLU B CB  1 
ATOM   364 C  CG  . GLU B 1 27 ? -14.598 5.265   3.036   1.00 20.92 ? 27  GLU B CG  1 
ATOM   365 C  CD  . GLU B 1 27 ? -14.137 4.979   1.633   1.00 24.60 ? 27  GLU B CD  1 
ATOM   366 O  OE1 . GLU B 1 27 ? -13.427 5.829   1.039   1.00 27.58 ? 27  GLU B OE1 1 
ATOM   367 O  OE2 . GLU B 1 27 ? -14.494 3.915   1.105   1.00 25.21 ? 27  GLU B OE2 1 
ATOM   368 N  N   . ALA C 1 3  ? 9.046   -11.084 -12.296 1.00 22.42 ? 3   ALA C N   1 
ATOM   369 C  CA  . ALA C 1 3  ? 8.328   -12.095 -13.151 1.00 22.50 ? 3   ALA C CA  1 
ATOM   370 C  C   . ALA C 1 3  ? 6.986   -12.415 -12.470 1.00 21.51 ? 3   ALA C C   1 
ATOM   371 O  O   . ALA C 1 3  ? 5.968   -11.837 -12.768 1.00 20.13 ? 3   ALA C O   1 
ATOM   372 C  CB  . ALA C 1 3  ? 9.156   -13.333 -13.252 1.00 22.80 ? 3   ALA C CB  1 
ATOM   373 N  N   . ALA C 1 4  ? 7.027   -13.356 -11.539 1.00 21.15 ? 4   ALA C N   1 
ATOM   374 C  CA  . ALA C 1 4  ? 6.034   -13.461 -10.475 1.00 20.26 ? 4   ALA C CA  1 
ATOM   375 C  C   . ALA C 1 4  ? 6.110   -12.142 -9.768  1.00 19.46 ? 4   ALA C C   1 
ATOM   376 O  O   . ALA C 1 4  ? 5.076   -11.522 -9.404  1.00 18.88 ? 4   ALA C O   1 
ATOM   377 C  CB  . ALA C 1 4  ? 6.410   -14.576 -9.501  1.00 20.20 ? 4   ALA C CB  1 
ATOM   378 N  N   . LEU C 1 5  ? 7.335   -11.696 -9.597  1.00 18.08 ? 5   LEU C N   1 
ATOM   379 C  CA  . LEU C 1 5  ? 7.593   -10.474 -8.861  1.00 18.63 ? 5   LEU C CA  1 
ATOM   380 C  C   . LEU C 1 5  ? 6.939   -9.193  -9.441  1.00 18.87 ? 5   LEU C C   1 
ATOM   381 O  O   . LEU C 1 5  ? 6.328   -8.434  -8.714  1.00 17.92 ? 5   LEU C O   1 
ATOM   382 C  CB  . LEU C 1 5  ? 9.095   -10.320 -8.725  1.00 19.17 ? 5   LEU C CB  1 
ATOM   383 C  CG  . LEU C 1 5  ? 9.783   -11.370 -7.851  1.00 21.01 ? 5   LEU C CG  1 
ATOM   384 C  CD1 . LEU C 1 5  ? 11.193  -10.845 -7.572  1.00 24.14 ? 5   LEU C CD1 1 
ATOM   385 C  CD2 . LEU C 1 5  ? 9.057   -11.674 -6.514  1.00 23.27 ? 5   LEU C CD2 1 
ATOM   386 N  N   . GLU C 1 6  ? 7.094   -8.971  -10.743 1.00 19.04 ? 6   GLU C N   1 
ATOM   387 C  CA  . GLU C 1 6  ? 6.485   -7.867  -11.463 1.00 20.40 ? 6   GLU C CA  1 
ATOM   388 C  C   . GLU C 1 6  ? 4.963   -7.810  -11.309 1.00 19.22 ? 6   GLU C C   1 
ATOM   389 O  O   . GLU C 1 6  ? 4.381   -6.746  -11.206 1.00 19.06 ? 6   GLU C O   1 
ATOM   390 C  CB  . GLU C 1 6  ? 6.838   -7.959  -12.951 1.00 21.27 ? 6   GLU C CB  1 
ATOM   391 C  CG  . GLU C 1 6  ? 8.358   -7.813  -13.298 1.00 27.99 ? 6   GLU C CG  1 
ATOM   392 C  CD  . GLU C 1 6  ? 8.646   -6.744  -14.390 1.00 35.58 ? 6   GLU C CD  1 
ATOM   393 O  OE1 . GLU C 1 6  ? 9.624   -6.887  -15.166 1.00 40.22 ? 6   GLU C OE1 1 
ATOM   394 O  OE2 . GLU C 1 6  ? 7.895   -5.752  -14.475 1.00 39.09 ? 6   GLU C OE2 1 
ATOM   395 N  N   . GLN C 1 7  ? 4.343   -8.974  -11.293 1.00 19.66 ? 7   GLN C N   1 
ATOM   396 C  CA  . GLN C 1 7  ? 2.911   -9.124  -11.155 1.00 19.82 ? 7   GLN C CA  1 
ATOM   397 C  C   . GLN C 1 7  ? 2.457   -8.791  -9.739  1.00 18.46 ? 7   GLN C C   1 
ATOM   398 O  O   . GLN C 1 7  ? 1.439   -8.102  -9.559  1.00 16.03 ? 7   GLN C O   1 
ATOM   399 C  CB  . GLN C 1 7  ? 2.532   -10.566 -11.445 1.00 21.40 ? 7   GLN C CB  1 
ATOM   400 C  CG  . GLN C 1 7  ? 1.033   -10.702 -11.474 1.00 27.72 ? 7   GLN C CG  1 
ATOM   401 C  CD  . GLN C 1 7  ? 0.534   -9.686  -12.425 1.00 34.86 ? 7   GLN C CD  1 
ATOM   402 O  OE1 . GLN C 1 7  ? -0.506  -9.018  -12.233 1.00 36.10 ? 7   GLN C OE1 1 
ATOM   403 N  NE2 . GLN C 1 7  ? 1.342   -9.495  -13.478 1.00 38.30 ? 7   GLN C NE2 1 
ATOM   404 N  N   . LYS C 1 8  ? 3.219   -9.281  -8.752  1.00 17.06 ? 8   LYS C N   1 
ATOM   405 C  CA  . LYS C 1 8  ? 2.907   -9.028  -7.342  1.00 16.84 ? 8   LYS C CA  1 
ATOM   406 C  C   . LYS C 1 8  ? 3.065   -7.548  -7.072  1.00 17.05 ? 8   LYS C C   1 
ATOM   407 O  O   . LYS C 1 8  ? 2.321   -6.985  -6.266  1.00 17.88 ? 8   LYS C O   1 
ATOM   408 C  CB  . LYS C 1 8  ? 3.832   -9.828  -6.431  1.00 15.49 ? 8   LYS C CB  1 
ATOM   409 C  CG  . LYS C 1 8  ? 3.406   -11.299 -6.256  1.00 16.83 ? 8   LYS C CG  1 
ATOM   410 C  CD  . LYS C 1 8  ? 4.399   -12.171 -5.465  1.00 20.76 ? 8   LYS C CD  1 
ATOM   411 C  CE  . LYS C 1 8  ? 3.597   -13.271 -4.765  1.00 22.24 ? 8   LYS C CE  1 
ATOM   412 N  NZ  . LYS C 1 8  ? 4.471   -14.375 -4.320  1.00 23.21 ? 8   LYS C NZ  1 
ATOM   413 N  N   . ILE C 1 9  ? 4.026   -6.902  -7.747  1.00 17.24 ? 9   ILE C N   1 
ATOM   414 C  CA  . ILE C 1 9  ? 4.153   -5.430  -7.687  1.00 17.54 ? 9   ILE C CA  1 
ATOM   415 C  C   . ILE C 1 9  ? 2.981   -4.688  -8.352  1.00 17.66 ? 9   ILE C C   1 
ATOM   416 O  O   . ILE C 1 9  ? 2.439   -3.724  -7.787  1.00 16.93 ? 9   ILE C O   1 
ATOM   417 C  CB  . ILE C 1 9  ? 5.490   -4.934  -8.234  1.00 17.47 ? 9   ILE C CB  1 
ATOM   418 C  CG1 . ILE C 1 9  ? 6.628   -5.285  -7.255  1.00 20.22 ? 9   ILE C CG1 1 
ATOM   419 C  CG2 . ILE C 1 9  ? 5.496   -3.416  -8.408  1.00 17.23 ? 9   ILE C CG2 1 
ATOM   420 C  CD1 . ILE C 1 9  ? 8.098   -4.976  -7.820  1.00 22.59 ? 9   ILE C CD1 1 
ATOM   421 N  N   . ALA C 1 10 ? 2.556   -5.150  -9.525  1.00 17.55 ? 10  ALA C N   1 
ATOM   422 C  CA  . ALA C 1 10 ? 1.417   -4.499  -10.209 1.00 17.45 ? 10  ALA C CA  1 
ATOM   423 C  C   . ALA C 1 10 ? 0.104   -4.583  -9.388  1.00 17.25 ? 10  ALA C C   1 
ATOM   424 O  O   . ALA C 1 10 ? -0.665  -3.617  -9.336  1.00 17.12 ? 10  ALA C O   1 
ATOM   425 C  CB  . ALA C 1 10 ? 1.241   -5.101  -11.618 1.00 17.51 ? 10  ALA C CB  1 
ATOM   426 N  N   . ALA C 1 11 ? -0.101  -5.739  -8.740  1.00 15.85 ? 11  ALA C N   1 
ATOM   427 C  CA  . ALA C 1 11 ? -1.297  -6.060  -7.971  1.00 16.08 ? 11  ALA C CA  1 
ATOM   428 C  C   . ALA C 1 11 ? -1.361  -5.148  -6.766  1.00 15.15 ? 11  ALA C C   1 
ATOM   429 O  O   . ALA C 1 11 ? -2.434  -4.773  -6.343  1.00 15.36 ? 11  ALA C O   1 
ATOM   430 C  CB  . ALA C 1 11 ? -1.256  -7.487  -7.526  1.00 14.95 ? 11  ALA C CB  1 
ATOM   431 N  N   . LEU C 1 12 ? -0.201  -4.800  -6.230  1.00 14.98 ? 12  LEU C N   1 
ATOM   432 C  CA  . LEU C 1 12 ? -0.097  -3.927  -5.055  1.00 14.92 ? 12  LEU C CA  1 
ATOM   433 C  C   . LEU C 1 12 ? -0.360  -2.497  -5.453  1.00 14.84 ? 12  LEU C C   1 
ATOM   434 O  O   . LEU C 1 12 ? -1.063  -1.768  -4.691  1.00 14.66 ? 12  LEU C O   1 
ATOM   435 C  CB  . LEU C 1 12 ? 1.300   -4.030  -4.384  1.00 15.56 ? 12  LEU C CB  1 
ATOM   436 C  CG  . LEU C 1 12 ? 1.493   -5.111  -3.307  1.00 17.70 ? 12  LEU C CG  1 
ATOM   437 C  CD1 . LEU C 1 12 ? 2.998   -5.420  -2.985  1.00 17.57 ? 12  LEU C CD1 1 
ATOM   438 C  CD2 . LEU C 1 12 ? 0.745   -4.715  -2.039  1.00 18.79 ? 12  LEU C CD2 1 
ATOM   439 N  N   . GLU C 1 13 ? 0.175   -2.115  -6.633  1.00 14.75 ? 13  GLU C N   1 
ATOM   440 C  CA  . GLU C 1 13 ? -0.014  -0.777  -7.224  1.00 15.63 ? 13  GLU C CA  1 
ATOM   441 C  C   . GLU C 1 13 ? -1.478  -0.507  -7.431  1.00 15.52 ? 13  GLU C C   1 
ATOM   442 O  O   . GLU C 1 13 ? -1.968  0.586   -7.120  1.00 16.26 ? 13  GLU C O   1 
ATOM   443 C  CB  . GLU C 1 13 ? 0.707   -0.618  -8.560  1.00 16.02 ? 13  GLU C CB  1 
ATOM   444 C  CG  . GLU C 1 13 ? 2.232   -0.702  -8.402  1.00 19.27 ? 13  GLU C CG  1 
ATOM   445 C  CD  . GLU C 1 13 ? 3.002   -0.515  -9.703  1.00 22.52 ? 13  GLU C CD  1 
ATOM   446 O  OE1 . GLU C 1 13 ? 4.107   0.065   -9.638  1.00 23.25 ? 13  GLU C OE1 1 
ATOM   447 O  OE2 . GLU C 1 13 ? 2.527   -0.936  -10.791 1.00 25.51 ? 13  GLU C OE2 1 
ATOM   448 N  N   . GLN C 1 14 ? -2.171  -1.503  -7.954  1.00 15.47 ? 14  GLN C N   1 
ATOM   449 C  CA  . GLN C 1 14 ? -3.630  -1.406  -8.181  1.00 16.14 ? 14  GLN C CA  1 
ATOM   450 C  C   . GLN C 1 14 ? -4.418  -1.364  -6.851  1.00 16.38 ? 14  GLN C C   1 
ATOM   451 O  O   . GLN C 1 14 ? -5.185  -0.414  -6.617  1.00 16.09 ? 14  GLN C O   1 
ATOM   452 C  CB  . GLN C 1 14 ? -4.120  -2.511  -9.129  1.00 16.47 ? 14  GLN C CB  1 
ATOM   453 C  CG  . GLN C 1 14 ? -3.475  -2.404  -10.541 1.00 20.84 ? 14  GLN C CG  1 
ATOM   454 C  CD  . GLN C 1 14 ? -3.197  -3.749  -11.251 1.00 25.67 ? 14  GLN C CD  1 
ATOM   455 O  OE1 . GLN C 1 14 ? -3.974  -4.701  -11.161 1.00 30.09 ? 14  GLN C OE1 1 
ATOM   456 N  NE2 . GLN C 1 14 ? -2.082  -3.812  -11.970 1.00 27.44 ? 14  GLN C NE2 1 
ATOM   457 N  N   . LYS C 1 15 ? -4.169  -2.333  -5.978  1.00 15.94 ? 15  LYS C N   1 
ATOM   458 C  CA  . LYS C 1 15 ? -4.823  -2.451  -4.661  1.00 17.18 ? 15  LYS C CA  1 
ATOM   459 C  C   . LYS C 1 15 ? -4.790  -1.179  -3.864  1.00 16.71 ? 15  LYS C C   1 
ATOM   460 O  O   . LYS C 1 15 ? -5.815  -0.793  -3.286  1.00 17.95 ? 15  LYS C O   1 
ATOM   461 C  CB  . LYS C 1 15 ? -4.175  -3.570  -3.830  1.00 17.71 ? 15  LYS C CB  1 
ATOM   462 C  CG  . LYS C 1 15 ? -4.938  -3.991  -2.603  1.00 20.03 ? 15  LYS C CG  1 
ATOM   463 C  CD  . LYS C 1 15 ? -4.299  -5.246  -2.008  1.00 26.12 ? 15  LYS C CD  1 
ATOM   464 C  CE  . LYS C 1 15 ? -4.346  -5.263  -0.474  1.00 30.45 ? 15  LYS C CE  1 
ATOM   465 N  NZ  . LYS C 1 15 ? -4.136  -6.651  0.071   1.00 33.25 ? 15  LYS C NZ  1 
ATOM   466 N  N   . CYS C 1 16 ? -3.622  -0.548  -3.794  1.00 15.89 ? 16  CYS C N   1 
ATOM   467 C  CA  . CYS C 1 16 ? -3.467  0.678   -3.030  1.00 15.86 ? 16  CYS C CA  1 
ATOM   468 C  C   . CYS C 1 16 ? -3.463  1.921   -3.916  1.00 16.29 ? 16  CYS C C   1 
ATOM   469 O  O   . CYS C 1 16 ? -2.907  2.930   -3.541  1.00 16.73 ? 16  CYS C O   1 
ATOM   470 C  CB  . CYS C 1 16 ? -2.183  0.617   -2.177  1.00 15.47 ? 16  CYS C CB  1 
ATOM   471 S  SG  . CYS C 1 16 ? -2.112  -0.742  -0.922  1.00 13.01 ? 16  CYS C SG  1 
ATOM   472 N  N   . ALA C 1 17 ? -4.036  1.821   -5.116  1.00 16.85 ? 17  ALA C N   1 
ATOM   473 C  CA  . ALA C 1 17 ? -4.181  2.956   -6.023  1.00 17.65 ? 17  ALA C CA  1 
ATOM   474 C  C   . ALA C 1 17 ? -4.734  4.244   -5.362  1.00 17.45 ? 17  ALA C C   1 
ATOM   475 O  O   . ALA C 1 17 ? -4.205  5.371   -5.574  1.00 17.20 ? 17  ALA C O   1 
ATOM   476 C  CB  . ALA C 1 17 ? -5.099  2.535   -7.208  1.00 18.00 ? 17  ALA C CB  1 
ATOM   477 N  N   . ALA C 1 18 ? -5.801  4.065   -4.588  1.00 17.34 ? 18  ALA C N   1 
ATOM   478 C  CA  . ALA C 1 18 ? -6.586  5.183   -4.022  1.00 17.07 ? 18  ALA C CA  1 
ATOM   479 C  C   . ALA C 1 18 ? -6.547  5.260   -2.477  1.00 16.97 ? 18  ALA C C   1 
ATOM   480 O  O   . ALA C 1 18 ? -7.203  6.059   -1.862  1.00 16.39 ? 18  ALA C O   1 
ATOM   481 C  CB  . ALA C 1 18 ? -8.029  5.093   -4.531  1.00 17.61 ? 18  ALA C CB  1 
ATOM   482 N  N   . CYS C 1 19 ? -5.703  4.419   -1.894  1.00 16.98 ? 19  CYS C N   1 
ATOM   483 C  CA  . CYS C 1 19 ? -5.457  4.254   -0.501  1.00 16.92 ? 19  CYS C CA  1 
ATOM   484 C  C   . CYS C 1 19 ? -5.247  5.552   0.250   1.00 15.77 ? 19  CYS C C   1 
ATOM   485 O  O   . CYS C 1 19 ? -5.993  5.905   1.130   1.00 15.79 ? 19  CYS C O   1 
ATOM   486 C  CB  . CYS C 1 19 ? -4.175  3.432   -0.485  1.00 18.30 ? 19  CYS C CB  1 
ATOM   487 S  SG  . CYS C 1 19 ? -3.902  2.644   0.947   1.00 25.92 ? 19  CYS C SG  1 
ATOM   488 N  N   . GLU C 1 20 ? -4.209  6.271   -0.109  1.00 14.89 ? 20  GLU C N   1 
ATOM   489 C  CA  . GLU C 1 20 ? -3.873  7.541   0.496   1.00 14.36 ? 20  GLU C CA  1 
ATOM   490 C  C   . GLU C 1 20 ? -4.929  8.655   0.307   1.00 14.62 ? 20  GLU C C   1 
ATOM   491 O  O   . GLU C 1 20 ? -5.113  9.482   1.185   1.00 12.75 ? 20  GLU C O   1 
ATOM   492 C  CB  . GLU C 1 20 ? -2.501  8.008   -0.052  1.00 14.20 ? 20  GLU C CB  1 
ATOM   493 C  CG  . GLU C 1 20 ? -1.317  7.472   0.748   1.00 13.21 ? 20  GLU C CG  1 
ATOM   494 C  CD  . GLU C 1 20 ? -1.399  5.997   0.870   1.00 14.77 ? 20  GLU C CD  1 
ATOM   495 O  OE1 . GLU C 1 20 ? -1.508  5.348   -0.195  1.00 16.76 ? 20  GLU C OE1 1 
ATOM   496 O  OE2 . GLU C 1 20 ? -1.342  5.472   2.011   1.00 16.94 ? 20  GLU C OE2 1 
ATOM   497 N  N   . GLN C 1 21 ? -5.591  8.679   -0.842  1.00 15.54 ? 21  GLN C N   1 
ATOM   498 C  CA  . GLN C 1 21 ? -6.568  9.743   -1.090  1.00 16.64 ? 21  GLN C CA  1 
ATOM   499 C  C   . GLN C 1 21 ? -7.842  9.537   -0.304  1.00 16.20 ? 21  GLN C C   1 
ATOM   500 O  O   . GLN C 1 21 ? -8.462  10.518  0.104   1.00 16.14 ? 21  GLN C O   1 
ATOM   501 C  CB  . GLN C 1 21 ? -6.853  10.022  -2.598  1.00 18.49 ? 21  GLN C CB  1 
ATOM   502 C  CG  . GLN C 1 21 ? -6.560  8.927   -3.595  1.00 23.09 ? 21  GLN C CG  1 
ATOM   503 C  CD  . GLN C 1 21 ? -6.006  9.482   -4.939  1.00 28.03 ? 21  GLN C CD  1 
ATOM   504 O  OE1 . GLN C 1 21 ? -6.694  10.237  -5.664  1.00 29.69 ? 21  GLN C OE1 1 
ATOM   505 N  NE2 . GLN C 1 21 ? -4.759  9.111   -5.266  1.00 28.95 ? 21  GLN C NE2 1 
ATOM   506 N  N   . LYS C 1 22 ? -8.224  8.275   -0.091  1.00 15.13 ? 22  LYS C N   1 
ATOM   507 C  CA  . LYS C 1 22 ? -9.368  7.958   0.702   1.00 14.44 ? 22  LYS C CA  1 
ATOM   508 C  C   . LYS C 1 22 ? -9.161  8.151   2.162   1.00 13.47 ? 22  LYS C C   1 
ATOM   509 O  O   . LYS C 1 22 ? -10.075 8.568   2.845   1.00 12.99 ? 22  LYS C O   1 
ATOM   510 C  CB  . LYS C 1 22 ? -9.771  6.528   0.486   1.00 15.84 ? 22  LYS C CB  1 
ATOM   511 C  CG  . LYS C 1 22 ? -10.672 6.328   -0.687  1.00 20.35 ? 22  LYS C CG  1 
ATOM   512 C  CD  . LYS C 1 22 ? -10.389 4.976   -1.279  1.00 27.30 ? 22  LYS C CD  1 
ATOM   513 C  CE  . LYS C 1 22 ? -11.679 4.215   -1.649  1.00 32.82 ? 22  LYS C CE  1 
ATOM   514 N  NZ  . LYS C 1 22 ? -12.065 3.195   -0.600  1.00 36.39 ? 22  LYS C NZ  1 
ATOM   515 N  N   . ILE C 1 23 ? -7.988  7.785   2.658   1.00 12.63 ? 23  ILE C N   1 
ATOM   516 C  CA  . ILE C 1 23 ? -7.610  8.085   4.026   1.00 12.69 ? 23  ILE C CA  1 
ATOM   517 C  C   . ILE C 1 23 ? -7.682  9.611   4.235   1.00 12.97 ? 23  ILE C C   1 
ATOM   518 O  O   . ILE C 1 23 ? -8.281  10.058  5.191   1.00 14.11 ? 23  ILE C O   1 
ATOM   519 C  CB  . ILE C 1 23 ? -6.213  7.526   4.387   1.00 12.31 ? 23  ILE C CB  1 
ATOM   520 C  CG1 . ILE C 1 23 ? -6.251  6.011   4.545   1.00 10.39 ? 23  ILE C CG1 1 
ATOM   521 C  CG2 . ILE C 1 23 ? -5.719  8.057   5.712   1.00 12.07 ? 23  ILE C CG2 1 
ATOM   522 C  CD1 . ILE C 1 23 ? -4.792  5.334   4.575   1.00 10.93 ? 23  ILE C CD1 1 
ATOM   523 N  N   . ALA C 1 24 ? -7.092  10.399  3.341   1.00 12.98 ? 24  ALA C N   1 
ATOM   524 C  CA  . ALA C 1 24 ? -7.155  11.870  3.459   1.00 13.46 ? 24  ALA C CA  1 
ATOM   525 C  C   . ALA C 1 24 ? -8.600  12.427  3.439   1.00 13.63 ? 24  ALA C C   1 
ATOM   526 O  O   . ALA C 1 24 ? -8.926  13.326  4.222   1.00 14.05 ? 24  ALA C O   1 
ATOM   527 C  CB  . ALA C 1 24 ? -6.297  12.526  2.379   1.00 12.85 ? 24  ALA C CB  1 
ATOM   528 N  N   . ALA C 1 25 ? -9.449  11.894  2.557   1.00 13.61 ? 25  ALA C N   1 
ATOM   529 C  CA  . ALA C 1 25 ? -10.853 12.287  2.502   1.00 14.95 ? 25  ALA C CA  1 
ATOM   530 C  C   . ALA C 1 25 ? -11.511 11.978  3.837   1.00 15.53 ? 25  ALA C C   1 
ATOM   531 O  O   . ALA C 1 25 ? -12.258 12.804  4.386   1.00 15.01 ? 25  ALA C O   1 
ATOM   532 C  CB  . ALA C 1 25 ? -11.584 11.578  1.346   1.00 14.59 ? 25  ALA C CB  1 
ATOM   533 N  N   . LEU C 1 26 ? -11.190 10.815  4.388   1.00 16.66 ? 26  LEU C N   1 
ATOM   534 C  CA  . LEU C 1 26 ? -11.703 10.450  5.709   1.00 16.86 ? 26  LEU C CA  1 
ATOM   535 C  C   . LEU C 1 26 ? -11.239 11.399  6.785   1.00 17.69 ? 26  LEU C C   1 
ATOM   536 O  O   . LEU C 1 26 ? -12.022 11.781  7.654   1.00 17.83 ? 26  LEU C O   1 
ATOM   537 C  CB  . LEU C 1 26 ? -11.327 9.017   6.062   1.00 16.73 ? 26  LEU C CB  1 
ATOM   538 C  CG  . LEU C 1 26 ? -12.308 7.837   6.118   1.00 17.74 ? 26  LEU C CG  1 
ATOM   539 C  CD1 . LEU C 1 26 ? -13.643 7.993   5.411   1.00 19.46 ? 26  LEU C CD1 1 
ATOM   540 C  CD2 . LEU C 1 26 ? -11.582 6.556   5.745   1.00 16.47 ? 26  LEU C CD2 1 
ATOM   541 N  N   . GLU C 1 27 ? -9.987  11.820  6.707   1.00 19.17 ? 27  GLU C N   1 
ATOM   542 C  CA  . GLU C 1 27 ? -9.443  12.767  7.664   1.00 20.77 ? 27  GLU C CA  1 
ATOM   543 C  C   . GLU C 1 27 ? -10.149 14.123  7.554   1.00 21.47 ? 27  GLU C C   1 
ATOM   544 O  O   . GLU C 1 27 ? -10.588 14.693  8.564   1.00 22.27 ? 27  GLU C O   1 
ATOM   545 C  CB  . GLU C 1 27 ? -7.916  12.898  7.494   1.00 21.26 ? 27  GLU C CB  1 
ATOM   546 C  CG  . GLU C 1 27 ? -7.185  11.547  7.701   1.00 23.30 ? 27  GLU C CG  1 
ATOM   547 C  CD  . GLU C 1 27 ? -5.674  11.669  7.833   1.00 28.00 ? 27  GLU C CD  1 
ATOM   548 O  OE1 . GLU C 1 27 ? -5.093  10.999  8.696   1.00 31.32 ? 27  GLU C OE1 1 
ATOM   549 O  OE2 . GLU C 1 27 ? -5.043  12.430  7.083   1.00 31.43 ? 27  GLU C OE2 1 
ATOM   550 N  N   . GLN C 1 28 ? -10.292 14.608  6.329   1.00 21.74 ? 28  GLN C N   1 
ATOM   551 C  CA  . GLN C 1 28 ? -10.927 15.889  6.045   1.00 23.08 ? 28  GLN C CA  1 
ATOM   552 C  C   . GLN C 1 28 ? -12.420 15.939  6.463   1.00 23.63 ? 28  GLN C C   1 
ATOM   553 O  O   . GLN C 1 28 ? -12.904 16.988  6.886   1.00 24.01 ? 28  GLN C O   1 
ATOM   554 C  CB  . GLN C 1 28 ? -10.755 16.242  4.552   1.00 22.64 ? 28  GLN C CB  1 
ATOM   555 C  CG  . GLN C 1 28 ? -9.418  16.884  4.223   1.00 25.70 ? 28  GLN C CG  1 
ATOM   556 C  CD  . GLN C 1 28 ? -8.999  16.751  2.727   1.00 28.11 ? 28  GLN C CD  1 
ATOM   557 O  OE1 . GLN C 1 28 ? -9.584  17.392  1.806   1.00 26.91 ? 28  GLN C OE1 1 
ATOM   558 N  NE2 . GLN C 1 28 ? -7.954  15.937  2.491   1.00 30.24 ? 28  GLN C NE2 1 
ATOM   559 N  N   . LYS C 1 29 ? -13.137 14.826  6.326   1.00 24.39 ? 29  LYS C N   1 
ATOM   560 C  CA  . LYS C 1 29 ? -14.574 14.731  6.676   1.00 25.39 ? 29  LYS C CA  1 
ATOM   561 C  C   . LYS C 1 29 ? -14.790 14.051  8.031   1.00 25.61 ? 29  LYS C C   1 
ATOM   562 O  O   . LYS C 1 29 ? -14.583 14.649  9.091   1.00 26.70 ? 29  LYS C O   1 
ATOM   563 C  CB  . LYS C 1 29 ? -15.326 13.919  5.619   1.00 25.52 ? 29  LYS C CB  1 
ATOM   564 C  CG  . LYS C 1 29 ? -15.204 14.420  4.210   1.00 25.37 ? 29  LYS C CG  1 
ATOM   565 C  CD  . LYS C 1 29 ? -15.379 13.260  3.251   1.00 27.97 ? 29  LYS C CD  1 
ATOM   566 C  CE  . LYS C 1 29 ? -14.941 13.663  1.848   1.00 32.07 ? 29  LYS C CE  1 
ATOM   567 N  NZ  . LYS C 1 29 ? -14.811 12.548  0.818   1.00 33.16 ? 29  LYS C NZ  1 
HETATM 568 CD CD  . CD  D 2 .  ? -1.598  0.258   3.885   1.00 12.65 ? 101 CD  A CD  1 
HETATM 569 CD CD  . CD  E 2 .  ? 0.007   -0.139  0.244   1.00 13.35 ? 102 CD  A CD  1 
HETATM 570 CD CD  . CD  F 2 .  ? -3.977  0.192   0.700   1.00 13.13 ? 101 CD  B CD  1 
HETATM 571 CD CD  . CD  G 2 .  ? -1.626  3.328   1.452   1.00 13.38 ? 101 CD  C CD  1 
HETATM 572 O  O   . HOH H 3 .  ? 2.075   2.844   8.629   1.00 14.02 ? 201 HOH A O   1 
HETATM 573 O  O   . HOH H 3 .  ? 1.834   -1.226  -0.989  1.00 8.86  ? 202 HOH A O   1 
HETATM 574 O  O   . HOH I 3 .  ? -8.437  1.564   -0.741  1.00 24.43 ? 201 HOH B O   1 
HETATM 575 O  O   . HOH I 3 .  ? -7.949  -5.174  2.150   1.00 14.02 ? 202 HOH B O   1 
HETATM 576 O  O   . HOH I 3 .  ? -12.793 8.130   1.635   1.00 20.52 ? 203 HOH B O   1 
HETATM 577 O  O   . HOH J 3 .  ? -4.217  7.393   -3.219  1.00 20.07 ? 201 HOH C O   1 
HETATM 578 O  O   . HOH J 3 .  ? -10.504 20.066  2.180   1.00 19.60 ? 202 HOH C O   1 
HETATM 579 O  O   . HOH J 3 .  ? -1.313  -13.464 -13.225 0.50 17.02 ? 203 HOH C O   1 
HETATM 580 O  O   . HOH J 3 .  ? -7.198  1.482   -2.968  1.00 37.91 ? 204 HOH C O   1 
HETATM 581 O  O   . HOH J 3 .  ? 4.471   -10.237 -15.035 1.00 20.26 ? 205 HOH C O   1 
# 
loop_
_atom_site_anisotrop.id 
_atom_site_anisotrop.type_symbol 
_atom_site_anisotrop.pdbx_label_atom_id 
_atom_site_anisotrop.pdbx_label_alt_id 
_atom_site_anisotrop.pdbx_label_comp_id 
_atom_site_anisotrop.pdbx_label_asym_id 
_atom_site_anisotrop.pdbx_label_seq_id 
_atom_site_anisotrop.pdbx_PDB_ins_code 
_atom_site_anisotrop.U[1][1] 
_atom_site_anisotrop.U[2][2] 
_atom_site_anisotrop.U[3][3] 
_atom_site_anisotrop.U[1][2] 
_atom_site_anisotrop.U[1][3] 
_atom_site_anisotrop.U[2][3] 
_atom_site_anisotrop.pdbx_auth_seq_id 
_atom_site_anisotrop.pdbx_auth_comp_id 
_atom_site_anisotrop.pdbx_auth_asym_id 
_atom_site_anisotrop.pdbx_auth_atom_id 
1   N  N   . ILE A 2  ? 0.2633 0.3167 0.2662 0.0052  0.0370  -0.0434 2   ILE A N   
2   C  CA  . ILE A 2  ? 0.2593 0.3056 0.2804 0.0261  0.0216  -0.0389 2   ILE A CA  
3   C  C   . ILE A 2  ? 0.2593 0.3010 0.2842 0.0289  0.0153  -0.0312 2   ILE A C   
4   O  O   . ILE A 2  ? 0.2778 0.3016 0.2836 0.0444  0.0053  -0.0365 2   ILE A O   
5   C  CB  . ILE A 2  ? 0.2559 0.3093 0.2799 0.0240  0.0304  -0.0446 2   ILE A CB  
6   C  CG1 . ILE A 2  ? 0.2508 0.3179 0.3008 0.0241  0.0250  -0.0397 2   ILE A CG1 
7   C  CG2 . ILE A 2  ? 0.2344 0.2896 0.2819 0.0529  0.0326  -0.0572 2   ILE A CG2 
8   C  CD1 . ILE A 2  ? 0.2818 0.3321 0.2618 0.0288  0.0567  -0.0523 2   ILE A CD1 
9   N  N   . ALA A 3  ? 0.2390 0.2919 0.2949 0.0296  0.0164  -0.0284 3   ALA A N   
10  C  CA  . ALA A 3  ? 0.2361 0.2884 0.2908 0.0328  0.0088  -0.0237 3   ALA A CA  
11  C  C   . ALA A 3  ? 0.2402 0.2921 0.2853 0.0244  0.0064  -0.0222 3   ALA A C   
12  O  O   . ALA A 3  ? 0.2420 0.2790 0.2869 0.0265  -0.0039 -0.0258 3   ALA A O   
13  C  CB  . ALA A 3  ? 0.2091 0.2786 0.3004 0.0443  0.0070  -0.0163 3   ALA A CB  
14  N  N   . ALA A 4  ? 0.2424 0.2906 0.2700 0.0183  0.0040  -0.0226 4   ALA A N   
15  C  CA  . ALA A 4  ? 0.2425 0.2867 0.2674 0.0223  0.0087  -0.0272 4   ALA A CA  
16  C  C   . ALA A 4  ? 0.2426 0.2872 0.2642 0.0169  0.0064  -0.0215 4   ALA A C   
17  O  O   . ALA A 4  ? 0.2643 0.2965 0.2644 -0.0013 0.0090  -0.0258 4   ALA A O   
18  C  CB  . ALA A 4  ? 0.2295 0.2939 0.2536 0.0287  0.0129  -0.0254 4   ALA A CB  
19  N  N   . LEU A 5  ? 0.2409 0.2978 0.2693 0.0208  0.0008  -0.0222 5   LEU A N   
20  C  CA  . LEU A 5  ? 0.2434 0.2990 0.2820 0.0242  -0.0054 -0.0169 5   LEU A CA  
21  C  C   . LEU A 5  ? 0.2426 0.3010 0.2690 0.0261  -0.0028 -0.0089 5   LEU A C   
22  O  O   . LEU A 5  ? 0.2353 0.2902 0.2636 0.0297  -0.0063 -0.0055 5   LEU A O   
23  C  CB  . LEU A 5  ? 0.2625 0.3119 0.2979 0.0245  -0.0069 -0.0213 5   LEU A CB  
24  C  CG  . LEU A 5  ? 0.2761 0.3241 0.3444 0.0348  -0.0064 -0.0338 5   LEU A CG  
25  C  CD1 . LEU A 5  ? 0.3722 0.3060 0.3752 0.0422  -0.0145 -0.0380 5   LEU A CD1 
26  C  CD2 . LEU A 5  ? 0.2651 0.3520 0.4149 0.0118  0.0565  -0.0231 5   LEU A CD2 
27  N  N   . GLU A 6  ? 0.2388 0.2997 0.2660 0.0230  -0.0013 -0.0042 6   GLU A N   
28  C  CA  . GLU A 6  ? 0.2458 0.3088 0.2680 0.0222  0.0077  -0.0003 6   GLU A CA  
29  C  C   . GLU A 6  ? 0.2385 0.3015 0.2608 0.0287  0.0142  -0.0023 6   GLU A C   
30  O  O   . GLU A 6  ? 0.2305 0.2974 0.2495 0.0304  0.0182  -0.0015 6   GLU A O   
31  C  CB  . GLU A 6  ? 0.2383 0.3244 0.2814 0.0288  0.0112  0.0044  6   GLU A CB  
32  C  CG  . GLU A 6  ? 0.2898 0.4019 0.3155 0.0289  0.0033  0.0102  6   GLU A CG  
33  C  CD  . GLU A 6  ? 0.3031 0.5279 0.3416 0.0303  0.0028  0.0030  6   GLU A CD  
34  O  OE1 . GLU A 6  ? 0.2993 0.5469 0.3307 0.0412  -0.0068 0.0098  6   GLU A OE1 
35  O  OE2 . GLU A 6  ? 0.3967 0.5659 0.2992 0.0362  0.0251  -0.0208 6   GLU A OE2 
36  N  N   . GLN A 7  ? 0.2433 0.2893 0.2437 0.0325  0.0196  -0.0089 7   GLN A N   
37  C  CA  . GLN A 7  ? 0.2442 0.2729 0.2448 0.0376  0.0255  -0.0236 7   GLN A CA  
38  C  C   . GLN A 7  ? 0.2269 0.2592 0.2385 0.0353  0.0131  -0.0227 7   GLN A C   
39  O  O   . GLN A 7  ? 0.2061 0.2417 0.2179 0.0423  0.0218  -0.0249 7   GLN A O   
40  C  CB  . GLN A 7  ? 0.2748 0.2787 0.2487 0.0398  0.0261  -0.0330 7   GLN A CB  
41  C  CG  . GLN A 7  ? 0.3413 0.3247 0.3133 0.0544  0.0317  -0.0544 7   GLN A CG  
42  C  CD  . GLN A 7  ? 0.4177 0.3892 0.3718 0.0390  0.0598  -0.0703 7   GLN A CD  
43  O  OE1 . GLN A 7  ? 0.3903 0.4638 0.4360 0.0563  0.0796  -0.0894 7   GLN A OE1 
44  N  NE2 . GLN A 7  ? 0.4883 0.3968 0.4373 0.0458  0.0403  -0.0798 7   GLN A NE2 
45  N  N   . LYS A 8  ? 0.2042 0.2389 0.2248 0.0370  0.0173  -0.0228 8   LYS A N   
46  C  CA  . LYS A 8  ? 0.1741 0.2400 0.2286 0.0354  0.0040  -0.0232 8   LYS A CA  
47  C  C   . LYS A 8  ? 0.1664 0.2315 0.2144 0.0318  0.0064  -0.0193 8   LYS A C   
48  O  O   . LYS A 8  ? 0.1474 0.2411 0.2232 0.0316  -0.0091 -0.0138 8   LYS A O   
49  C  CB  . LYS A 8  ? 0.1663 0.2403 0.2221 0.0347  0.0059  -0.0297 8   LYS A CB  
50  C  CG  . LYS A 8  ? 0.1617 0.2599 0.2532 0.0507  -0.0162 -0.0329 8   LYS A CG  
51  C  CD  . LYS A 8  ? 0.1863 0.3033 0.2534 0.0441  -0.0528 -0.0629 8   LYS A CD  
52  C  CE  . LYS A 8  ? 0.2326 0.3373 0.2697 0.0312  -0.0764 -0.0704 8   LYS A CE  
53  N  NZ  . LYS A 8  ? 0.2632 0.3342 0.3145 0.0012  -0.1254 -0.0990 8   LYS A NZ  
54  N  N   . ILE A 9  ? 0.1449 0.2328 0.2028 0.0354  0.0096  -0.0213 9   ILE A N   
55  C  CA  . ILE A 9  ? 0.1811 0.2352 0.2056 0.0374  0.0047  -0.0148 9   ILE A CA  
56  C  C   . ILE A 9  ? 0.1739 0.2251 0.1910 0.0352  0.0018  -0.0128 9   ILE A C   
57  O  O   . ILE A 9  ? 0.1817 0.2237 0.1582 0.0366  0.0032  -0.0095 9   ILE A O   
58  C  CB  . ILE A 9  ? 0.1997 0.2401 0.2127 0.0330  0.0020  -0.0129 9   ILE A CB  
59  C  CG1 . ILE A 9  ? 0.2430 0.2553 0.2605 0.0423  0.0082  -0.0302 9   ILE A CG1 
60  C  CG2 . ILE A 9  ? 0.2088 0.2525 0.2122 0.0396  0.0258  -0.0183 9   ILE A CG2 
61  C  CD1 . ILE A 9  ? 0.2142 0.3397 0.3369 0.0360  0.0044  -0.0181 9   ILE A CD1 
62  N  N   . ALA A 10 ? 0.1562 0.2216 0.1799 0.0403  -0.0017 -0.0153 10  ALA A N   
63  C  CA  . ALA A 10 ? 0.1559 0.2215 0.1993 0.0330  -0.0007 -0.0146 10  ALA A CA  
64  C  C   . ALA A 10 ? 0.1434 0.2237 0.1922 0.0329  0.0021  -0.0161 10  ALA A C   
65  O  O   . ALA A 10 ? 0.1217 0.2285 0.2005 0.0386  0.0086  -0.0226 10  ALA A O   
66  C  CB  . ALA A 10 ? 0.1565 0.2284 0.1870 0.0308  0.0014  -0.0171 10  ALA A CB  
67  N  N   . ALA A 11 ? 0.1473 0.2166 0.1963 0.0383  0.0144  -0.0059 11  ALA A N   
68  C  CA  . ALA A 11 ? 0.1343 0.2129 0.2051 0.0430  0.0122  0.0031  11  ALA A CA  
69  C  C   . ALA A 11 ? 0.1403 0.2056 0.2112 0.0341  0.0111  0.0083  11  ALA A C   
70  O  O   . ALA A 11 ? 0.1200 0.2061 0.2189 0.0489  0.0205  0.0176  11  ALA A O   
71  C  CB  . ALA A 11 ? 0.1366 0.2029 0.2040 0.0446  0.0136  0.0007  11  ALA A CB  
72  N  N   . LEU A 12 ? 0.1233 0.1948 0.2147 0.0273  0.0004  0.0096  12  LEU A N   
73  C  CA  . LEU A 12 ? 0.1407 0.1963 0.2167 0.0162  0.0057  0.0066  12  LEU A CA  
74  C  C   . LEU A 12 ? 0.1298 0.1944 0.2143 0.0155  0.0061  0.0029  12  LEU A C   
75  O  O   . LEU A 12 ? 0.1024 0.2108 0.2082 -0.0042 0.0071  0.0119  12  LEU A O   
76  C  CB  . LEU A 12 ? 0.1460 0.2004 0.2264 0.0138  0.0060  0.0075  12  LEU A CB  
77  C  CG  . LEU A 12 ? 0.1432 0.2083 0.2436 0.0146  -0.0176 0.0105  12  LEU A CG  
78  C  CD1 . LEU A 12 ? 0.1738 0.2353 0.2446 0.0001  0.0095  0.0142  12  LEU A CD1 
79  C  CD2 . LEU A 12 ? 0.0907 0.2238 0.2367 -0.0302 -0.0189 0.0203  12  LEU A CD2 
80  N  N   . GLU A 13 ? 0.1195 0.2000 0.2136 0.0211  0.0114  -0.0022 13  GLU A N   
81  C  CA  . GLU A 13 ? 0.1128 0.1928 0.2210 0.0285  0.0152  -0.0030 13  GLU A CA  
82  C  C   . GLU A 13 ? 0.1091 0.1870 0.1982 0.0227  0.0124  -0.0017 13  GLU A C   
83  O  O   . GLU A 13 ? 0.1217 0.1681 0.2037 0.0350  0.0227  0.0014  13  GLU A O   
84  C  CB  . GLU A 13 ? 0.1277 0.1993 0.2526 0.0233  0.0160  -0.0003 13  GLU A CB  
85  C  CG  . GLU A 13 ? 0.1433 0.2158 0.3148 0.0590  0.0398  -0.0117 13  GLU A CG  
86  C  CD  . GLU A 13 ? 0.1732 0.2491 0.4146 0.0796  0.0592  -0.0140 13  GLU A CD  
87  O  OE1 . GLU A 13 ? 0.2161 0.2773 0.4546 0.0910  0.0600  0.0168  13  GLU A OE1 
88  O  OE2 . GLU A 13 ? 0.1950 0.2146 0.4720 0.0979  0.0661  -0.0401 13  GLU A OE2 
89  N  N   . GLN A 14 ? 0.0948 0.1944 0.1794 0.0180  0.0112  -0.0022 14  GLN A N   
90  C  CA  . GLN A 14 ? 0.1235 0.1974 0.1685 0.0056  0.0097  -0.0144 14  GLN A CA  
91  C  C   . GLN A 14 ? 0.1265 0.1961 0.1716 -0.0031 0.0054  -0.0157 14  GLN A C   
92  O  O   . GLN A 14 ? 0.1344 0.1819 0.1852 -0.0001 0.0068  -0.0195 14  GLN A O   
93  C  CB  . GLN A 14 ? 0.1026 0.1999 0.1641 0.0118  0.0140  -0.0126 14  GLN A CB  
94  C  CG  . GLN A 14 ? 0.1829 0.2682 0.2099 -0.0176 0.0121  -0.0131 14  GLN A CG  
95  C  CD  . GLN A 14 ? 0.2597 0.3099 0.2667 -0.0367 0.0464  0.0066  14  GLN A CD  
96  O  OE1 . GLN A 14 ? 0.3164 0.3253 0.2811 -0.0671 0.0345  0.0287  14  GLN A OE1 
97  N  NE2 . GLN A 14 ? 0.3163 0.3611 0.2962 -0.0502 0.0500  -0.0418 14  GLN A NE2 
98  N  N   . LYS A 15 ? 0.1448 0.2114 0.1798 -0.0107 -0.0054 -0.0211 15  LYS A N   
99  C  CA  . LYS A 15 ? 0.1584 0.2199 0.1861 -0.0065 -0.0004 -0.0266 15  LYS A CA  
100 C  C   . LYS A 15 ? 0.1399 0.2152 0.1790 -0.0135 -0.0016 -0.0318 15  LYS A C   
101 O  O   . LYS A 15 ? 0.1384 0.2059 0.1757 -0.0196 0.0059  -0.0528 15  LYS A O   
102 C  CB  . LYS A 15 ? 0.1766 0.2188 0.1844 -0.0171 -0.0056 -0.0252 15  LYS A CB  
103 C  CG  . LYS A 15 ? 0.2391 0.2614 0.2158 -0.0189 0.0222  -0.0183 15  LYS A CG  
104 C  CD  . LYS A 15 ? 0.3607 0.3354 0.2280 -0.0028 0.0466  0.0154  15  LYS A CD  
105 C  CE  . LYS A 15 ? 0.4115 0.3515 0.2379 -0.0206 0.0728  0.0081  15  LYS A CE  
106 N  NZ  . LYS A 15 ? 0.4428 0.3614 0.2677 -0.0027 0.0922  -0.0153 15  LYS A NZ  
107 N  N   . CYS A 16 ? 0.1307 0.2154 0.1731 -0.0030 0.0023  -0.0247 16  CYS A N   
108 C  CA  . CYS A 16 ? 0.1219 0.2321 0.1685 -0.0017 0.0108  -0.0254 16  CYS A CA  
109 C  C   . CYS A 16 ? 0.1318 0.2364 0.1667 0.0017  0.0164  -0.0208 16  CYS A C   
110 O  O   . CYS A 16 ? 0.1244 0.2480 0.1572 0.0040  0.0146  -0.0167 16  CYS A O   
111 C  CB  . CYS A 16 ? 0.1363 0.2355 0.1725 -0.0174 0.0048  -0.0232 16  CYS A CB  
112 S  SG  . CYS A 16 ? 0.0912 0.2295 0.1693 -0.0180 -0.0047 -0.0018 16  CYS A SG  
113 N  N   . ALA A 17 ? 0.1360 0.2375 0.1633 0.0048  0.0319  -0.0237 17  ALA A N   
114 C  CA  . ALA A 17 ? 0.1451 0.2457 0.1638 0.0044  0.0356  -0.0140 17  ALA A CA  
115 C  C   . ALA A 17 ? 0.1544 0.2405 0.1691 0.0073  0.0446  -0.0132 17  ALA A C   
116 O  O   . ALA A 17 ? 0.1237 0.2616 0.1634 0.0022  0.0375  -0.0178 17  ALA A O   
117 C  CB  . ALA A 17 ? 0.1331 0.2300 0.1563 0.0162  0.0407  -0.0134 17  ALA A CB  
118 N  N   . ALA A 18 ? 0.1712 0.2346 0.1846 0.0102  0.0474  -0.0148 18  ALA A N   
119 C  CA  . ALA A 18 ? 0.1957 0.2287 0.1719 0.0093  0.0473  -0.0216 18  ALA A CA  
120 C  C   . ALA A 18 ? 0.2094 0.2243 0.1705 0.0101  0.0456  -0.0197 18  ALA A C   
121 O  O   . ALA A 18 ? 0.2190 0.2265 0.1675 0.0210  0.0550  -0.0378 18  ALA A O   
122 C  CB  . ALA A 18 ? 0.1896 0.2341 0.1921 0.0176  0.0527  -0.0181 18  ALA A CB  
123 N  N   . CYS A 19 ? 0.2235 0.2118 0.1683 0.0089  0.0371  -0.0210 19  CYS A N   
124 C  CA  . CYS A 19 ? 0.2410 0.2210 0.1794 -0.0023 0.0224  -0.0178 19  CYS A CA  
125 C  C   . CYS A 19 ? 0.2227 0.2028 0.1854 0.0071  0.0087  -0.0213 19  CYS A C   
126 O  O   . CYS A 19 ? 0.2074 0.1946 0.1484 0.0089  0.0144  -0.0235 19  CYS A O   
127 C  CB  . CYS A 19 ? 0.2543 0.2257 0.1893 -0.0093 0.0151  -0.0037 19  CYS A CB  
128 S  SG  . CYS A 19 ? 0.3735 0.3225 0.2608 -0.0497 -0.0230 0.0075  19  CYS A SG  
129 N  N   . GLU A 20 ? 0.2146 0.1935 0.1876 0.0126  0.0015  -0.0266 20  GLU A N   
130 C  CA  . GLU A 20 ? 0.1763 0.1867 0.1793 0.0206  0.0032  -0.0304 20  GLU A CA  
131 C  C   . GLU A 20 ? 0.1800 0.1909 0.1690 0.0191  0.0022  -0.0383 20  GLU A C   
132 O  O   . GLU A 20 ? 0.1707 0.1803 0.1483 0.0394  0.0032  -0.0505 20  GLU A O   
133 C  CB  . GLU A 20 ? 0.1707 0.1851 0.1763 0.0197  -0.0009 -0.0332 20  GLU A CB  
134 C  CG  . GLU A 20 ? 0.1113 0.1497 0.2235 0.0317  -0.0062 -0.0173 20  GLU A CG  
135 C  CD  . GLU A 20 ? 0.1545 0.1475 0.2072 0.0390  -0.0327 -0.0322 20  GLU A CD  
136 O  OE1 . GLU A 20 ? 0.1813 0.0778 0.2731 0.0823  -0.0766 0.0030  20  GLU A OE1 
137 O  OE2 . GLU A 20 ? 0.1551 0.1931 0.2046 0.0331  -0.0686 0.0018  20  GLU A OE2 
138 N  N   . GLN A 21 ? 0.2058 0.2038 0.1723 0.0213  0.0090  -0.0490 21  GLN A N   
139 C  CA  . GLN A 21 ? 0.2207 0.2159 0.1650 0.0162  0.0133  -0.0483 21  GLN A CA  
140 C  C   . GLN A 21 ? 0.2051 0.2034 0.1458 0.0082  0.0057  -0.0340 21  GLN A C   
141 O  O   . GLN A 21 ? 0.2215 0.2118 0.1180 -0.0006 -0.0038 -0.0374 21  GLN A O   
142 C  CB  . GLN A 21 ? 0.2221 0.2286 0.1615 0.0152  0.0069  -0.0601 21  GLN A CB  
143 C  CG  . GLN A 21 ? 0.2725 0.2596 0.2293 0.0524  0.0271  -0.0766 21  GLN A CG  
144 C  CD  . GLN A 21 ? 0.3382 0.3194 0.3368 0.0245  0.0445  -0.0886 21  GLN A CD  
145 O  OE1 . GLN A 21 ? 0.4123 0.3561 0.4057 0.0075  0.0365  -0.0977 21  GLN A OE1 
146 N  NE2 . GLN A 21 ? 0.3602 0.4023 0.3078 0.0296  0.0767  -0.0725 21  GLN A NE2 
147 N  N   . LYS A 22 ? 0.2011 0.1948 0.1121 0.0083  0.0073  -0.0232 22  LYS A N   
148 C  CA  . LYS A 22 ? 0.1761 0.1935 0.1150 0.0195  0.0100  -0.0049 22  LYS A CA  
149 C  C   . LYS A 22 ? 0.1696 0.1964 0.1046 0.0278  0.0013  -0.0010 22  LYS A C   
150 O  O   . LYS A 22 ? 0.1637 0.1937 0.0974 0.0335  -0.0089 -0.0029 22  LYS A O   
151 C  CB  . LYS A 22 ? 0.1944 0.1896 0.1298 0.0221  -0.0083 -0.0006 22  LYS A CB  
152 C  CG  . LYS A 22 ? 0.2046 0.2237 0.1713 0.0213  0.0058  0.0310  22  LYS A CG  
153 C  CD  . LYS A 22 ? 0.2630 0.2792 0.2271 0.0065  -0.0115 0.0602  22  LYS A CD  
154 C  CE  . LYS A 22 ? 0.2846 0.2787 0.2402 0.0051  -0.0237 0.0733  22  LYS A CE  
155 N  NZ  . LYS A 22 ? 0.3016 0.3384 0.2858 0.0210  -0.0270 0.0928  22  LYS A NZ  
156 N  N   . ILE A 23 ? 0.1445 0.1959 0.0808 0.0346  0.0143  0.0116  23  ILE A N   
157 C  CA  . ILE A 23 ? 0.1256 0.2117 0.0979 0.0325  0.0196  0.0133  23  ILE A CA  
158 C  C   . ILE A 23 ? 0.1364 0.2247 0.1172 0.0244  0.0250  0.0151  23  ILE A C   
159 O  O   . ILE A 23 ? 0.1402 0.2433 0.1276 0.0123  0.0354  0.0175  23  ILE A O   
160 C  CB  . ILE A 23 ? 0.1030 0.2170 0.0971 0.0374  0.0209  0.0065  23  ILE A CB  
161 C  CG1 . ILE A 23 ? 0.0573 0.2323 0.1115 0.0552  0.0147  0.0087  23  ILE A CG1 
162 C  CG2 . ILE A 23 ? 0.1087 0.1973 0.0679 0.0494  0.0370  -0.0147 23  ILE A CG2 
163 C  CD1 . ILE A 23 ? 0.1578 0.2273 0.1292 0.0489  -0.0119 -0.0299 23  ILE A CD1 
164 N  N   . ALA A 24 ? 0.1330 0.2090 0.1079 0.0225  0.0206  0.0224  24  ALA A N   
165 C  CA  . ALA A 24 ? 0.1317 0.2065 0.1071 0.0161  0.0294  0.0192  24  ALA A CA  
166 C  C   . ALA A 24 ? 0.1243 0.1989 0.1233 0.0298  0.0244  0.0173  24  ALA A C   
167 O  O   . ALA A 24 ? 0.1416 0.2151 0.1208 0.0204  0.0186  0.0115  24  ALA A O   
168 C  CB  . ALA A 24 ? 0.1131 0.1971 0.0971 0.0138  0.0365  0.0287  24  ALA A CB  
169 N  N   . ALA A 25 ? 0.1349 0.1967 0.1287 0.0401  0.0251  0.0022  25  ALA A N   
170 C  CA  . ALA A 25 ? 0.1567 0.1908 0.1562 0.0533  0.0274  -0.0117 25  ALA A CA  
171 C  C   . ALA A 25 ? 0.1693 0.2055 0.1548 0.0471  0.0202  -0.0167 25  ALA A C   
172 O  O   . ALA A 25 ? 0.1873 0.1652 0.1462 0.0861  0.0058  -0.0378 25  ALA A O   
173 C  CB  . ALA A 25 ? 0.1437 0.1981 0.1751 0.0609  0.0418  -0.0056 25  ALA A CB  
174 N  N   . LEU A 26 ? 0.2007 0.2124 0.1484 0.0486  0.0274  -0.0238 26  LEU A N   
175 C  CA  . LEU A 26 ? 0.2024 0.2417 0.1509 0.0290  0.0259  -0.0177 26  LEU A CA  
176 C  C   . LEU A 26 ? 0.2191 0.2646 0.1338 0.0196  0.0243  -0.0188 26  LEU A C   
177 O  O   . LEU A 26 ? 0.2173 0.2944 0.1649 -0.0030 0.0257  -0.0057 26  LEU A O   
178 C  CB  . LEU A 26 ? 0.2056 0.2294 0.1472 0.0351  0.0364  -0.0191 26  LEU A CB  
179 C  CG  . LEU A 26 ? 0.2423 0.2417 0.1959 0.0346  0.0566  0.0050  26  LEU A CG  
180 C  CD1 . LEU A 26 ? 0.2262 0.2284 0.1753 0.0307  0.0956  0.0359  26  LEU A CD1 
181 C  CD2 . LEU A 26 ? 0.2256 0.2793 0.2364 0.0478  0.0620  0.0158  26  LEU A CD2 
182 N  N   . GLU A 27 ? 0.2410 0.2958 0.1164 0.0072  0.0217  -0.0139 27  GLU A N   
183 C  CA  . GLU A 27 ? 0.2466 0.3255 0.1293 -0.0014 0.0295  -0.0123 27  GLU A CA  
184 C  C   . GLU A 27 ? 0.2521 0.3367 0.1296 0.0048  0.0485  -0.0036 27  GLU A C   
185 O  O   . GLU A 27 ? 0.2924 0.3524 0.1209 0.0103  0.0556  -0.0015 27  GLU A O   
186 C  CB  . GLU A 27 ? 0.2534 0.3291 0.1453 -0.0035 0.0231  0.0002  27  GLU A CB  
187 C  CG  . GLU A 27 ? 0.2746 0.3826 0.1854 -0.0118 0.0179  -0.0071 27  GLU A CG  
188 C  CD  . GLU A 27 ? 0.3425 0.4287 0.3009 -0.0144 -0.0115 0.0118  27  GLU A CD  
189 O  OE1 . GLU A 27 ? 0.3762 0.4969 0.3546 -0.0251 -0.0629 0.0113  27  GLU A OE1 
190 O  OE2 . GLU A 27 ? 0.3623 0.4995 0.3450 -0.0347 -0.0109 0.0331  27  GLU A OE2 
191 N  N   . ALA B 4  ? 0.3200 0.3084 0.2815 0.0536  -0.0370 0.0212  4   ALA B N   
192 C  CA  . ALA B 4  ? 0.3126 0.3056 0.2663 0.0497  -0.0402 0.0230  4   ALA B CA  
193 C  C   . ALA B 4  ? 0.3146 0.3063 0.2680 0.0465  -0.0329 0.0130  4   ALA B C   
194 O  O   . ALA B 4  ? 0.3161 0.3159 0.2642 0.0436  -0.0522 0.0183  4   ALA B O   
195 C  CB  . ALA B 4  ? 0.3107 0.2896 0.2588 0.0665  -0.0429 0.0277  4   ALA B CB  
196 N  N   . LEU B 5  ? 0.3165 0.3129 0.2587 0.0418  -0.0238 0.0048  5   LEU B N   
197 C  CA  . LEU B 5  ? 0.2986 0.3177 0.2612 0.0407  -0.0142 -0.0069 5   LEU B CA  
198 C  C   . LEU B 5  ? 0.2852 0.3191 0.2575 0.0381  -0.0173 -0.0134 5   LEU B C   
199 O  O   . LEU B 5  ? 0.2577 0.3150 0.2468 0.0414  -0.0132 -0.0251 5   LEU B O   
200 C  CB  . LEU B 5  ? 0.3231 0.3235 0.2695 0.0414  -0.0093 -0.0066 5   LEU B CB  
201 C  CG  . LEU B 5  ? 0.3597 0.3497 0.2781 0.0333  0.0035  -0.0140 5   LEU B CG  
202 C  CD1 . LEU B 5  ? 0.4207 0.4043 0.2637 0.0404  -0.0187 -0.0148 5   LEU B CD1 
203 C  CD2 . LEU B 5  ? 0.4058 0.3785 0.2934 0.0280  0.0323  -0.0353 5   LEU B CD2 
204 N  N   . GLU B 6  ? 0.2646 0.3063 0.2530 0.0448  -0.0141 -0.0182 6   GLU B N   
205 C  CA  . GLU B 6  ? 0.2890 0.3202 0.2580 0.0371  -0.0176 -0.0158 6   GLU B CA  
206 C  C   . GLU B 6  ? 0.2628 0.3119 0.2523 0.0312  -0.0135 -0.0198 6   GLU B C   
207 O  O   . GLU B 6  ? 0.2345 0.3135 0.2425 0.0366  -0.0092 -0.0243 6   GLU B O   
208 C  CB  . GLU B 6  ? 0.3063 0.3197 0.2581 0.0457  -0.0230 -0.0207 6   GLU B CB  
209 C  CG  . GLU B 6  ? 0.4011 0.3839 0.2783 0.0328  -0.0363 -0.0181 6   GLU B CG  
210 C  CD  . GLU B 6  ? 0.5074 0.4207 0.2912 0.0278  -0.0646 -0.0043 6   GLU B CD  
211 O  OE1 . GLU B 6  ? 0.5179 0.4796 0.2663 0.0376  -0.0461 -0.0277 6   GLU B OE1 
212 O  OE2 . GLU B 6  ? 0.5370 0.4563 0.2732 0.0165  -0.1081 0.0261  6   GLU B OE2 
213 N  N   . GLN B 7  ? 0.2460 0.3069 0.2634 0.0161  -0.0085 -0.0212 7   GLN B N   
214 C  CA  . GLN B 7  ? 0.2359 0.3035 0.2500 0.0033  0.0034  -0.0098 7   GLN B CA  
215 C  C   . GLN B 7  ? 0.2221 0.2953 0.2277 -0.0061 0.0058  -0.0148 7   GLN B C   
216 O  O   . GLN B 7  ? 0.2003 0.2998 0.2228 -0.0128 0.0114  -0.0157 7   GLN B O   
217 C  CB  . GLN B 7  ? 0.2506 0.3185 0.2642 -0.0027 0.0027  -0.0151 7   GLN B CB  
218 C  CG  . GLN B 7  ? 0.3096 0.3668 0.3586 -0.0009 -0.0008 -0.0021 7   GLN B CG  
219 C  CD  . GLN B 7  ? 0.3668 0.4183 0.4696 0.0063  0.0157  -0.0149 7   GLN B CD  
220 O  OE1 . GLN B 7  ? 0.3997 0.4564 0.5309 -0.0261 0.0053  0.0013  7   GLN B OE1 
221 N  NE2 . GLN B 7  ? 0.4497 0.4230 0.4857 -0.0074 0.0138  -0.0018 7   GLN B NE2 
222 N  N   . LYS B 8  ? 0.1902 0.2720 0.2141 -0.0099 0.0075  -0.0134 8   LYS B N   
223 C  CA  . LYS B 8  ? 0.2071 0.2479 0.1998 -0.0041 0.0008  -0.0058 8   LYS B CA  
224 C  C   . LYS B 8  ? 0.2087 0.2310 0.1973 -0.0015 0.0047  -0.0095 8   LYS B C   
225 O  O   . LYS B 8  ? 0.2353 0.2056 0.1946 0.0052  -0.0012 -0.0289 8   LYS B O   
226 C  CB  . LYS B 8  ? 0.1830 0.2571 0.2120 -0.0084 0.0037  0.0023  8   LYS B CB  
227 C  CG  . LYS B 8  ? 0.2480 0.2861 0.1961 -0.0248 0.0001  -0.0036 8   LYS B CG  
228 C  CD  . LYS B 8  ? 0.3108 0.3494 0.3108 -0.0732 -0.0153 0.0114  8   LYS B CD  
229 C  CE  . LYS B 8  ? 0.3194 0.3664 0.3639 -0.0971 -0.0250 0.0027  8   LYS B CE  
230 N  NZ  . LYS B 8  ? 0.3228 0.3983 0.3953 -0.0952 -0.0130 0.0033  8   LYS B NZ  
231 N  N   . ILE B 9  ? 0.2140 0.2072 0.1866 0.0153  0.0069  -0.0064 9   ILE B N   
232 C  CA  . ILE B 9  ? 0.2129 0.2216 0.1860 0.0135  0.0108  -0.0057 9   ILE B CA  
233 C  C   . ILE B 9  ? 0.2204 0.2178 0.1761 0.0247  0.0136  -0.0036 9   ILE B C   
234 O  O   . ILE B 9  ? 0.2071 0.1998 0.1586 0.0225  0.0128  0.0084  9   ILE B O   
235 C  CB  . ILE B 9  ? 0.2176 0.2282 0.1845 0.0176  0.0140  -0.0067 9   ILE B CB  
236 C  CG1 . ILE B 9  ? 0.2176 0.2551 0.1921 0.0059  0.0258  -0.0239 9   ILE B CG1 
237 C  CG2 . ILE B 9  ? 0.2044 0.2700 0.1758 -0.0089 0.0257  -0.0123 9   ILE B CG2 
238 C  CD1 . ILE B 9  ? 0.2826 0.2501 0.2182 0.0171  0.0436  -0.0384 9   ILE B CD1 
239 N  N   . ALA B 10 ? 0.2334 0.2291 0.1916 0.0302  0.0287  -0.0105 10  ALA B N   
240 C  CA  . ALA B 10 ? 0.2294 0.2338 0.2187 0.0357  0.0340  -0.0115 10  ALA B CA  
241 C  C   . ALA B 10 ? 0.2158 0.2339 0.2236 0.0401  0.0325  -0.0164 10  ALA B C   
242 O  O   . ALA B 10 ? 0.2097 0.2371 0.2239 0.0465  0.0546  -0.0246 10  ALA B O   
243 C  CB  . ALA B 10 ? 0.2351 0.2366 0.2220 0.0375  0.0403  -0.0089 10  ALA B CB  
244 N  N   . ALA B 11 ? 0.1940 0.2291 0.2262 0.0514  0.0126  -0.0181 11  ALA B N   
245 C  CA  . ALA B 11 ? 0.1892 0.2265 0.2072 0.0544  0.0110  -0.0126 11  ALA B CA  
246 C  C   . ALA B 11 ? 0.1792 0.2314 0.1967 0.0534  0.0052  -0.0073 11  ALA B C   
247 O  O   . ALA B 11 ? 0.1925 0.2025 0.1608 0.0629  0.0052  -0.0357 11  ALA B O   
248 C  CB  . ALA B 11 ? 0.1716 0.2260 0.2145 0.0516  0.0063  -0.0084 11  ALA B CB  
249 N  N   . LEU B 12 ? 0.1949 0.2367 0.2006 0.0532  0.0023  0.0004  12  LEU B N   
250 C  CA  . LEU B 12 ? 0.2107 0.2436 0.1988 0.0547  -0.0049 0.0043  12  LEU B CA  
251 C  C   . LEU B 12 ? 0.1990 0.2536 0.1974 0.0586  -0.0068 0.0012  12  LEU B C   
252 O  O   . LEU B 12 ? 0.2196 0.2677 0.1918 0.0671  -0.0070 0.0022  12  LEU B O   
253 C  CB  . LEU B 12 ? 0.2291 0.2472 0.2098 0.0509  -0.0035 0.0100  12  LEU B CB  
254 C  CG  . LEU B 12 ? 0.2903 0.2269 0.2211 0.0382  -0.0114 0.0108  12  LEU B CG  
255 C  CD1 . LEU B 12 ? 0.3553 0.2502 0.1791 0.0180  0.0028  0.0357  12  LEU B CD1 
256 C  CD2 . LEU B 12 ? 0.3677 0.2903 0.1697 0.0149  0.0040  0.0180  12  LEU B CD2 
257 N  N   . GLU B 13 ? 0.1821 0.2438 0.1961 0.0628  -0.0034 -0.0089 13  GLU B N   
258 C  CA  . GLU B 13 ? 0.1875 0.2483 0.2189 0.0644  0.0065  -0.0160 13  GLU B CA  
259 C  C   . GLU B 13 ? 0.1708 0.2416 0.2014 0.0634  0.0016  -0.0171 13  GLU B C   
260 O  O   . GLU B 13 ? 0.1553 0.2536 0.1996 0.0756  0.0101  -0.0373 13  GLU B O   
261 C  CB  . GLU B 13 ? 0.1967 0.2528 0.2146 0.0604  -0.0033 -0.0219 13  GLU B CB  
262 C  CG  . GLU B 13 ? 0.2360 0.2900 0.2622 0.0700  -0.0040 -0.0320 13  GLU B CG  
263 C  CD  . GLU B 13 ? 0.3582 0.3198 0.3080 0.0413  -0.0290 -0.0502 13  GLU B CD  
264 O  OE1 . GLU B 13 ? 0.3571 0.3562 0.2886 0.0553  -0.0002 -0.0541 13  GLU B OE1 
265 O  OE2 . GLU B 13 ? 0.4381 0.3110 0.3914 0.0583  -0.0384 -0.0446 13  GLU B OE2 
266 N  N   . GLN B 14 ? 0.1431 0.2316 0.2044 0.0728  0.0047  -0.0116 14  GLN B N   
267 C  CA  . GLN B 14 ? 0.1520 0.2213 0.1966 0.0630  -0.0008 0.0030  14  GLN B CA  
268 C  C   . GLN B 14 ? 0.1512 0.2193 0.1888 0.0579  -0.0044 0.0110  14  GLN B C   
269 O  O   . GLN B 14 ? 0.1722 0.2152 0.2063 0.0698  -0.0027 0.0091  14  GLN B O   
270 C  CB  . GLN B 14 ? 0.1736 0.2378 0.2053 0.0642  0.0122  0.0111  14  GLN B CB  
271 C  CG  . GLN B 14 ? 0.2120 0.2312 0.2691 0.0654  -0.0145 0.0162  14  GLN B CG  
272 C  CD  . GLN B 14 ? 0.2768 0.2980 0.3137 0.0585  -0.0022 0.0202  14  GLN B CD  
273 O  OE1 . GLN B 14 ? 0.3258 0.3274 0.3195 0.0343  -0.0434 0.0640  14  GLN B OE1 
274 N  NE2 . GLN B 14 ? 0.3061 0.2920 0.3593 0.0909  0.0345  0.0113  14  GLN B NE2 
275 N  N   . LYS B 15 ? 0.1428 0.1961 0.1835 0.0531  -0.0030 0.0096  15  LYS B N   
276 C  CA  . LYS B 15 ? 0.1410 0.1982 0.2057 0.0349  -0.0057 0.0025  15  LYS B CA  
277 C  C   . LYS B 15 ? 0.1440 0.1869 0.2168 0.0349  -0.0002 -0.0011 15  LYS B C   
278 O  O   . LYS B 15 ? 0.1353 0.1858 0.2185 0.0339  -0.0058 -0.0100 15  LYS B O   
279 C  CB  . LYS B 15 ? 0.1546 0.2003 0.2098 0.0305  -0.0079 -0.0005 15  LYS B CB  
280 C  CG  . LYS B 15 ? 0.1465 0.2074 0.2064 0.0278  0.0009  -0.0315 15  LYS B CG  
281 C  CD  . LYS B 15 ? 0.2584 0.2009 0.3017 -0.0145 0.0206  -0.0625 15  LYS B CD  
282 C  CE  . LYS B 15 ? 0.2427 0.2147 0.3546 0.0021  0.0359  -0.0587 15  LYS B CE  
283 N  NZ  . LYS B 15 ? 0.2854 0.1850 0.3480 0.0066  0.0668  -0.0876 15  LYS B NZ  
284 N  N   . CYS B 16 ? 0.1329 0.1722 0.2096 0.0334  0.0064  -0.0147 16  CYS B N   
285 C  CA  . CYS B 16 ? 0.1282 0.1671 0.2285 0.0298  0.0125  -0.0212 16  CYS B CA  
286 C  C   . CYS B 16 ? 0.1299 0.1796 0.2314 0.0268  0.0207  -0.0183 16  CYS B C   
287 O  O   . CYS B 16 ? 0.1121 0.1811 0.2299 0.0312  0.0233  -0.0321 16  CYS B O   
288 C  CB  . CYS B 16 ? 0.1123 0.1485 0.2296 0.0384  0.0187  -0.0224 16  CYS B CB  
289 S  SG  . CYS B 16 ? 0.0913 0.1783 0.2607 0.0285  0.0146  -0.0328 16  CYS B SG  
290 N  N   . ALA B 17 ? 0.1473 0.1853 0.2471 0.0200  0.0253  -0.0215 17  ALA B N   
291 C  CA  . ALA B 17 ? 0.1598 0.1996 0.2667 0.0216  0.0251  -0.0173 17  ALA B CA  
292 C  C   . ALA B 17 ? 0.1608 0.1963 0.2640 0.0252  0.0215  -0.0223 17  ALA B C   
293 O  O   . ALA B 17 ? 0.1877 0.1938 0.2962 0.0290  0.0272  -0.0275 17  ALA B O   
294 C  CB  . ALA B 17 ? 0.1411 0.1914 0.2647 0.0299  0.0272  0.0003  17  ALA B CB  
295 N  N   . ALA B 18 ? 0.1607 0.2118 0.2741 0.0156  0.0281  -0.0239 18  ALA B N   
296 C  CA  . ALA B 18 ? 0.1602 0.2169 0.2621 0.0152  0.0329  -0.0245 18  ALA B CA  
297 C  C   . ALA B 18 ? 0.1563 0.2264 0.2532 0.0099  0.0281  -0.0165 18  ALA B C   
298 O  O   . ALA B 18 ? 0.1568 0.2111 0.2563 0.0197  0.0354  -0.0282 18  ALA B O   
299 C  CB  . ALA B 18 ? 0.1447 0.2095 0.2625 0.0126  0.0368  -0.0183 18  ALA B CB  
300 N  N   . CYS B 19 ? 0.1419 0.2463 0.2353 -0.0023 0.0299  -0.0229 19  CYS B N   
301 C  CA  . CYS B 19 ? 0.1448 0.2618 0.2241 -0.0171 0.0331  -0.0232 19  CYS B CA  
302 C  C   . CYS B 19 ? 0.1429 0.2349 0.2014 -0.0141 0.0316  -0.0168 19  CYS B C   
303 O  O   . CYS B 19 ? 0.1510 0.2419 0.1975 -0.0304 0.0422  -0.0131 19  CYS B O   
304 C  CB  . CYS B 19 ? 0.1473 0.2854 0.2400 -0.0173 0.0281  -0.0283 19  CYS B CB  
305 S  SG  . CYS B 19 ? 0.1817 0.4611 0.2526 -0.0588 0.0310  -0.0419 19  CYS B SG  
306 N  N   . GLU B 20 ? 0.1229 0.2109 0.1675 -0.0119 0.0417  -0.0092 20  GLU B N   
307 C  CA  . GLU B 20 ? 0.1242 0.2038 0.1618 0.0027  0.0390  -0.0105 20  GLU B CA  
308 C  C   . GLU B 20 ? 0.1248 0.2001 0.1624 0.0035  0.0288  -0.0037 20  GLU B C   
309 O  O   . GLU B 20 ? 0.0751 0.2173 0.1405 0.0123  0.0231  0.0091  20  GLU B O   
310 C  CB  . GLU B 20 ? 0.1058 0.2034 0.1558 0.0016  0.0378  -0.0130 20  GLU B CB  
311 C  CG  . GLU B 20 ? 0.1696 0.1921 0.1568 0.0282  0.0524  -0.0071 20  GLU B CG  
312 C  CD  . GLU B 20 ? 0.1589 0.2283 0.1260 0.0633  0.0574  0.0214  20  GLU B CD  
313 O  OE1 . GLU B 20 ? 0.2529 0.2584 0.1165 0.0443  0.0361  0.0097  20  GLU B OE1 
314 O  OE2 . GLU B 20 ? 0.1295 0.2489 0.1598 0.1299  0.0748  0.0228  20  GLU B OE2 
315 N  N   . GLN B 21 ? 0.1434 0.1945 0.1807 -0.0021 0.0282  -0.0143 21  GLN B N   
316 C  CA  . GLN B 21 ? 0.1385 0.2044 0.1912 0.0039  0.0323  -0.0120 21  GLN B CA  
317 C  C   . GLN B 21 ? 0.1413 0.1891 0.1823 0.0070  0.0282  -0.0077 21  GLN B C   
318 O  O   . GLN B 21 ? 0.1229 0.1836 0.1645 0.0108  0.0441  -0.0026 21  GLN B O   
319 C  CB  . GLN B 21 ? 0.1496 0.2024 0.2027 0.0093  0.0311  -0.0106 21  GLN B CB  
320 C  CG  . GLN B 21 ? 0.2093 0.2808 0.2717 -0.0172 0.0167  -0.0209 21  GLN B CG  
321 C  CD  . GLN B 21 ? 0.3194 0.3499 0.3469 -0.0218 -0.0105 0.0222  21  GLN B CD  
322 O  OE1 . GLN B 21 ? 0.3790 0.4457 0.3805 -0.0784 0.0095  0.0470  21  GLN B OE1 
323 N  NE2 . GLN B 21 ? 0.2852 0.4200 0.3508 -0.0322 -0.0587 -0.0051 21  GLN B NE2 
324 N  N   . LYS B 22 ? 0.1247 0.1883 0.1776 0.0032  0.0298  -0.0075 22  LYS B N   
325 C  CA  . LYS B 22 ? 0.1441 0.1988 0.1658 0.0093  0.0170  -0.0015 22  LYS B CA  
326 C  C   . LYS B 22 ? 0.1339 0.1873 0.1587 0.0166  0.0176  -0.0057 22  LYS B C   
327 O  O   . LYS B 22 ? 0.1244 0.1586 0.1420 0.0169  0.0111  -0.0153 22  LYS B O   
328 C  CB  . LYS B 22 ? 0.1436 0.2141 0.1952 -0.0017 0.0121  -0.0017 22  LYS B CB  
329 C  CG  . LYS B 22 ? 0.2059 0.2324 0.2231 -0.0063 -0.0031 0.0204  22  LYS B CG  
330 C  CD  . LYS B 22 ? 0.2057 0.2539 0.3068 -0.0155 0.0029  0.0103  22  LYS B CD  
331 C  CE  . LYS B 22 ? 0.2656 0.2910 0.3246 -0.0281 -0.0105 0.0107  22  LYS B CE  
332 N  NZ  . LYS B 22 ? 0.3652 0.3068 0.3137 -0.0335 -0.0020 0.0198  22  LYS B NZ  
333 N  N   . ILE B 23 ? 0.1240 0.1918 0.1618 0.0255  0.0056  -0.0097 23  ILE B N   
334 C  CA  . ILE B 23 ? 0.1334 0.1938 0.1595 0.0297  0.0088  -0.0115 23  ILE B CA  
335 C  C   . ILE B 23 ? 0.1269 0.1895 0.1557 0.0323  -0.0029 -0.0129 23  ILE B C   
336 O  O   . ILE B 23 ? 0.1262 0.2138 0.1407 0.0315  -0.0294 -0.0050 23  ILE B O   
337 C  CB  . ILE B 23 ? 0.1293 0.1925 0.1558 0.0324  0.0166  -0.0135 23  ILE B CB  
338 C  CG1 . ILE B 23 ? 0.1409 0.1847 0.1423 0.0445  0.0074  -0.0232 23  ILE B CG1 
339 C  CG2 . ILE B 23 ? 0.0990 0.2062 0.1568 0.0566  0.0451  -0.0264 23  ILE B CG2 
340 C  CD1 . ILE B 23 ? 0.1837 0.2068 0.1002 -0.0279 -0.0137 -0.0534 23  ILE B CD1 
341 N  N   . ALA B 24 ? 0.1211 0.1950 0.1673 0.0252  -0.0028 -0.0158 24  ALA B N   
342 C  CA  . ALA B 24 ? 0.1326 0.1930 0.1743 0.0278  -0.0018 -0.0148 24  ALA B CA  
343 C  C   . ALA B 24 ? 0.1290 0.1976 0.1922 0.0190  0.0021  -0.0175 24  ALA B C   
344 O  O   . ALA B 24 ? 0.1385 0.1845 0.2075 0.0245  0.0117  -0.0276 24  ALA B O   
345 C  CB  . ALA B 24 ? 0.1279 0.1754 0.1653 0.0116  -0.0272 -0.0212 24  ALA B CB  
346 N  N   . ALA B 25 ? 0.1270 0.1916 0.1750 0.0203  0.0082  -0.0176 25  ALA B N   
347 C  CA  . ALA B 25 ? 0.1486 0.2118 0.1951 0.0183  -0.0001 -0.0171 25  ALA B CA  
348 C  C   . ALA B 25 ? 0.1669 0.2232 0.2057 0.0183  0.0126  -0.0144 25  ALA B C   
349 O  O   . ALA B 25 ? 0.1516 0.2420 0.2036 0.0278  0.0216  -0.0206 25  ALA B O   
350 C  CB  . ALA B 25 ? 0.1568 0.2101 0.2056 0.0143  0.0061  -0.0143 25  ALA B CB  
351 N  N   . LEU B 26 ? 0.1812 0.2253 0.2126 0.0098  0.0124  -0.0212 26  LEU B N   
352 C  CA  . LEU B 26 ? 0.2069 0.2215 0.2196 0.0047  0.0177  -0.0269 26  LEU B CA  
353 C  C   . LEU B 26 ? 0.2119 0.2187 0.2372 0.0053  0.0237  -0.0186 26  LEU B C   
354 O  O   . LEU B 26 ? 0.2487 0.2020 0.2560 0.0055  0.0089  -0.0278 26  LEU B O   
355 C  CB  . LEU B 26 ? 0.2104 0.2155 0.2088 -0.0002 0.0262  -0.0258 26  LEU B CB  
356 C  CG  . LEU B 26 ? 0.2345 0.2632 0.2021 -0.0031 0.0300  -0.0590 26  LEU B CG  
357 C  CD1 . LEU B 26 ? 0.1903 0.1780 0.1623 -0.0334 0.0211  -0.0887 26  LEU B CD1 
358 C  CD2 . LEU B 26 ? 0.3122 0.2919 0.2293 0.0007  0.0371  -0.0977 26  LEU B CD2 
359 N  N   . GLU B 27 ? 0.2138 0.2231 0.2500 0.0064  0.0200  -0.0116 27  GLU B N   
360 C  CA  . GLU B 27 ? 0.2228 0.2378 0.2643 0.0158  0.0200  0.0079  27  GLU B CA  
361 C  C   . GLU B 27 ? 0.2079 0.2592 0.2561 0.0246  0.0240  0.0051  27  GLU B C   
362 O  O   . GLU B 27 ? 0.2222 0.2681 0.2848 0.0236  0.0115  0.0144  27  GLU B O   
363 C  CB  . GLU B 27 ? 0.2366 0.2307 0.2730 0.0182  0.0197  0.0011  27  GLU B CB  
364 C  CG  . GLU B 27 ? 0.2372 0.2684 0.2889 0.0073  0.0150  0.0238  27  GLU B CG  
365 C  CD  . GLU B 27 ? 0.2932 0.2927 0.3488 -0.0053 0.0284  0.0003  27  GLU B CD  
366 O  OE1 . GLU B 27 ? 0.3282 0.3390 0.3804 -0.0211 0.0456  0.0128  27  GLU B OE1 
367 O  OE2 . GLU B 27 ? 0.3154 0.2634 0.3789 -0.0008 0.0229  0.0018  27  GLU B OE2 
368 N  N   . ALA C 3  ? 0.2714 0.3202 0.2602 -0.0155 0.0182  -0.0203 3   ALA C N   
369 C  CA  . ALA C 3  ? 0.2915 0.3017 0.2617 0.0001  0.0357  -0.0229 3   ALA C CA  
370 C  C   . ALA C 3  ? 0.2808 0.2913 0.2451 0.0106  0.0285  -0.0244 3   ALA C C   
371 O  O   . ALA C 3  ? 0.2715 0.2801 0.2131 0.0194  0.0296  -0.0373 3   ALA C O   
372 C  CB  . ALA C 3  ? 0.2735 0.3255 0.2673 0.0001  0.0444  -0.0265 3   ALA C CB  
373 N  N   . ALA C 4  ? 0.2948 0.2800 0.2287 0.0194  0.0350  -0.0252 4   ALA C N   
374 C  CA  . ALA C 4  ? 0.2678 0.2765 0.2253 0.0368  0.0297  -0.0231 4   ALA C CA  
375 C  C   . ALA C 4  ? 0.2566 0.2780 0.2044 0.0310  0.0155  -0.0223 4   ALA C C   
376 O  O   . ALA C 4  ? 0.2437 0.2800 0.1935 0.0459  0.0059  -0.0300 4   ALA C O   
377 C  CB  . ALA C 4  ? 0.2815 0.2824 0.2033 0.0425  0.0318  -0.0278 4   ALA C CB  
378 N  N   . LEU C 5  ? 0.2144 0.2728 0.1995 0.0428  0.0038  -0.0181 5   LEU C N   
379 C  CA  . LEU C 5  ? 0.2126 0.2717 0.2233 0.0349  -0.0074 -0.0176 5   LEU C CA  
380 C  C   . LEU C 5  ? 0.2095 0.2762 0.2312 0.0359  -0.0055 -0.0262 5   LEU C C   
381 O  O   . LEU C 5  ? 0.1936 0.2512 0.2361 0.0449  -0.0185 -0.0252 5   LEU C O   
382 C  CB  . LEU C 5  ? 0.2124 0.2869 0.2287 0.0370  -0.0057 -0.0244 5   LEU C CB  
383 C  CG  . LEU C 5  ? 0.2134 0.3044 0.2805 0.0321  -0.0067 -0.0209 5   LEU C CG  
384 C  CD1 . LEU C 5  ? 0.2127 0.3913 0.3131 0.0542  -0.0353 -0.0264 5   LEU C CD1 
385 C  CD2 . LEU C 5  ? 0.2321 0.3525 0.2994 0.0362  -0.0248 -0.0265 5   LEU C CD2 
386 N  N   . GLU C 6  ? 0.2157 0.2762 0.2314 0.0379  -0.0107 -0.0192 6   GLU C N   
387 C  CA  . GLU C 6  ? 0.2476 0.2808 0.2468 0.0344  -0.0002 -0.0192 6   GLU C CA  
388 C  C   . GLU C 6  ? 0.2384 0.2727 0.2191 0.0335  -0.0026 -0.0209 6   GLU C C   
389 O  O   . GLU C 6  ? 0.2336 0.2695 0.2210 0.0420  0.0019  -0.0188 6   GLU C O   
390 C  CB  . GLU C 6  ? 0.2652 0.2922 0.2508 0.0429  -0.0035 -0.0216 6   GLU C CB  
391 C  CG  . GLU C 6  ? 0.3236 0.3645 0.3753 0.0343  -0.0050 -0.0044 6   GLU C CG  
392 C  CD  . GLU C 6  ? 0.4545 0.4074 0.4900 0.0417  0.0000  0.0397  6   GLU C CD  
393 O  OE1 . GLU C 6  ? 0.4656 0.5014 0.5608 0.0275  0.0071  0.0481  6   GLU C OE1 
394 O  OE2 . GLU C 6  ? 0.4978 0.4074 0.5798 0.0536  -0.0274 0.0483  6   GLU C OE2 
395 N  N   . GLN C 7  ? 0.2374 0.2848 0.2245 0.0309  0.0023  -0.0264 7   GLN C N   
396 C  CA  . GLN C 7  ? 0.2457 0.2964 0.2109 0.0154  -0.0038 -0.0271 7   GLN C CA  
397 C  C   . GLN C 7  ? 0.2282 0.2788 0.1942 0.0117  -0.0089 -0.0293 7   GLN C C   
398 O  O   . GLN C 7  ? 0.1944 0.2840 0.1303 0.0044  -0.0147 -0.0487 7   GLN C O   
399 C  CB  . GLN C 7  ? 0.2667 0.3130 0.2332 0.0117  -0.0057 -0.0271 7   GLN C CB  
400 C  CG  . GLN C 7  ? 0.3189 0.4157 0.3183 0.0239  -0.0201 -0.0210 7   GLN C CG  
401 C  CD  . GLN C 7  ? 0.4225 0.5067 0.3952 0.0406  -0.0276 0.0099  7   GLN C CD  
402 O  OE1 . GLN C 7  ? 0.4143 0.5309 0.4263 0.0331  -0.0467 -0.0087 7   GLN C OE1 
403 N  NE2 . GLN C 7  ? 0.4451 0.5701 0.4397 0.0388  -0.0202 0.0072  7   GLN C NE2 
404 N  N   . LYS C 8  ? 0.2119 0.2586 0.1774 0.0146  -0.0163 -0.0215 8   LYS C N   
405 C  CA  . LYS C 8  ? 0.1951 0.2569 0.1877 0.0136  -0.0174 -0.0102 8   LYS C CA  
406 C  C   . LYS C 8  ? 0.1936 0.2582 0.1959 0.0139  -0.0121 -0.0087 8   LYS C C   
407 O  O   . LYS C 8  ? 0.1856 0.2722 0.2214 0.0164  0.0022  -0.0097 8   LYS C O   
408 C  CB  . LYS C 8  ? 0.1723 0.2414 0.1746 0.0224  -0.0242 -0.0085 8   LYS C CB  
409 C  CG  . LYS C 8  ? 0.1704 0.2787 0.1903 0.0115  -0.0410 -0.0006 8   LYS C CG  
410 C  CD  . LYS C 8  ? 0.2862 0.2388 0.2636 0.0208  -0.0637 0.0338  8   LYS C CD  
411 C  CE  . LYS C 8  ? 0.2906 0.2602 0.2941 0.0173  -0.0738 0.0284  8   LYS C CE  
412 N  NZ  . LYS C 8  ? 0.3235 0.2367 0.3218 0.0496  -0.0605 -0.0763 8   LYS C NZ  
413 N  N   . ILE C 9  ? 0.1822 0.2594 0.2131 0.0122  -0.0075 -0.0092 9   ILE C N   
414 C  CA  . ILE C 9  ? 0.1897 0.2523 0.2243 -0.0041 -0.0160 -0.0036 9   ILE C CA  
415 C  C   . ILE C 9  ? 0.1922 0.2567 0.2221 -0.0126 -0.0090 -0.0084 9   ILE C C   
416 O  O   . ILE C 9  ? 0.1828 0.2462 0.2140 -0.0213 -0.0102 -0.0126 9   ILE C O   
417 C  CB  . ILE C 9  ? 0.1777 0.2497 0.2362 0.0071  -0.0152 -0.0005 9   ILE C CB  
418 C  CG1 . ILE C 9  ? 0.2135 0.2719 0.2826 0.0094  -0.0169 0.0099  9   ILE C CG1 
419 C  CG2 . ILE C 9  ? 0.1690 0.2500 0.2354 0.0001  -0.0330 -0.0047 9   ILE C CG2 
420 C  CD1 . ILE C 9  ? 0.1981 0.2795 0.3807 0.0167  -0.0279 0.0381  9   ILE C CD1 
421 N  N   . ALA C 10 ? 0.1981 0.2626 0.2059 -0.0170 0.0025  -0.0107 10  ALA C N   
422 C  CA  . ALA C 10 ? 0.1918 0.2648 0.2064 -0.0129 0.0075  -0.0244 10  ALA C CA  
423 C  C   . ALA C 10 ? 0.1962 0.2519 0.2072 -0.0043 0.0087  -0.0325 10  ALA C C   
424 O  O   . ALA C 10 ? 0.1773 0.2605 0.2126 0.0053  0.0170  -0.0317 10  ALA C O   
425 C  CB  . ALA C 10 ? 0.1985 0.2593 0.2071 -0.0199 -0.0098 -0.0296 10  ALA C CB  
426 N  N   . ALA C 11 ? 0.1818 0.2415 0.1787 -0.0009 0.0148  -0.0362 11  ALA C N   
427 C  CA  . ALA C 11 ? 0.1906 0.2353 0.1851 0.0003  0.0037  -0.0345 11  ALA C CA  
428 C  C   . ALA C 11 ? 0.1744 0.2289 0.1723 0.0059  -0.0010 -0.0393 11  ALA C C   
429 O  O   . ALA C 11 ? 0.1748 0.2300 0.1786 -0.0015 -0.0234 -0.0432 11  ALA C O   
430 C  CB  . ALA C 11 ? 0.1840 0.2149 0.1691 -0.0083 0.0158  -0.0368 11  ALA C CB  
431 N  N   . LEU C 12 ? 0.1628 0.2290 0.1770 0.0144  -0.0077 -0.0300 12  LEU C N   
432 C  CA  . LEU C 12 ? 0.1485 0.2343 0.1839 0.0236  -0.0061 -0.0189 12  LEU C CA  
433 C  C   . LEU C 12 ? 0.1442 0.2357 0.1840 0.0244  -0.0052 -0.0226 12  LEU C C   
434 O  O   . LEU C 12 ? 0.1406 0.2336 0.1828 0.0381  -0.0021 -0.0277 12  LEU C O   
435 C  CB  . LEU C 12 ? 0.1573 0.2497 0.1840 0.0161  -0.0154 -0.0087 12  LEU C CB  
436 C  CG  . LEU C 12 ? 0.1660 0.2773 0.2292 0.0212  -0.0240 0.0183  12  LEU C CG  
437 C  CD1 . LEU C 12 ? 0.1399 0.3055 0.2220 -0.0005 -0.0497 0.0513  12  LEU C CD1 
438 C  CD2 . LEU C 12 ? 0.2261 0.2683 0.2193 0.0011  -0.0028 0.0213  12  LEU C CD2 
439 N  N   . GLU C 13 ? 0.1362 0.2362 0.1879 0.0270  0.0184  -0.0214 13  GLU C N   
440 C  CA  . GLU C 13 ? 0.1554 0.2457 0.1925 0.0242  0.0237  -0.0203 13  GLU C CA  
441 C  C   . GLU C 13 ? 0.1592 0.2406 0.1896 0.0289  0.0265  -0.0131 13  GLU C C   
442 O  O   . GLU C 13 ? 0.1778 0.2377 0.2020 0.0349  0.0329  -0.0180 13  GLU C O   
443 C  CB  . GLU C 13 ? 0.1480 0.2573 0.2034 0.0142  0.0252  -0.0171 13  GLU C CB  
444 C  CG  . GLU C 13 ? 0.1854 0.3058 0.2409 -0.0048 0.0175  -0.0292 13  GLU C CG  
445 C  CD  . GLU C 13 ? 0.2368 0.3605 0.2583 -0.0386 0.0198  -0.0459 13  GLU C CD  
446 O  OE1 . GLU C 13 ? 0.2608 0.3673 0.2551 -0.0419 0.0021  -0.0584 13  GLU C OE1 
447 O  OE2 . GLU C 13 ? 0.2604 0.4028 0.3059 -0.0734 -0.0022 -0.0741 13  GLU C OE2 
448 N  N   . GLN C 14 ? 0.1669 0.2290 0.1917 0.0315  0.0353  -0.0117 14  GLN C N   
449 C  CA  . GLN C 14 ? 0.1727 0.2400 0.2002 0.0483  0.0367  -0.0065 14  GLN C CA  
450 C  C   . GLN C 14 ? 0.1774 0.2412 0.2038 0.0523  0.0414  -0.0057 14  GLN C C   
451 O  O   . GLN C 14 ? 0.1528 0.2585 0.1997 0.0626  0.0544  -0.0058 14  GLN C O   
452 C  CB  . GLN C 14 ? 0.1748 0.2396 0.2114 0.0395  0.0322  -0.0060 14  GLN C CB  
453 C  CG  . GLN C 14 ? 0.2575 0.2877 0.2464 0.0197  0.0312  0.0018  14  GLN C CG  
454 C  CD  . GLN C 14 ? 0.3285 0.3212 0.3254 0.0094  0.0295  -0.0041 14  GLN C CD  
455 O  OE1 . GLN C 14 ? 0.3837 0.3770 0.3824 -0.0338 0.0012  -0.0338 14  GLN C OE1 
456 N  NE2 . GLN C 14 ? 0.3558 0.3501 0.3364 0.0508  0.0326  0.0148  14  GLN C NE2 
457 N  N   . LYS C 15 ? 0.1863 0.2300 0.1892 0.0545  0.0381  -0.0084 15  LYS C N   
458 C  CA  . LYS C 15 ? 0.2169 0.2367 0.1989 0.0556  0.0161  -0.0151 15  LYS C CA  
459 C  C   . LYS C 15 ? 0.2216 0.2297 0.1836 0.0574  0.0104  -0.0174 15  LYS C C   
460 O  O   . LYS C 15 ? 0.2420 0.2405 0.1994 0.0662  -0.0059 -0.0240 15  LYS C O   
461 C  CB  . LYS C 15 ? 0.2406 0.2314 0.2006 0.0558  0.0170  -0.0040 15  LYS C CB  
462 C  CG  . LYS C 15 ? 0.2765 0.2647 0.2199 0.0516  0.0345  -0.0071 15  LYS C CG  
463 C  CD  . LYS C 15 ? 0.4157 0.3104 0.2664 0.0404  0.0397  0.0320  15  LYS C CD  
464 C  CE  . LYS C 15 ? 0.4952 0.3675 0.2938 0.0439  0.0059  0.0460  15  LYS C CE  
465 N  NZ  . LYS C 15 ? 0.5594 0.3877 0.3161 0.0473  0.0162  0.0545  15  LYS C NZ  
466 N  N   . CYS C 16 ? 0.2224 0.2173 0.1637 0.0587  0.0015  -0.0254 16  CYS C N   
467 C  CA  . CYS C 16 ? 0.2257 0.2118 0.1650 0.0541  -0.0045 -0.0245 16  CYS C CA  
468 C  C   . CYS C 16 ? 0.2363 0.2136 0.1689 0.0502  -0.0098 -0.0249 16  CYS C C   
469 O  O   . CYS C 16 ? 0.2591 0.2006 0.1757 0.0570  -0.0142 -0.0171 16  CYS C O   
470 C  CB  . CYS C 16 ? 0.2159 0.2141 0.1576 0.0451  -0.0028 -0.0354 16  CYS C CB  
471 S  SG  . CYS C 16 ? 0.1407 0.2129 0.1407 0.0680  0.0303  -0.0447 16  CYS C SG  
472 N  N   . ALA C 17 ? 0.2324 0.2179 0.1898 0.0590  -0.0154 -0.0139 17  ALA C N   
473 C  CA  . ALA C 17 ? 0.2561 0.2301 0.1841 0.0486  -0.0135 -0.0227 17  ALA C CA  
474 C  C   . ALA C 17 ? 0.2532 0.2240 0.1858 0.0465  -0.0142 -0.0241 17  ALA C C   
475 O  O   . ALA C 17 ? 0.2794 0.2268 0.1471 0.0361  -0.0093 -0.0370 17  ALA C O   
476 C  CB  . ALA C 17 ? 0.2412 0.2409 0.2018 0.0537  -0.0262 -0.0205 17  ALA C CB  
477 N  N   . ALA C 18 ? 0.2387 0.2159 0.2043 0.0417  -0.0134 -0.0143 18  ALA C N   
478 C  CA  . ALA C 18 ? 0.2154 0.2087 0.2242 0.0518  -0.0184 -0.0019 18  ALA C CA  
479 C  C   . ALA C 18 ? 0.2063 0.2045 0.2338 0.0493  -0.0197 0.0067  18  ALA C C   
480 O  O   . ALA C 18 ? 0.1965 0.1979 0.2281 0.0547  -0.0124 0.0113  18  ALA C O   
481 C  CB  . ALA C 18 ? 0.2254 0.2213 0.2224 0.0437  -0.0172 -0.0122 18  ALA C CB  
482 N  N   . CYS C 19 ? 0.1966 0.2065 0.2421 0.0436  -0.0307 0.0248  19  CYS C N   
483 C  CA  . CYS C 19 ? 0.1844 0.2120 0.2465 0.0330  -0.0360 0.0245  19  CYS C CA  
484 C  C   . CYS C 19 ? 0.1632 0.2100 0.2258 0.0469  -0.0377 0.0348  19  CYS C C   
485 O  O   . CYS C 19 ? 0.1721 0.1984 0.2291 0.0436  -0.0617 0.0364  19  CYS C O   
486 C  CB  . CYS C 19 ? 0.2039 0.2238 0.2675 0.0229  -0.0455 0.0265  19  CYS C CB  
487 S  SG  . CYS C 19 ? 0.3089 0.3173 0.3585 -0.0032 -0.0448 0.0509  19  CYS C SG  
488 N  N   . GLU C 20 ? 0.1472 0.2013 0.2169 0.0575  -0.0409 0.0281  20  GLU C N   
489 C  CA  . GLU C 20 ? 0.1345 0.2013 0.2097 0.0721  -0.0302 0.0169  20  GLU C CA  
490 C  C   . GLU C 20 ? 0.1401 0.2043 0.2111 0.0754  -0.0289 0.0156  20  GLU C C   
491 O  O   . GLU C 20 ? 0.1087 0.1811 0.1943 0.1091  -0.0236 0.0152  20  GLU C O   
492 C  CB  . GLU C 20 ? 0.1179 0.2069 0.2143 0.0679  -0.0331 0.0012  20  GLU C CB  
493 C  CG  . GLU C 20 ? 0.0869 0.2094 0.2056 0.0864  -0.0185 -0.0049 20  GLU C CG  
494 C  CD  . GLU C 20 ? 0.0255 0.2710 0.2646 0.0061  0.0004  -0.0302 20  GLU C CD  
495 O  OE1 . GLU C 20 ? 0.0264 0.3070 0.3035 0.0096  -0.0160 -0.0780 20  GLU C OE1 
496 O  OE2 . GLU C 20 ? 0.0283 0.3427 0.2727 -0.0272 -0.0098 -0.0312 20  GLU C OE2 
497 N  N   . GLN C 21 ? 0.1630 0.2110 0.2162 0.0746  -0.0324 0.0219  21  GLN C N   
498 C  CA  . GLN C 21 ? 0.1956 0.2118 0.2249 0.0763  -0.0313 0.0122  21  GLN C CA  
499 C  C   . GLN C 21 ? 0.1986 0.2015 0.2154 0.0695  -0.0307 0.0070  21  GLN C C   
500 O  O   . GLN C 21 ? 0.2002 0.2151 0.1979 0.0709  -0.0257 -0.0164 21  GLN C O   
501 C  CB  . GLN C 21 ? 0.2273 0.2364 0.2388 0.0826  -0.0310 0.0109  21  GLN C CB  
502 C  CG  . GLN C 21 ? 0.3088 0.2792 0.2891 0.0849  -0.0522 0.0256  21  GLN C CG  
503 C  CD  . GLN C 21 ? 0.3460 0.3625 0.3564 0.0927  -0.0540 0.0884  21  GLN C CD  
504 O  OE1 . GLN C 21 ? 0.3507 0.3793 0.3977 0.0931  -0.1061 0.1027  21  GLN C OE1 
505 N  NE2 . GLN C 21 ? 0.3320 0.3834 0.3845 0.1006  -0.0465 0.0947  21  GLN C NE2 
506 N  N   . LYS C 22 ? 0.1828 0.1767 0.2152 0.0585  -0.0239 0.0017  22  LYS C N   
507 C  CA  . LYS C 22 ? 0.1682 0.1575 0.2226 0.0468  -0.0031 0.0026  22  LYS C CA  
508 C  C   . LYS C 22 ? 0.1559 0.1315 0.2244 0.0411  0.0097  0.0076  22  LYS C C   
509 O  O   . LYS C 22 ? 0.1552 0.1133 0.2248 0.0363  0.0242  0.0167  22  LYS C O   
510 C  CB  . LYS C 22 ? 0.1891 0.1695 0.2429 0.0541  -0.0030 0.0038  22  LYS C CB  
511 C  CG  . LYS C 22 ? 0.2445 0.2441 0.2844 0.0175  -0.0184 -0.0221 22  LYS C CG  
512 C  CD  . LYS C 22 ? 0.3665 0.2957 0.3750 0.0424  0.0005  -0.0553 22  LYS C CD  
513 C  CE  . LYS C 22 ? 0.4540 0.3616 0.4314 -0.0175 -0.0113 -0.0481 22  LYS C CE  
514 N  NZ  . LYS C 22 ? 0.5467 0.4147 0.4212 -0.0103 -0.0006 -0.0545 22  LYS C NZ  
515 N  N   . ILE C 23 ? 0.1507 0.1107 0.2184 0.0309  0.0240  0.0055  23  ILE C N   
516 C  CA  . ILE C 23 ? 0.1475 0.1136 0.2210 0.0392  0.0256  0.0046  23  ILE C CA  
517 C  C   . ILE C 23 ? 0.1553 0.1113 0.2260 0.0424  0.0238  0.0067  23  ILE C C   
518 O  O   . ILE C 23 ? 0.1790 0.1103 0.2466 0.0396  0.0106  0.0134  23  ILE C O   
519 C  CB  . ILE C 23 ? 0.1382 0.1149 0.2147 0.0495  0.0301  -0.0025 23  ILE C CB  
520 C  CG1 . ILE C 23 ? 0.0880 0.1098 0.1967 0.0360  0.0410  0.0027  23  ILE C CG1 
521 C  CG2 . ILE C 23 ? 0.1433 0.0935 0.2218 0.0609  0.0298  -0.0080 23  ILE C CG2 
522 C  CD1 . ILE C 23 ? 0.1016 0.1607 0.1530 0.0841  -0.0152 -0.0100 23  ILE C CD1 
523 N  N   . ALA C 24 ? 0.1547 0.1068 0.2317 0.0470  0.0157  0.0093  24  ALA C N   
524 C  CA  . ALA C 24 ? 0.1555 0.1214 0.2342 0.0405  0.0210  0.0111  24  ALA C CA  
525 C  C   . ALA C 24 ? 0.1637 0.1221 0.2318 0.0474  0.0270  0.0125  24  ALA C C   
526 O  O   . ALA C 24 ? 0.1520 0.1316 0.2503 0.0568  0.0320  0.0172  24  ALA C O   
527 C  CB  . ALA C 24 ? 0.1571 0.1226 0.2083 0.0354  0.0304  0.0117  24  ALA C CB  
528 N  N   . ALA C 25 ? 0.1508 0.1261 0.2401 0.0461  0.0291  0.0167  25  ALA C N   
529 C  CA  . ALA C 25 ? 0.1767 0.1514 0.2397 0.0347  0.0334  0.0182  25  ALA C CA  
530 C  C   . ALA C 25 ? 0.1855 0.1625 0.2419 0.0283  0.0340  0.0223  25  ALA C C   
531 O  O   . ALA C 25 ? 0.1855 0.1568 0.2276 0.0221  0.0464  0.0103  25  ALA C O   
532 C  CB  . ALA C 25 ? 0.1729 0.1431 0.2384 0.0336  0.0290  0.0212  25  ALA C CB  
533 N  N   . LEU C 26 ? 0.2104 0.1700 0.2523 0.0211  0.0399  0.0274  26  LEU C N   
534 C  CA  . LEU C 26 ? 0.2159 0.1852 0.2396 0.0252  0.0480  0.0194  26  LEU C CA  
535 C  C   . LEU C 26 ? 0.2303 0.1931 0.2486 0.0256  0.0508  0.0219  26  LEU C C   
536 O  O   . LEU C 26 ? 0.2645 0.1861 0.2268 0.0074  0.0654  0.0253  26  LEU C O   
537 C  CB  . LEU C 26 ? 0.2100 0.1827 0.2428 0.0206  0.0464  0.0289  26  LEU C CB  
538 C  CG  . LEU C 26 ? 0.2515 0.1814 0.2409 0.0240  0.0089  -0.0057 26  LEU C CG  
539 C  CD1 . LEU C 26 ? 0.2702 0.1997 0.2695 -0.0099 -0.0294 -0.0191 26  LEU C CD1 
540 C  CD2 . LEU C 26 ? 0.2817 0.1532 0.1906 0.0025  0.0222  -0.0682 26  LEU C CD2 
541 N  N   . GLU C 27 ? 0.2503 0.2148 0.2632 0.0312  0.0517  0.0195  27  GLU C N   
542 C  CA  . GLU C 27 ? 0.2638 0.2524 0.2728 0.0368  0.0506  0.0105  27  GLU C CA  
543 C  C   . GLU C 27 ? 0.2624 0.2685 0.2846 0.0396  0.0517  0.0026  27  GLU C C   
544 O  O   . GLU C 27 ? 0.2849 0.2778 0.2831 0.0348  0.0568  -0.0048 27  GLU C O   
545 C  CB  . GLU C 27 ? 0.2672 0.2578 0.2826 0.0380  0.0536  0.0142  27  GLU C CB  
546 C  CG  . GLU C 27 ? 0.3035 0.2784 0.3032 0.0579  0.0571  0.0366  27  GLU C CG  
547 C  CD  . GLU C 27 ? 0.3469 0.3559 0.3610 0.0602  0.0681  0.0630  27  GLU C CD  
548 O  OE1 . GLU C 27 ? 0.3884 0.4314 0.3698 0.0534  0.0473  0.0884  27  GLU C OE1 
549 O  OE2 . GLU C 27 ? 0.4223 0.3993 0.3725 0.0883  0.1166  0.0464  27  GLU C OE2 
550 N  N   . GLN C 28 ? 0.2554 0.2847 0.2856 0.0439  0.0529  0.0019  28  GLN C N   
551 C  CA  . GLN C 28 ? 0.2686 0.2940 0.3143 0.0443  0.0449  -0.0011 28  GLN C CA  
552 C  C   . GLN C 28 ? 0.2712 0.3004 0.3261 0.0424  0.0497  -0.0046 28  GLN C C   
553 O  O   . GLN C 28 ? 0.2704 0.3063 0.3355 0.0441  0.0544  -0.0061 28  GLN C O   
554 C  CB  . GLN C 28 ? 0.2586 0.2930 0.3083 0.0498  0.0535  0.0025  28  GLN C CB  
555 C  CG  . GLN C 28 ? 0.2923 0.3430 0.3411 0.0433  0.0302  0.0142  28  GLN C CG  
556 C  CD  . GLN C 28 ? 0.3070 0.4119 0.3490 0.0524  0.0222  -0.0117 28  GLN C CD  
557 O  OE1 . GLN C 28 ? 0.2324 0.4645 0.3253 0.0364  -0.0241 -0.0408 28  GLN C OE1 
558 N  NE2 . GLN C 28 ? 0.3013 0.4827 0.3647 0.0569  0.0226  -0.0042 28  GLN C NE2 
559 N  N   . LYS C 29 ? 0.2772 0.3040 0.3454 0.0434  0.0450  -0.0041 29  LYS C N   
560 C  CA  . LYS C 29 ? 0.2852 0.3205 0.3587 0.0452  0.0305  -0.0069 29  LYS C CA  
561 C  C   . LYS C 29 ? 0.3006 0.3166 0.3556 0.0419  0.0314  -0.0015 29  LYS C C   
562 O  O   . LYS C 29 ? 0.3286 0.3165 0.3691 0.0367  0.0239  -0.0012 29  LYS C O   
563 C  CB  . LYS C 29 ? 0.2759 0.3245 0.3691 0.0488  0.0282  -0.0062 29  LYS C CB  
564 C  CG  . LYS C 29 ? 0.2495 0.3519 0.3624 0.0704  0.0218  -0.0176 29  LYS C CG  
565 C  CD  . LYS C 29 ? 0.2688 0.3658 0.4281 0.1204  0.0208  -0.0450 29  LYS C CD  
566 C  CE  . LYS C 29 ? 0.3522 0.4080 0.4582 0.1305  0.0325  -0.0567 29  LYS C CE  
567 N  NZ  . LYS C 29 ? 0.3393 0.4327 0.4877 0.1737  0.0354  -0.0847 29  LYS C NZ  
568 CD CD  . CD  D .  ? 0.1506 0.1934 0.1366 0.0310  0.0358  0.0069  101 CD  A CD  
569 CD CD  . CD  E .  ? 0.1447 0.1983 0.1640 0.0344  0.0118  -0.0043 102 CD  A CD  
570 CD CD  . CD  F .  ? 0.1082 0.2018 0.1885 0.0371  -0.0001 -0.0097 101 CD  B CD  
571 CD CD  . CD  G .  ? 0.1569 0.1864 0.1652 0.0361  -0.0199 -0.0108 101 CD  C CD  
572 O  O   . HOH H .  ? 0.1949 0.2034 0.1344 -0.1068 0.0666  -0.0629 201 HOH A O   
573 O  O   . HOH H .  ? 0.1323 0.0573 0.1469 0.0394  0.0824  -0.0015 202 HOH A O   
574 O  O   . HOH I .  ? 0.1684 0.3992 0.3603 0.0331  -0.1116 -0.0853 201 HOH B O   
575 O  O   . HOH I .  ? 0.0798 0.1897 0.2631 -0.0500 0.0990  -0.1170 202 HOH B O   
576 O  O   . HOH I .  ? 0.1191 0.3498 0.3107 0.0248  -0.0459 0.0768  203 HOH B O   
577 O  O   . HOH J .  ? 0.2927 0.2869 0.1828 -0.1783 0.0127  0.0542  201 HOH C O   
578 O  O   . HOH J .  ? 0.2187 0.4477 0.0781 -0.1210 -0.0081 0.1400  202 HOH C O   
579 O  O   . HOH J .  ? 0.1119 0.1434 0.3914 0.0153  -0.0008 0.0422  203 HOH C O   
580 O  O   . HOH J .  ? 0.1773 0.5235 0.7394 0.2730  -0.1438 -0.3255 204 HOH C O   
581 O  O   . HOH J .  ? 0.2079 0.4454 0.1165 -0.0555 0.0250  -0.1957 205 HOH C O   
# 
